data_6HTZ
#
_entry.id   6HTZ
#
_cell.length_a   71.260
_cell.length_b   71.260
_cell.length_c   99.070
_cell.angle_alpha   77.90
_cell.angle_beta   75.53
_cell.angle_gamma   85.44
#
_symmetry.space_group_name_H-M   'P 1'
#
loop_
_entity.id
_entity.type
_entity.pdbx_description
1 polymer 'Histone deacetylase'
2 non-polymer 'ZINC ION'
3 non-polymer 'POTASSIUM ION'
4 non-polymer 4-methoxy-~{N}-oxidanyl-3-(2-phenylethanoylamino)benzamide
5 non-polymer DIMETHYLFORMAMIDE
6 non-polymer GLYCEROL
7 water water
#
_entity_poly.entity_id   1
_entity_poly.type   'polypeptide(L)'
_entity_poly.pdbx_seq_one_letter_code
;HMSVGIVYGDQYRQLCCSSPKFGDRYALVMDLINAYKLIPELSRVPPLQWDSPSRMYEAVTAFHSTEYVDALKKLQMLHC
EEKELTADDELLMDSFSLNYDCPGFPSVFDYSLAAVQGSLAAASALICRHCEVVINWGGGWHHAKRSEASGFCYLNDIVL
AIHRLVSSTPPETSPNRQTRVLYVDLDLHHGDGVEEAFWYSPRVVTFSVHHASPGFFPGTGTWNMVDNDKLPIFLNGAGR
GRFSAFNLPLEEGINDLDWSNAIGPILDSLNIVIQPSYVVVQCGADCLATDPHRIFRLTNFYPNLNLDSDCDSECSLSGY
LYAIKKILSWKVPTLILGGGGYNFPDTARLWTRVTALTIEEVKGKKMTISPEIPEHSYFSRYGPDFELDIDYFPHESHNK
TLDSIQKHHRRILEQLRNYADLNKLIYDYDQVYQLYNLTGMGSLVPR
;
_entity_poly.pdbx_strand_id   A,B,C,D
#
# COMPACT_ATOMS: atom_id res chain seq x y z
N SER A 3 -4.65 34.90 -14.02
CA SER A 3 -4.29 35.85 -12.98
C SER A 3 -2.91 35.53 -12.41
N VAL A 4 -2.42 36.39 -11.53
CA VAL A 4 -1.26 36.09 -10.69
C VAL A 4 -1.79 35.67 -9.33
N GLY A 5 -1.41 34.48 -8.87
CA GLY A 5 -1.85 33.98 -7.59
C GLY A 5 -0.78 34.13 -6.53
N ILE A 6 -1.22 34.18 -5.26
CA ILE A 6 -0.31 34.22 -4.12
C ILE A 6 -0.90 33.44 -2.96
N VAL A 7 -0.07 32.65 -2.29
CA VAL A 7 -0.50 31.78 -1.21
C VAL A 7 -0.49 32.57 0.09
N TYR A 8 -1.66 32.71 0.73
CA TYR A 8 -1.71 33.17 2.11
C TYR A 8 -3.01 32.72 2.76
N GLY A 9 -3.12 33.01 4.05
CA GLY A 9 -4.25 32.61 4.89
C GLY A 9 -3.90 32.88 6.34
N ASP A 10 -4.91 32.97 7.22
CA ASP A 10 -4.65 33.29 8.62
C ASP A 10 -3.86 32.18 9.31
N GLN A 11 -4.31 30.93 9.21
CA GLN A 11 -3.54 29.84 9.80
C GLN A 11 -2.19 29.69 9.12
N TYR A 12 -2.14 29.87 7.80
CA TYR A 12 -0.89 29.73 7.07
C TYR A 12 0.13 30.73 7.57
N ARG A 13 -0.30 31.98 7.78
CA ARG A 13 0.57 33.02 8.31
C ARG A 13 1.10 32.66 9.68
N GLN A 14 0.22 32.18 10.57
CA GLN A 14 0.64 31.84 11.93
C GLN A 14 1.69 30.73 11.91
N LEU A 15 1.47 29.67 11.12
CA LEU A 15 2.45 28.59 11.06
C LEU A 15 3.78 29.04 10.46
N CYS A 16 3.74 29.81 9.36
CA CYS A 16 4.98 30.28 8.76
C CYS A 16 5.76 31.22 9.68
N CYS A 17 5.10 31.80 10.70
CA CYS A 17 5.77 32.68 11.65
C CYS A 17 6.12 31.97 12.96
N SER A 18 6.06 30.64 13.01
CA SER A 18 6.22 29.93 14.27
C SER A 18 7.60 29.29 14.47
N SER A 19 8.59 29.54 13.54
CA SER A 19 9.89 28.89 13.70
C SER A 19 10.89 29.81 14.39
N PRO A 20 11.87 29.25 15.11
CA PRO A 20 12.83 30.12 15.79
C PRO A 20 13.79 30.80 14.82
N LYS A 21 14.04 30.21 13.66
CA LYS A 21 15.05 30.76 12.75
C LYS A 21 14.50 31.89 11.88
N PHE A 22 13.30 31.73 11.33
CA PHE A 22 12.74 32.74 10.43
C PHE A 22 11.71 33.64 11.10
N GLY A 23 11.40 33.40 12.38
CA GLY A 23 10.58 34.31 13.16
C GLY A 23 9.36 34.84 12.43
N ASP A 24 9.19 36.17 12.40
CA ASP A 24 8.02 36.79 11.80
C ASP A 24 8.29 37.29 10.38
N ARG A 25 9.33 36.79 9.71
CA ARG A 25 9.68 37.27 8.37
C ARG A 25 8.49 37.25 7.41
N TYR A 26 7.71 36.16 7.42
CA TYR A 26 6.62 36.02 6.46
C TYR A 26 5.55 37.08 6.67
N ALA A 27 5.30 37.48 7.92
CA ALA A 27 4.34 38.55 8.18
C ALA A 27 4.82 39.88 7.63
N LEU A 28 6.12 40.20 7.79
CA LEU A 28 6.64 41.44 7.22
C LEU A 28 6.45 41.44 5.71
N VAL A 29 6.80 40.33 5.06
CA VAL A 29 6.70 40.24 3.60
C VAL A 29 5.27 40.50 3.14
N MET A 30 4.30 39.75 3.68
CA MET A 30 2.93 39.91 3.23
C MET A 30 2.33 41.25 3.65
N ASP A 31 2.76 41.80 4.79
CA ASP A 31 2.24 43.10 5.21
C ASP A 31 2.83 44.26 4.40
N LEU A 32 4.08 44.14 3.97
CA LEU A 32 4.62 45.14 3.05
C LEU A 32 3.92 45.08 1.69
N ILE A 33 3.66 43.87 1.19
CA ILE A 33 2.88 43.71 -0.04
C ILE A 33 1.51 44.36 0.11
N ASN A 34 0.84 44.12 1.25
CA ASN A 34 -0.47 44.70 1.48
C ASN A 34 -0.41 46.21 1.59
N ALA A 35 0.58 46.73 2.33
CA ALA A 35 0.70 48.17 2.52
C ALA A 35 0.87 48.91 1.19
N TYR A 36 1.48 48.25 0.20
CA TYR A 36 1.66 48.83 -1.12
C TYR A 36 0.45 48.62 -2.05
N LYS A 37 -0.67 48.15 -1.50
CA LYS A 37 -1.93 48.00 -2.24
C LYS A 37 -1.83 47.01 -3.39
N LEU A 38 -1.03 45.95 -3.24
CA LEU A 38 -0.92 44.92 -4.28
C LEU A 38 -1.91 43.78 -4.11
N ILE A 39 -2.45 43.57 -2.91
CA ILE A 39 -3.31 42.41 -2.67
C ILE A 39 -4.56 42.40 -3.54
N PRO A 40 -5.26 43.53 -3.77
CA PRO A 40 -6.39 43.52 -4.71
C PRO A 40 -6.04 43.06 -6.12
N GLU A 41 -4.77 43.16 -6.54
CA GLU A 41 -4.36 42.73 -7.88
C GLU A 41 -4.12 41.22 -7.98
N LEU A 42 -4.09 40.53 -6.85
CA LEU A 42 -3.66 39.13 -6.77
C LEU A 42 -4.80 38.23 -6.36
N SER A 43 -4.77 37.00 -6.83
CA SER A 43 -5.75 35.97 -6.45
C SER A 43 -5.19 35.13 -5.30
N ARG A 44 -5.90 35.07 -4.18
CA ARG A 44 -5.41 34.29 -3.05
C ARG A 44 -5.57 32.80 -3.36
N VAL A 45 -4.46 32.06 -3.28
CA VAL A 45 -4.45 30.61 -3.44
C VAL A 45 -4.41 29.98 -2.06
N PRO A 46 -5.45 29.24 -1.64
CA PRO A 46 -5.46 28.67 -0.26
C PRO A 46 -4.56 27.45 -0.17
N PRO A 47 -3.91 27.25 0.98
CA PRO A 47 -3.05 26.06 1.13
C PRO A 47 -3.87 24.77 1.01
N LEU A 48 -3.23 23.72 0.51
CA LEU A 48 -3.93 22.45 0.36
C LEU A 48 -4.17 21.82 1.73
N GLN A 49 -5.38 21.28 1.93
CA GLN A 49 -5.62 20.44 3.10
C GLN A 49 -6.14 19.10 2.62
N TRP A 50 -6.02 18.07 3.47
CA TRP A 50 -6.27 16.69 3.08
C TRP A 50 -7.48 16.10 3.81
N ASP A 51 -8.04 15.05 3.21
CA ASP A 51 -9.23 14.36 3.73
C ASP A 51 -8.92 13.42 4.90
N SER A 52 -7.66 13.19 5.23
CA SER A 52 -7.34 12.21 6.26
C SER A 52 -5.84 12.16 6.51
N PRO A 53 -5.39 11.63 7.66
CA PRO A 53 -3.96 11.39 7.85
C PRO A 53 -3.34 10.55 6.75
N SER A 54 -4.05 9.51 6.28
CA SER A 54 -3.51 8.64 5.24
C SER A 54 -3.29 9.39 3.94
N ARG A 55 -4.21 10.30 3.59
CA ARG A 55 -4.00 11.10 2.38
C ARG A 55 -2.85 12.08 2.56
N MET A 56 -2.70 12.64 3.76
CA MET A 56 -1.56 13.52 4.00
C MET A 56 -0.25 12.77 3.82
N TYR A 57 -0.15 11.57 4.40
CA TYR A 57 1.08 10.78 4.27
C TYR A 57 1.34 10.40 2.82
N GLU A 58 0.27 10.06 2.08
CA GLU A 58 0.44 9.68 0.69
C GLU A 58 1.08 10.82 -0.12
N ALA A 59 0.70 12.06 0.18
CA ALA A 59 1.26 13.21 -0.54
C ALA A 59 2.72 13.43 -0.14
N VAL A 60 2.99 13.45 1.16
CA VAL A 60 4.34 13.81 1.62
C VAL A 60 5.32 12.70 1.28
N THR A 61 4.89 11.43 1.38
CA THR A 61 5.79 10.33 1.04
C THR A 61 5.87 10.05 -0.45
N ALA A 62 5.29 10.91 -1.29
CA ALA A 62 5.69 10.94 -2.70
C ALA A 62 7.18 11.18 -2.83
N PHE A 63 7.78 11.89 -1.87
CA PHE A 63 9.23 12.09 -1.87
C PHE A 63 9.92 11.53 -0.64
N HIS A 64 9.47 11.92 0.55
CA HIS A 64 10.11 11.57 1.81
C HIS A 64 9.74 10.15 2.25
N SER A 65 10.62 9.54 3.06
CA SER A 65 10.35 8.19 3.55
C SER A 65 9.30 8.24 4.67
N THR A 66 8.51 7.17 4.79
CA THR A 66 7.54 7.11 5.87
C THR A 66 8.24 7.23 7.23
N GLU A 67 9.39 6.58 7.38
CA GLU A 67 10.07 6.64 8.68
C GLU A 67 10.57 8.05 8.98
N TYR A 68 10.99 8.80 7.96
CA TYR A 68 11.41 10.17 8.23
C TYR A 68 10.21 11.05 8.63
N VAL A 69 9.07 10.90 7.94
CA VAL A 69 7.89 11.67 8.32
C VAL A 69 7.46 11.31 9.74
N ASP A 70 7.46 10.01 10.07
CA ASP A 70 7.15 9.58 11.43
C ASP A 70 8.06 10.28 12.44
N ALA A 71 9.37 10.31 12.16
CA ALA A 71 10.34 10.90 13.10
C ALA A 71 10.10 12.40 13.26
N LEU A 72 9.85 13.11 12.15
CA LEU A 72 9.56 14.54 12.25
C LEU A 72 8.30 14.81 13.07
N LYS A 73 7.24 14.02 12.86
CA LYS A 73 6.04 14.21 13.68
C LYS A 73 6.30 13.86 15.14
N LYS A 74 7.09 12.82 15.39
CA LYS A 74 7.41 12.50 16.79
C LYS A 74 8.22 13.62 17.44
N LEU A 75 9.12 14.24 16.68
CA LEU A 75 9.90 15.35 17.20
C LEU A 75 9.01 16.49 17.67
N GLN A 76 7.98 16.83 16.90
CA GLN A 76 7.02 17.85 17.33
C GLN A 76 6.35 17.44 18.64
N MET A 77 5.84 16.21 18.69
CA MET A 77 5.16 15.78 19.92
C MET A 77 6.07 15.87 21.13
N LEU A 78 7.33 15.45 20.98
CA LEU A 78 8.24 15.45 22.13
C LEU A 78 8.55 16.86 22.57
N HIS A 79 8.56 17.81 21.63
CA HIS A 79 8.82 19.19 22.01
C HIS A 79 7.59 19.88 22.59
N CYS A 80 6.42 19.24 22.57
CA CYS A 80 5.25 19.82 23.22
C CYS A 80 5.05 19.32 24.64
N GLU A 81 5.96 18.49 25.14
CA GLU A 81 5.97 18.01 26.52
C GLU A 81 7.11 18.65 27.29
N GLU A 82 7.10 18.44 28.61
CA GLU A 82 8.03 19.15 29.49
C GLU A 82 9.37 18.45 29.61
N LYS A 83 9.40 17.11 29.54
CA LYS A 83 10.61 16.38 29.86
C LYS A 83 11.55 16.32 28.67
N GLU A 84 12.82 16.02 28.95
CA GLU A 84 13.82 15.97 27.90
C GLU A 84 13.71 14.68 27.11
N LEU A 85 14.38 14.64 25.95
CA LEU A 85 14.38 13.44 25.14
C LEU A 85 15.13 12.31 25.83
N THR A 86 14.68 11.08 25.59
CA THR A 86 15.45 9.91 26.00
C THR A 86 16.68 9.75 25.12
N ALA A 87 17.63 8.93 25.59
CA ALA A 87 18.81 8.65 24.79
C ALA A 87 18.44 7.94 23.49
N ASP A 88 17.49 7.01 23.55
CA ASP A 88 17.04 6.34 22.34
C ASP A 88 16.38 7.31 21.36
N ASP A 89 15.60 8.26 21.86
CA ASP A 89 14.97 9.23 20.97
C ASP A 89 16.01 10.18 20.36
N GLU A 90 17.03 10.59 21.14
CA GLU A 90 18.10 11.40 20.57
C GLU A 90 18.80 10.68 19.42
N LEU A 91 19.13 9.39 19.59
CA LEU A 91 19.74 8.61 18.53
C LEU A 91 18.85 8.54 17.30
N LEU A 92 17.56 8.34 17.51
CA LEU A 92 16.59 8.33 16.42
C LEU A 92 16.64 9.64 15.64
N MET A 93 16.54 10.78 16.33
CA MET A 93 16.56 12.07 15.63
C MET A 93 17.91 12.28 14.93
N ASP A 94 19.01 11.87 15.57
CA ASP A 94 20.31 11.98 14.92
C ASP A 94 20.35 11.21 13.62
N SER A 95 19.68 10.06 13.56
CA SER A 95 19.72 9.24 12.35
C SER A 95 19.05 9.92 11.14
N PHE A 96 18.25 10.97 11.38
CA PHE A 96 17.61 11.73 10.31
C PHE A 96 18.13 13.17 10.26
N SER A 97 19.24 13.45 10.95
CA SER A 97 19.82 14.79 11.04
C SER A 97 18.83 15.81 11.59
N LEU A 98 17.90 15.36 12.42
CA LEU A 98 17.00 16.25 13.13
C LEU A 98 17.73 16.74 14.38
N ASN A 99 18.65 17.67 14.15
CA ASN A 99 19.54 18.13 15.22
C ASN A 99 20.31 19.34 14.70
N TYR A 100 21.16 19.88 15.56
CA TYR A 100 22.09 20.95 15.22
C TYR A 100 21.37 22.08 14.51
N ASP A 101 21.56 22.23 13.20
CA ASP A 101 20.90 23.31 12.49
C ASP A 101 19.46 23.01 12.11
N CYS A 102 18.96 21.80 12.40
CA CYS A 102 17.56 21.46 12.19
C CYS A 102 16.96 20.97 13.50
N PRO A 103 16.88 21.84 14.51
CA PRO A 103 16.42 21.41 15.83
C PRO A 103 14.91 21.25 15.88
N GLY A 104 14.44 20.59 16.93
CA GLY A 104 13.01 20.57 17.23
C GLY A 104 12.50 21.86 17.85
N PHE A 105 11.21 22.09 17.69
CA PHE A 105 10.48 23.14 18.38
C PHE A 105 9.00 22.77 18.34
N PRO A 106 8.17 23.42 19.17
CA PRO A 106 6.79 22.93 19.37
C PRO A 106 5.96 22.78 18.09
N SER A 107 6.25 23.54 17.04
CA SER A 107 5.44 23.48 15.82
C SER A 107 6.21 22.92 14.62
N VAL A 108 7.32 22.20 14.85
CA VAL A 108 8.24 21.90 13.75
C VAL A 108 7.55 21.12 12.63
N PHE A 109 6.64 20.19 12.95
CA PHE A 109 5.98 19.44 11.88
C PHE A 109 4.92 20.30 11.15
N ASP A 110 4.03 20.97 11.90
CA ASP A 110 3.02 21.82 11.25
C ASP A 110 3.68 22.93 10.43
N TYR A 111 4.75 23.53 10.95
CA TYR A 111 5.49 24.56 10.23
C TYR A 111 6.02 24.04 8.90
N SER A 112 6.72 22.90 8.95
CA SER A 112 7.29 22.26 7.76
C SER A 112 6.19 21.82 6.79
N LEU A 113 5.12 21.22 7.31
CA LEU A 113 4.03 20.77 6.45
C LEU A 113 3.33 21.93 5.75
N ALA A 114 3.26 23.08 6.42
CA ALA A 114 2.54 24.21 5.86
C ALA A 114 3.16 24.62 4.52
N ALA A 115 4.49 24.65 4.43
CA ALA A 115 5.16 25.03 3.19
C ALA A 115 4.79 24.07 2.06
N VAL A 116 4.72 22.77 2.36
CA VAL A 116 4.25 21.78 1.39
C VAL A 116 2.82 22.08 0.96
N GLN A 117 1.95 22.40 1.94
CA GLN A 117 0.55 22.68 1.61
C GLN A 117 0.43 23.85 0.65
N GLY A 118 1.21 24.90 0.90
CA GLY A 118 1.15 26.08 0.04
C GLY A 118 1.69 25.81 -1.36
N SER A 119 2.83 25.12 -1.46
CA SER A 119 3.44 24.90 -2.76
C SER A 119 2.70 23.85 -3.59
N LEU A 120 2.09 22.84 -2.94
CA LEU A 120 1.22 21.93 -3.69
C LEU A 120 0.00 22.67 -4.23
N ALA A 121 -0.60 23.53 -3.39
CA ALA A 121 -1.76 24.31 -3.84
C ALA A 121 -1.39 25.21 -5.00
N ALA A 122 -0.18 25.79 -4.97
CA ALA A 122 0.28 26.64 -6.07
C ALA A 122 0.41 25.85 -7.37
N ALA A 123 1.03 24.65 -7.32
CA ALA A 123 1.16 23.86 -8.54
C ALA A 123 -0.20 23.52 -9.13
N SER A 124 -1.17 23.17 -8.29
CA SER A 124 -2.53 22.87 -8.75
C SER A 124 -3.18 24.07 -9.45
N ALA A 125 -2.93 25.27 -8.95
CA ALA A 125 -3.50 26.46 -9.58
C ALA A 125 -2.90 26.70 -10.96
N LEU A 126 -1.63 26.33 -11.17
CA LEU A 126 -1.03 26.39 -12.50
C LEU A 126 -1.61 25.30 -13.40
N ILE A 127 -1.73 24.08 -12.90
CA ILE A 127 -2.14 22.97 -13.75
C ILE A 127 -3.56 23.16 -14.29
N CYS A 128 -4.48 23.63 -13.44
CA CYS A 128 -5.85 23.86 -13.90
C CYS A 128 -6.01 25.18 -14.66
N ARG A 129 -4.93 25.93 -14.83
CA ARG A 129 -4.86 27.20 -15.56
C ARG A 129 -5.64 28.33 -14.88
N HIS A 130 -6.00 28.18 -13.61
CA HIS A 130 -6.58 29.29 -12.86
C HIS A 130 -5.62 30.48 -12.78
N CYS A 131 -4.32 30.22 -12.69
CA CYS A 131 -3.30 31.26 -12.66
C CYS A 131 -2.21 30.98 -13.69
N GLU A 132 -1.64 32.08 -14.21
CA GLU A 132 -0.47 32.04 -15.10
C GLU A 132 0.84 31.95 -14.32
N VAL A 133 0.90 32.61 -13.17
CA VAL A 133 2.02 32.57 -12.24
C VAL A 133 1.45 32.47 -10.83
N VAL A 134 2.11 31.74 -9.95
CA VAL A 134 1.74 31.74 -8.54
C VAL A 134 2.98 31.97 -7.69
N ILE A 135 2.82 32.78 -6.63
CA ILE A 135 3.86 33.13 -5.68
C ILE A 135 3.60 32.45 -4.35
N ASN A 136 4.65 31.88 -3.75
CA ASN A 136 4.58 31.35 -2.37
C ASN A 136 5.81 31.78 -1.60
N TRP A 137 5.69 32.91 -0.88
CA TRP A 137 6.79 33.39 -0.03
C TRP A 137 6.94 32.60 1.27
N GLY A 138 6.07 31.62 1.54
CA GLY A 138 6.27 30.69 2.65
C GLY A 138 7.00 29.42 2.26
N GLY A 139 7.24 29.21 0.95
CA GLY A 139 7.89 28.04 0.44
C GLY A 139 9.32 28.29 -0.04
N GLY A 140 9.92 27.22 -0.58
CA GLY A 140 11.24 27.28 -1.20
C GLY A 140 12.37 26.60 -0.47
N TRP A 141 12.09 25.47 0.19
CA TRP A 141 13.03 24.88 1.15
C TRP A 141 13.82 23.78 0.43
N HIS A 142 14.88 24.19 -0.27
CA HIS A 142 15.52 23.36 -1.30
C HIS A 142 16.52 22.34 -0.76
N HIS A 143 16.87 22.36 0.54
CA HIS A 143 17.92 21.49 1.06
C HIS A 143 17.42 20.13 1.57
N ALA A 144 16.12 19.98 1.88
CA ALA A 144 15.65 18.75 2.49
C ALA A 144 15.79 17.55 1.55
N LYS A 145 16.20 16.41 2.10
CA LYS A 145 16.35 15.17 1.35
C LYS A 145 15.27 14.17 1.74
N ARG A 146 15.21 13.08 0.96
CA ARG A 146 14.25 12.01 1.18
C ARG A 146 14.11 11.62 2.65
N SER A 147 15.23 11.41 3.34
CA SER A 147 15.18 11.01 4.75
C SER A 147 16.11 11.85 5.62
N GLU A 148 16.30 13.12 5.30
CA GLU A 148 17.26 13.93 6.05
C GLU A 148 16.86 15.41 6.02
N ALA A 149 16.85 16.03 7.20
CA ALA A 149 16.73 17.49 7.26
C ALA A 149 18.11 18.14 7.03
N SER A 150 18.10 19.37 6.51
CA SER A 150 19.37 20.02 6.18
C SER A 150 19.14 21.52 6.03
N GLY A 151 20.01 22.32 6.62
CA GLY A 151 19.94 23.78 6.40
C GLY A 151 18.62 24.44 6.78
N PHE A 152 18.06 24.05 7.94
CA PHE A 152 16.73 24.44 8.43
C PHE A 152 15.61 24.14 7.43
N CYS A 153 15.83 23.20 6.52
CA CYS A 153 14.79 22.66 5.66
C CYS A 153 14.42 21.29 6.17
N TYR A 154 13.15 21.08 6.50
CA TYR A 154 12.69 19.79 7.02
C TYR A 154 11.91 18.98 5.99
N LEU A 155 11.08 19.63 5.17
CA LEU A 155 10.33 18.97 4.11
C LEU A 155 10.55 19.74 2.82
N ASN A 156 10.80 19.02 1.72
CA ASN A 156 11.14 19.70 0.47
C ASN A 156 9.84 20.00 -0.31
N ASP A 157 9.30 21.20 -0.09
CA ASP A 157 8.07 21.59 -0.78
C ASP A 157 8.31 21.73 -2.28
N ILE A 158 9.54 22.09 -2.67
CA ILE A 158 9.85 22.29 -4.08
C ILE A 158 9.78 20.97 -4.84
N VAL A 159 10.46 19.96 -4.32
CA VAL A 159 10.42 18.63 -4.96
C VAL A 159 8.99 18.14 -5.11
N LEU A 160 8.18 18.27 -4.06
CA LEU A 160 6.81 17.78 -4.11
C LEU A 160 5.98 18.59 -5.10
N ALA A 161 6.17 19.92 -5.12
CA ALA A 161 5.49 20.74 -6.12
C ALA A 161 5.91 20.34 -7.54
N ILE A 162 7.21 20.14 -7.79
CA ILE A 162 7.66 19.78 -9.13
C ILE A 162 7.10 18.41 -9.53
N HIS A 163 7.15 17.44 -8.61
CA HIS A 163 6.59 16.12 -8.92
C HIS A 163 5.13 16.22 -9.37
N ARG A 164 4.34 17.06 -8.70
CA ARG A 164 2.95 17.26 -9.13
C ARG A 164 2.88 17.83 -10.55
N LEU A 165 3.75 18.78 -10.87
CA LEU A 165 3.72 19.38 -12.21
C LEU A 165 4.13 18.38 -13.30
N VAL A 166 5.23 17.63 -13.08
CA VAL A 166 5.69 16.73 -14.16
C VAL A 166 4.71 15.62 -14.39
N SER A 167 3.96 15.23 -13.37
CA SER A 167 3.04 14.11 -13.47
C SER A 167 1.65 14.52 -13.95
N SER A 168 1.42 15.82 -14.19
CA SER A 168 0.12 16.29 -14.62
C SER A 168 -0.18 15.95 -16.08
N THR A 169 0.82 15.55 -16.84
CA THR A 169 0.68 15.11 -18.22
C THR A 169 -0.43 14.07 -18.41
N GLN A 178 5.29 15.63 -24.29
CA GLN A 178 5.75 15.24 -22.95
C GLN A 178 6.04 16.46 -22.08
N THR A 179 5.79 16.33 -20.77
CA THR A 179 5.87 17.43 -19.82
C THR A 179 7.29 17.58 -19.29
N ARG A 180 7.84 18.80 -19.38
CA ARG A 180 9.17 19.10 -18.87
C ARG A 180 9.12 20.34 -17.99
N VAL A 181 9.89 20.31 -16.90
CA VAL A 181 9.97 21.41 -15.93
C VAL A 181 11.41 21.92 -15.88
N LEU A 182 11.57 23.24 -15.97
CA LEU A 182 12.84 23.89 -15.69
C LEU A 182 12.81 24.48 -14.27
N TYR A 183 13.76 24.06 -13.44
CA TYR A 183 13.94 24.59 -12.09
C TYR A 183 15.16 25.51 -12.06
N VAL A 184 14.95 26.75 -11.60
CA VAL A 184 15.97 27.79 -11.50
C VAL A 184 16.09 28.20 -10.04
N ASP A 185 17.30 28.10 -9.49
CA ASP A 185 17.58 28.30 -8.07
C ASP A 185 18.52 29.50 -7.90
N LEU A 186 17.96 30.63 -7.45
CA LEU A 186 18.69 31.89 -7.36
C LEU A 186 19.25 32.16 -5.96
N ASP A 187 19.07 31.22 -5.04
CA ASP A 187 19.52 31.36 -3.66
C ASP A 187 21.06 31.47 -3.59
N LEU A 188 21.54 32.10 -2.50
CA LEU A 188 22.99 32.13 -2.28
C LEU A 188 23.58 30.72 -2.23
N HIS A 189 22.80 29.75 -1.78
CA HIS A 189 23.28 28.39 -1.57
C HIS A 189 22.86 27.45 -2.72
N HIS A 190 23.68 26.43 -2.94
CA HIS A 190 23.41 25.39 -3.93
C HIS A 190 22.10 24.66 -3.61
N GLY A 191 21.23 24.54 -4.62
CA GLY A 191 20.00 23.79 -4.46
C GLY A 191 20.22 22.28 -4.50
N ASP A 192 20.87 21.71 -3.48
CA ASP A 192 21.30 20.31 -3.53
C ASP A 192 20.14 19.33 -3.42
N GLY A 193 19.16 19.60 -2.57
CA GLY A 193 18.07 18.62 -2.39
C GLY A 193 17.21 18.44 -3.64
N VAL A 194 16.91 19.54 -4.33
CA VAL A 194 16.12 19.43 -5.56
C VAL A 194 16.94 18.76 -6.66
N GLU A 195 18.19 19.19 -6.83
CA GLU A 195 19.08 18.55 -7.80
C GLU A 195 19.17 17.05 -7.59
N GLU A 196 19.35 16.63 -6.32
CA GLU A 196 19.50 15.21 -6.02
C GLU A 196 18.22 14.43 -6.33
N ALA A 197 17.05 14.97 -5.95
CA ALA A 197 15.80 14.25 -6.18
C ALA A 197 15.58 13.94 -7.65
N PHE A 198 16.07 14.81 -8.55
CA PHE A 198 15.85 14.64 -9.98
C PHE A 198 17.13 14.27 -10.74
N TRP A 199 18.13 13.75 -10.03
CA TRP A 199 19.42 13.42 -10.64
C TRP A 199 19.30 12.45 -11.83
N TYR A 200 18.34 11.53 -11.78
CA TYR A 200 18.17 10.53 -12.83
C TYR A 200 17.02 10.84 -13.77
N SER A 201 16.46 12.04 -13.69
CA SER A 201 15.25 12.38 -14.45
CA SER A 201 15.26 12.37 -14.46
C SER A 201 15.57 13.43 -15.50
N PRO A 202 15.47 13.10 -16.80
CA PRO A 202 15.71 14.12 -17.83
C PRO A 202 14.59 15.12 -17.97
N ARG A 203 13.37 14.81 -17.49
CA ARG A 203 12.21 15.69 -17.66
C ARG A 203 12.22 16.89 -16.72
N VAL A 204 12.99 16.84 -15.63
CA VAL A 204 13.16 17.98 -14.73
C VAL A 204 14.62 18.41 -14.85
N VAL A 205 14.88 19.51 -15.56
CA VAL A 205 16.22 20.09 -15.67
C VAL A 205 16.39 21.12 -14.54
N THR A 206 17.44 20.96 -13.74
CA THR A 206 17.70 21.84 -12.61
C THR A 206 18.90 22.73 -12.94
N PHE A 207 18.83 23.98 -12.47
CA PHE A 207 19.90 24.97 -12.70
C PHE A 207 20.00 25.83 -11.46
N SER A 208 21.14 25.77 -10.78
CA SER A 208 21.41 26.55 -9.58
C SER A 208 22.63 27.43 -9.81
N VAL A 209 22.48 28.73 -9.49
CA VAL A 209 23.58 29.68 -9.39
C VAL A 209 23.76 30.03 -7.92
N HIS A 210 25.01 30.08 -7.45
CA HIS A 210 25.25 30.12 -6.01
C HIS A 210 26.72 30.44 -5.74
N HIS A 211 27.01 30.80 -4.49
CA HIS A 211 28.40 30.82 -4.04
C HIS A 211 28.84 29.40 -3.69
N ALA A 212 30.09 29.08 -4.00
CA ALA A 212 30.74 27.87 -3.52
C ALA A 212 32.19 28.20 -3.20
N SER A 213 32.72 27.60 -2.15
CA SER A 213 34.09 27.83 -1.69
C SER A 213 34.38 26.83 -0.58
N PRO A 214 35.66 26.57 -0.26
CA PRO A 214 35.96 25.45 0.65
C PRO A 214 35.37 25.67 2.05
N GLY A 215 34.59 24.67 2.50
CA GLY A 215 33.92 24.74 3.79
C GLY A 215 32.57 25.46 3.80
N PHE A 216 32.16 26.08 2.69
CA PHE A 216 30.90 26.80 2.63
C PHE A 216 29.74 25.84 2.35
N PHE A 217 28.66 26.00 3.10
CA PHE A 217 27.47 25.13 3.03
C PHE A 217 26.78 25.17 1.66
N PRO A 218 26.31 24.00 1.15
CA PRO A 218 26.39 22.63 1.66
C PRO A 218 27.56 21.88 1.06
N GLY A 219 28.28 22.55 0.14
CA GLY A 219 29.53 22.03 -0.40
C GLY A 219 29.47 21.54 -1.82
N THR A 220 28.28 21.32 -2.38
CA THR A 220 28.08 20.77 -3.70
C THR A 220 27.84 21.88 -4.73
N GLY A 221 27.51 21.52 -5.96
CA GLY A 221 27.32 22.50 -7.02
C GLY A 221 28.61 23.08 -7.56
N THR A 222 29.71 22.32 -7.49
CA THR A 222 30.99 22.83 -7.97
C THR A 222 31.89 21.65 -8.37
N TRP A 223 33.14 21.97 -8.70
CA TRP A 223 34.11 20.94 -9.09
C TRP A 223 34.15 19.82 -8.08
N ASN A 224 34.20 18.58 -8.59
CA ASN A 224 34.07 17.39 -7.77
C ASN A 224 35.42 16.73 -7.53
N LEU A 231 42.61 16.42 -13.08
CA LEU A 231 41.75 17.60 -13.02
C LEU A 231 40.32 17.22 -12.66
N PRO A 232 39.82 17.73 -11.51
CA PRO A 232 38.43 17.44 -11.11
C PRO A 232 37.41 17.82 -12.16
N ILE A 233 36.19 17.30 -12.05
CA ILE A 233 35.17 17.48 -13.06
C ILE A 233 33.84 17.84 -12.40
N PHE A 234 32.91 18.27 -13.22
CA PHE A 234 31.57 18.63 -12.81
C PHE A 234 30.63 17.44 -13.05
N LEU A 235 30.09 16.87 -11.99
CA LEU A 235 28.98 15.92 -12.12
C LEU A 235 27.72 16.66 -12.58
N ASN A 236 26.88 15.97 -13.39
CA ASN A 236 25.76 16.69 -14.00
C ASN A 236 24.51 15.83 -14.23
N GLY A 237 24.29 14.81 -13.41
CA GLY A 237 23.20 13.87 -13.57
C GLY A 237 23.72 12.47 -13.87
N ALA A 238 22.78 11.52 -13.91
CA ALA A 238 23.16 10.12 -14.12
C ALA A 238 22.01 9.36 -14.77
N GLY A 239 22.35 8.21 -15.35
CA GLY A 239 21.36 7.42 -16.07
C GLY A 239 20.82 8.17 -17.28
N ARG A 240 19.51 8.07 -17.47
CA ARG A 240 18.84 8.88 -18.47
C ARG A 240 18.83 10.36 -18.11
N GLY A 241 19.15 10.71 -16.86
CA GLY A 241 19.31 12.08 -16.41
C GLY A 241 20.70 12.69 -16.59
N ARG A 242 21.60 12.01 -17.28
CA ARG A 242 22.92 12.57 -17.53
C ARG A 242 22.80 13.90 -18.29
N PHE A 243 23.61 14.88 -17.89
CA PHE A 243 23.65 16.25 -18.43
C PHE A 243 22.43 17.11 -18.05
N SER A 244 21.56 16.66 -17.13
CA SER A 244 20.32 17.37 -16.80
C SER A 244 20.39 18.22 -15.52
N ALA A 245 21.55 18.27 -14.86
CA ALA A 245 21.73 19.08 -13.66
C ALA A 245 22.83 20.09 -13.92
N PHE A 246 22.48 21.38 -13.90
CA PHE A 246 23.35 22.50 -14.26
C PHE A 246 23.71 23.33 -13.02
N ASN A 247 24.96 23.80 -12.97
CA ASN A 247 25.43 24.63 -11.86
C ASN A 247 26.35 25.73 -12.35
N LEU A 248 26.24 26.90 -11.73
CA LEU A 248 27.15 28.02 -11.93
C LEU A 248 27.64 28.50 -10.58
N PRO A 249 28.80 28.05 -10.12
CA PRO A 249 29.34 28.55 -8.86
C PRO A 249 30.10 29.85 -9.10
N LEU A 250 29.93 30.82 -8.20
CA LEU A 250 30.47 32.17 -8.37
C LEU A 250 31.29 32.60 -7.17
N GLU A 251 32.33 33.39 -7.43
CA GLU A 251 33.17 33.92 -6.35
C GLU A 251 32.43 34.98 -5.54
N GLU A 252 32.82 35.14 -4.27
CA GLU A 252 32.19 36.16 -3.44
C GLU A 252 32.41 37.56 -4.03
N GLY A 253 31.46 38.47 -3.75
CA GLY A 253 31.59 39.87 -4.09
C GLY A 253 30.91 40.32 -5.37
N ILE A 254 30.16 39.45 -6.06
CA ILE A 254 29.65 39.76 -7.38
C ILE A 254 28.49 40.75 -7.27
N ASN A 255 28.41 41.70 -8.22
CA ASN A 255 27.38 42.73 -8.17
C ASN A 255 26.21 42.38 -9.09
N ASP A 256 25.22 43.29 -9.16
CA ASP A 256 24.03 43.04 -9.97
C ASP A 256 24.38 42.78 -11.42
N LEU A 257 25.23 43.63 -12.01
CA LEU A 257 25.49 43.56 -13.44
C LEU A 257 26.26 42.30 -13.82
N ASP A 258 27.33 41.97 -13.10
CA ASP A 258 28.10 40.78 -13.44
C ASP A 258 27.29 39.51 -13.19
N TRP A 259 26.44 39.49 -12.15
CA TRP A 259 25.60 38.31 -11.88
C TRP A 259 24.56 38.15 -12.97
N SER A 260 23.98 39.26 -13.44
CA SER A 260 22.98 39.23 -14.50
C SER A 260 23.58 38.72 -15.80
N ASN A 261 24.73 39.27 -16.19
CA ASN A 261 25.40 38.82 -17.42
C ASN A 261 25.87 37.37 -17.32
N ALA A 262 26.20 36.92 -16.10
CA ALA A 262 26.59 35.54 -15.89
C ALA A 262 25.43 34.57 -16.15
N ILE A 263 24.24 34.86 -15.62
CA ILE A 263 23.14 33.90 -15.75
C ILE A 263 22.22 34.15 -16.93
N GLY A 264 22.18 35.37 -17.46
CA GLY A 264 21.25 35.74 -18.52
C GLY A 264 21.27 34.83 -19.74
N PRO A 265 22.45 34.68 -20.36
CA PRO A 265 22.54 33.79 -21.53
C PRO A 265 22.24 32.33 -21.23
N ILE A 266 22.61 31.84 -20.05
CA ILE A 266 22.27 30.46 -19.67
C ILE A 266 20.75 30.27 -19.62
N LEU A 267 20.04 31.21 -18.98
CA LEU A 267 18.58 31.10 -18.88
C LEU A 267 17.93 31.06 -20.26
N ASP A 268 18.30 31.99 -21.13
CA ASP A 268 17.72 32.01 -22.46
C ASP A 268 18.03 30.73 -23.23
N SER A 269 19.25 30.20 -23.10
CA SER A 269 19.58 28.98 -23.82
CA SER A 269 19.61 28.97 -23.80
C SER A 269 18.82 27.78 -23.27
N LEU A 270 18.64 27.71 -21.94
CA LEU A 270 17.88 26.62 -21.35
C LEU A 270 16.43 26.62 -21.85
N ASN A 271 15.82 27.80 -21.95
CA ASN A 271 14.43 27.87 -22.40
C ASN A 271 14.29 27.49 -23.87
N ILE A 272 15.21 27.97 -24.72
CA ILE A 272 15.18 27.64 -26.14
C ILE A 272 15.31 26.13 -26.35
N VAL A 273 16.26 25.51 -25.66
CA VAL A 273 16.54 24.10 -25.91
C VAL A 273 15.51 23.21 -25.22
N ILE A 274 15.20 23.49 -23.95
CA ILE A 274 14.30 22.63 -23.18
C ILE A 274 12.84 22.79 -23.57
N GLN A 275 12.42 23.99 -23.97
CA GLN A 275 11.02 24.32 -24.16
C GLN A 275 10.15 23.84 -23.00
N PRO A 276 10.40 24.33 -21.78
CA PRO A 276 9.69 23.81 -20.61
C PRO A 276 8.19 24.10 -20.63
N SER A 277 7.44 23.16 -20.07
CA SER A 277 6.00 23.31 -19.84
C SER A 277 5.70 24.15 -18.60
N TYR A 278 6.57 24.08 -17.59
CA TYR A 278 6.46 24.89 -16.38
C TYR A 278 7.87 25.32 -15.98
N VAL A 279 7.96 26.49 -15.34
CA VAL A 279 9.19 26.96 -14.71
C VAL A 279 8.92 27.11 -13.22
N VAL A 280 9.86 26.62 -12.41
CA VAL A 280 9.83 26.79 -10.97
C VAL A 280 11.08 27.57 -10.58
N VAL A 281 10.89 28.68 -9.85
CA VAL A 281 11.98 29.58 -9.48
C VAL A 281 12.06 29.65 -7.96
N GLN A 282 13.24 29.38 -7.41
CA GLN A 282 13.55 29.62 -6.01
C GLN A 282 14.24 30.98 -5.93
N CYS A 283 13.72 31.89 -5.11
CA CYS A 283 14.17 33.27 -5.10
CA CYS A 283 14.15 33.28 -5.09
C CYS A 283 14.71 33.69 -3.72
N GLY A 284 15.43 32.79 -3.07
CA GLY A 284 16.10 33.12 -1.82
C GLY A 284 16.85 34.44 -1.88
N ALA A 285 16.67 35.28 -0.85
CA ALA A 285 17.12 36.67 -0.83
C ALA A 285 18.45 36.83 -0.13
N ASP A 286 19.17 35.74 0.14
CA ASP A 286 20.43 35.87 0.83
C ASP A 286 21.60 36.29 -0.08
N CYS A 287 21.37 36.60 -1.37
CA CYS A 287 22.40 37.23 -2.19
C CYS A 287 22.41 38.75 -2.06
N LEU A 288 21.43 39.33 -1.36
CA LEU A 288 21.43 40.78 -1.17
C LEU A 288 22.71 41.24 -0.47
N ALA A 289 23.20 42.41 -0.87
CA ALA A 289 24.40 42.98 -0.28
C ALA A 289 24.23 43.21 1.22
N THR A 290 23.00 43.40 1.68
CA THR A 290 22.69 43.67 3.07
C THR A 290 22.32 42.42 3.86
N ASP A 291 22.38 41.24 3.25
CA ASP A 291 22.17 40.02 4.01
C ASP A 291 23.34 39.82 4.97
N PRO A 292 23.10 39.35 6.19
CA PRO A 292 24.21 39.14 7.13
C PRO A 292 25.27 38.15 6.65
N HIS A 293 24.96 37.30 5.66
CA HIS A 293 26.01 36.50 5.05
C HIS A 293 27.12 37.38 4.49
N ARG A 294 26.75 38.49 3.86
CA ARG A 294 27.68 39.43 3.26
C ARG A 294 28.65 38.72 2.31
N ILE A 295 28.09 38.01 1.33
CA ILE A 295 28.89 37.29 0.33
C ILE A 295 28.72 37.88 -1.07
N PHE A 296 27.49 37.94 -1.58
CA PHE A 296 27.22 38.63 -2.85
C PHE A 296 26.77 40.08 -2.60
N ARG A 297 26.69 40.86 -3.68
CA ARG A 297 26.34 42.29 -3.59
C ARG A 297 25.13 42.66 -4.45
N LEU A 298 24.14 41.78 -4.54
CA LEU A 298 22.93 42.12 -5.28
C LEU A 298 22.06 43.12 -4.50
N THR A 299 21.19 43.81 -5.23
CA THR A 299 20.26 44.77 -4.64
C THR A 299 18.83 44.43 -5.08
N ASN A 300 17.88 45.25 -4.59
CA ASN A 300 16.50 45.27 -5.09
C ASN A 300 16.22 46.50 -5.97
N PHE A 301 17.26 47.12 -6.54
CA PHE A 301 17.07 48.41 -7.23
C PHE A 301 16.34 48.22 -8.56
N TYR A 302 15.49 49.19 -8.90
CA TYR A 302 14.65 49.12 -10.09
C TYR A 302 14.61 50.48 -10.76
N PRO A 303 15.58 50.80 -11.63
CA PRO A 303 15.60 52.14 -12.24
C PRO A 303 14.44 52.40 -13.18
N SER A 316 21.89 50.77 -11.64
CA SER A 316 21.96 49.30 -11.55
C SER A 316 20.57 48.70 -11.44
N LEU A 317 20.32 47.61 -12.17
CA LEU A 317 19.08 46.85 -12.05
C LEU A 317 19.36 45.60 -11.21
N SER A 318 18.58 45.41 -10.15
CA SER A 318 18.65 44.21 -9.33
C SER A 318 18.77 42.94 -10.18
N GLY A 319 19.81 42.14 -9.89
CA GLY A 319 19.93 40.86 -10.56
C GLY A 319 18.69 40.02 -10.43
N TYR A 320 18.04 40.07 -9.26
CA TYR A 320 16.83 39.30 -9.04
C TYR A 320 15.71 39.73 -9.98
N LEU A 321 15.47 41.04 -10.09
CA LEU A 321 14.38 41.50 -10.94
C LEU A 321 14.71 41.29 -12.43
N TYR A 322 15.99 41.39 -12.79
CA TYR A 322 16.44 41.06 -14.14
C TYR A 322 16.10 39.62 -14.51
N ALA A 323 16.39 38.70 -13.59
CA ALA A 323 16.15 37.27 -13.87
C ALA A 323 14.65 36.95 -13.95
N ILE A 324 13.87 37.44 -12.98
CA ILE A 324 12.43 37.18 -12.98
C ILE A 324 11.79 37.76 -14.24
N LYS A 325 12.19 38.98 -14.62
CA LYS A 325 11.63 39.60 -15.83
C LYS A 325 11.91 38.75 -17.06
N LYS A 326 13.15 38.29 -17.19
CA LYS A 326 13.52 37.44 -18.32
C LYS A 326 12.70 36.15 -18.31
N ILE A 327 12.64 35.47 -17.17
CA ILE A 327 11.86 34.23 -17.08
C ILE A 327 10.40 34.45 -17.46
N LEU A 328 9.78 35.52 -16.92
CA LEU A 328 8.38 35.78 -17.22
C LEU A 328 8.14 36.16 -18.68
N SER A 329 9.16 36.70 -19.37
CA SER A 329 9.00 37.04 -20.78
C SER A 329 8.80 35.81 -21.65
N TRP A 330 9.11 34.63 -21.11
CA TRP A 330 8.92 33.40 -21.87
C TRP A 330 7.46 33.01 -22.01
N LYS A 331 6.57 33.55 -21.15
CA LYS A 331 5.12 33.23 -21.14
C LYS A 331 4.86 31.74 -20.91
N VAL A 332 5.58 31.16 -19.94
CA VAL A 332 5.43 29.77 -19.54
C VAL A 332 4.85 29.78 -18.13
N PRO A 333 3.85 28.96 -17.81
CA PRO A 333 3.29 28.94 -16.46
C PRO A 333 4.40 28.76 -15.43
N THR A 334 4.43 29.62 -14.42
CA THR A 334 5.59 29.75 -13.54
C THR A 334 5.20 29.77 -12.07
N LEU A 335 5.99 29.08 -11.27
CA LEU A 335 5.90 29.06 -9.81
C LEU A 335 7.10 29.82 -9.23
N ILE A 336 6.83 30.87 -8.44
CA ILE A 336 7.87 31.67 -7.79
C ILE A 336 7.82 31.40 -6.29
N LEU A 337 8.94 30.94 -5.73
CA LEU A 337 9.00 30.58 -4.32
C LEU A 337 10.06 31.41 -3.60
N GLY A 338 10.00 31.41 -2.26
CA GLY A 338 10.96 32.08 -1.42
C GLY A 338 12.18 31.20 -1.13
N GLY A 339 12.70 31.27 0.08
CA GLY A 339 13.89 30.55 0.44
C GLY A 339 14.65 31.30 1.54
N GLY A 340 15.97 31.32 1.41
CA GLY A 340 16.83 32.05 2.33
C GLY A 340 16.50 33.54 2.36
N GLY A 341 17.15 34.23 3.31
CA GLY A 341 16.96 35.66 3.49
C GLY A 341 16.85 36.04 4.95
N TYR A 342 17.96 36.54 5.51
CA TYR A 342 18.11 36.69 6.95
C TYR A 342 18.16 38.14 7.39
N ASN A 343 18.01 39.09 6.48
CA ASN A 343 17.70 40.48 6.80
C ASN A 343 16.21 40.61 6.46
N PHE A 344 15.34 40.47 7.46
CA PHE A 344 13.91 40.34 7.21
C PHE A 344 13.30 41.56 6.52
N PRO A 345 13.55 42.80 6.96
CA PRO A 345 12.98 43.94 6.22
C PRO A 345 13.49 44.03 4.79
N ASP A 346 14.79 43.78 4.55
CA ASP A 346 15.31 43.86 3.19
C ASP A 346 14.82 42.72 2.31
N THR A 347 14.56 41.54 2.91
CA THR A 347 13.91 40.47 2.18
C THR A 347 12.48 40.86 1.78
N ALA A 348 11.73 41.50 2.69
CA ALA A 348 10.42 42.02 2.33
C ALA A 348 10.51 43.07 1.23
N ARG A 349 11.50 43.97 1.33
CA ARG A 349 11.69 44.97 0.28
C ARG A 349 11.90 44.32 -1.08
N LEU A 350 12.72 43.26 -1.14
CA LEU A 350 12.96 42.61 -2.43
C LEU A 350 11.72 41.87 -2.93
N TRP A 351 11.09 41.07 -2.05
CA TRP A 351 9.98 40.24 -2.52
C TRP A 351 8.74 41.08 -2.85
N THR A 352 8.59 42.26 -2.26
CA THR A 352 7.52 43.16 -2.69
C THR A 352 7.77 43.63 -4.12
N ARG A 353 9.02 43.97 -4.46
CA ARG A 353 9.32 44.38 -5.84
C ARG A 353 9.17 43.23 -6.82
N VAL A 354 9.56 42.00 -6.44
CA VAL A 354 9.32 40.86 -7.33
C VAL A 354 7.83 40.68 -7.56
N THR A 355 7.01 40.87 -6.51
CA THR A 355 5.57 40.69 -6.63
C THR A 355 4.96 41.73 -7.57
N ALA A 356 5.35 43.00 -7.38
CA ALA A 356 4.89 44.06 -8.27
C ALA A 356 5.28 43.81 -9.73
N LEU A 357 6.52 43.36 -9.95
CA LEU A 357 6.99 43.13 -11.31
C LEU A 357 6.24 41.97 -11.98
N THR A 358 5.94 40.92 -11.22
CA THR A 358 5.14 39.81 -11.74
C THR A 358 3.76 40.28 -12.21
N ILE A 359 3.09 41.12 -11.42
CA ILE A 359 1.79 41.65 -11.82
C ILE A 359 1.92 42.42 -13.13
N GLU A 360 2.94 43.28 -13.21
CA GLU A 360 3.12 44.14 -14.38
C GLU A 360 3.43 43.34 -15.64
N GLU A 361 4.36 42.38 -15.55
CA GLU A 361 4.72 41.55 -16.70
C GLU A 361 3.57 40.65 -17.14
N VAL A 362 2.83 40.08 -16.18
CA VAL A 362 1.79 39.12 -16.56
C VAL A 362 0.54 39.84 -17.05
N LYS A 363 0.09 40.87 -16.32
CA LYS A 363 -1.15 41.58 -16.65
C LYS A 363 -0.95 42.76 -17.62
N GLY A 364 0.29 43.17 -17.87
CA GLY A 364 0.50 44.36 -18.67
C GLY A 364 -0.05 45.62 -18.05
N LYS A 365 -0.19 45.65 -16.73
CA LYS A 365 -0.77 46.79 -16.02
C LYS A 365 0.28 47.41 -15.11
N LYS A 366 0.49 48.71 -15.24
CA LYS A 366 1.62 49.35 -14.58
C LYS A 366 1.41 49.38 -13.07
N MET A 367 2.44 49.00 -12.32
CA MET A 367 2.43 49.06 -10.86
C MET A 367 3.40 50.16 -10.43
N THR A 368 2.87 51.20 -9.80
CA THR A 368 3.66 52.31 -9.30
C THR A 368 3.82 52.14 -7.80
N ILE A 369 5.07 52.00 -7.35
CA ILE A 369 5.39 51.78 -5.94
C ILE A 369 6.19 53.00 -5.46
N SER A 370 5.71 53.64 -4.40
CA SER A 370 6.38 54.81 -3.86
C SER A 370 7.76 54.44 -3.30
N PRO A 371 8.79 55.27 -3.53
CA PRO A 371 10.11 55.01 -2.93
C PRO A 371 10.12 55.06 -1.40
N GLU A 372 9.06 55.54 -0.75
CA GLU A 372 8.97 55.56 0.70
C GLU A 372 8.02 54.47 1.19
N ILE A 373 8.42 53.78 2.25
CA ILE A 373 7.59 52.71 2.85
C ILE A 373 6.28 53.31 3.35
N PRO A 374 5.12 52.75 3.01
CA PRO A 374 3.86 53.27 3.58
C PRO A 374 3.69 52.90 5.04
N GLU A 375 2.91 53.71 5.74
CA GLU A 375 2.52 53.37 7.11
C GLU A 375 1.73 52.06 7.11
N HIS A 376 2.02 51.22 8.10
CA HIS A 376 1.35 49.92 8.28
C HIS A 376 1.87 49.31 9.58
N SER A 377 1.37 48.10 9.89
CA SER A 377 1.67 47.44 11.15
C SER A 377 3.16 47.45 11.49
N TYR A 378 4.01 47.15 10.51
CA TYR A 378 5.43 46.91 10.74
C TYR A 378 6.32 48.06 10.26
N PHE A 379 5.77 49.27 10.16
CA PHE A 379 6.53 50.42 9.65
C PHE A 379 7.83 50.64 10.41
N SER A 380 7.81 50.45 11.73
CA SER A 380 8.97 50.74 12.55
C SER A 380 10.17 49.87 12.20
N ARG A 381 9.95 48.72 11.54
CA ARG A 381 11.03 47.81 11.22
C ARG A 381 11.89 48.27 10.05
N TYR A 382 11.48 49.34 9.37
CA TYR A 382 12.16 49.82 8.18
C TYR A 382 12.92 51.11 8.45
N GLY A 383 13.11 51.45 9.73
CA GLY A 383 13.94 52.57 10.12
C GLY A 383 15.41 52.27 9.86
N PRO A 384 16.26 53.31 9.89
CA PRO A 384 15.89 54.68 10.26
C PRO A 384 15.40 55.56 9.10
N ASP A 385 15.54 55.11 7.85
CA ASP A 385 15.23 55.93 6.68
C ASP A 385 13.90 55.59 5.99
N PHE A 386 13.35 54.38 6.19
CA PHE A 386 12.01 54.05 5.71
C PHE A 386 11.87 54.17 4.20
N GLU A 387 12.88 53.72 3.45
CA GLU A 387 12.85 53.73 2.00
C GLU A 387 12.74 52.31 1.45
N LEU A 388 12.28 52.20 0.20
CA LEU A 388 12.09 50.88 -0.39
C LEU A 388 13.39 50.27 -0.90
N ASP A 389 14.27 51.07 -1.52
CA ASP A 389 15.61 50.58 -1.84
C ASP A 389 16.32 50.12 -0.58
N ILE A 390 17.08 49.03 -0.70
CA ILE A 390 17.96 48.65 0.40
C ILE A 390 19.06 49.71 0.55
N ASP A 391 19.63 49.76 1.76
CA ASP A 391 20.58 50.81 2.14
C ASP A 391 21.98 50.35 1.77
N TYR A 392 22.31 50.53 0.50
CA TYR A 392 23.60 50.04 -0.01
C TYR A 392 24.05 50.91 -1.17
N PHE A 393 25.36 51.16 -1.23
CA PHE A 393 25.94 52.00 -2.26
C PHE A 393 27.03 51.26 -3.04
N PRO A 394 26.75 50.85 -4.29
CA PRO A 394 27.71 50.20 -5.18
C PRO A 394 28.49 51.24 -6.00
N LEU A 402 36.28 37.74 -14.94
CA LEU A 402 35.21 37.26 -15.82
C LEU A 402 35.71 36.13 -16.71
N ASP A 403 37.03 36.03 -16.86
CA ASP A 403 37.63 34.88 -17.52
C ASP A 403 37.14 33.57 -16.92
N SER A 404 36.87 33.56 -15.61
CA SER A 404 36.26 32.40 -14.97
C SER A 404 34.87 32.12 -15.53
N ILE A 405 34.06 33.16 -15.72
CA ILE A 405 32.68 32.99 -16.14
C ILE A 405 32.61 32.58 -17.60
N GLN A 406 33.50 33.12 -18.44
CA GLN A 406 33.57 32.68 -19.83
C GLN A 406 33.85 31.18 -19.92
N LYS A 407 34.79 30.69 -19.10
CA LYS A 407 35.07 29.26 -19.04
C LYS A 407 33.83 28.45 -18.64
N HIS A 408 33.07 28.90 -17.64
CA HIS A 408 31.84 28.19 -17.27
C HIS A 408 30.82 28.18 -18.39
N HIS A 409 30.68 29.31 -19.11
CA HIS A 409 29.74 29.38 -20.23
C HIS A 409 30.06 28.34 -21.31
N ARG A 410 31.35 28.19 -21.64
CA ARG A 410 31.75 27.15 -22.59
C ARG A 410 31.38 25.77 -22.07
N ARG A 411 31.69 25.51 -20.79
CA ARG A 411 31.34 24.23 -20.18
C ARG A 411 29.84 23.99 -20.21
N ILE A 412 29.05 25.01 -19.87
CA ILE A 412 27.60 24.84 -19.76
C ILE A 412 26.97 24.68 -21.14
N LEU A 413 27.47 25.42 -22.14
CA LEU A 413 26.95 25.27 -23.50
C LEU A 413 27.21 23.88 -24.06
N GLU A 414 28.39 23.31 -23.77
CA GLU A 414 28.69 21.96 -24.21
C GLU A 414 27.81 20.94 -23.49
N GLN A 415 27.59 21.12 -22.18
CA GLN A 415 26.66 20.25 -21.45
C GLN A 415 25.24 20.34 -22.02
N LEU A 416 24.79 21.55 -22.36
CA LEU A 416 23.46 21.68 -22.93
C LEU A 416 23.36 20.96 -24.27
N ARG A 417 24.42 21.07 -25.09
CA ARG A 417 24.46 20.33 -26.35
C ARG A 417 24.38 18.83 -26.12
N ASN A 418 25.17 18.32 -25.17
CA ASN A 418 25.13 16.89 -24.85
C ASN A 418 23.76 16.48 -24.33
N TYR A 419 23.11 17.33 -23.52
CA TYR A 419 21.76 17.04 -23.06
C TYR A 419 20.79 16.89 -24.24
N ALA A 420 20.82 17.86 -25.16
CA ALA A 420 19.88 17.81 -26.27
C ALA A 420 20.15 16.63 -27.20
N ASP A 421 21.43 16.28 -27.41
CA ASP A 421 21.76 15.10 -28.21
C ASP A 421 21.21 13.83 -27.57
N LEU A 422 21.51 13.63 -26.28
CA LEU A 422 21.06 12.44 -25.58
C LEU A 422 19.55 12.31 -25.58
N ASN A 423 18.85 13.43 -25.46
CA ASN A 423 17.41 13.39 -25.38
C ASN A 423 16.73 13.63 -26.73
N LYS A 424 17.50 13.64 -27.82
CA LYS A 424 16.97 13.77 -29.17
C LYS A 424 16.03 14.97 -29.29
N LEU A 425 16.55 16.14 -28.95
CA LEU A 425 15.81 17.39 -28.98
C LEU A 425 16.28 18.28 -30.13
N ILE A 426 15.35 19.04 -30.69
CA ILE A 426 15.60 19.93 -31.82
C ILE A 426 16.06 21.28 -31.31
N TYR A 427 16.92 21.93 -32.09
CA TYR A 427 17.40 23.29 -31.86
C TYR A 427 18.56 23.60 -32.80
N ASP A 428 18.82 24.89 -33.04
CA ASP A 428 19.94 25.30 -33.88
C ASP A 428 21.07 25.80 -33.00
N TYR A 429 22.22 25.11 -33.06
CA TYR A 429 23.39 25.49 -32.27
C TYR A 429 23.75 26.96 -32.47
N ASP A 430 23.35 27.55 -33.60
CA ASP A 430 23.73 28.92 -33.91
C ASP A 430 22.99 29.93 -33.05
N GLN A 431 21.65 29.88 -33.04
CA GLN A 431 20.89 30.82 -32.22
C GLN A 431 21.31 30.76 -30.76
N VAL A 432 21.74 29.59 -30.29
CA VAL A 432 22.08 29.42 -28.88
C VAL A 432 23.51 29.86 -28.61
N TYR A 433 24.46 29.38 -29.42
CA TYR A 433 25.86 29.80 -29.26
C TYR A 433 25.98 31.32 -29.25
N GLN A 434 25.26 31.99 -30.16
CA GLN A 434 25.36 33.44 -30.25
C GLN A 434 24.72 34.16 -29.07
N LEU A 435 23.90 33.49 -28.26
CA LEU A 435 23.43 34.12 -27.03
C LEU A 435 24.59 34.47 -26.11
N TYR A 436 25.57 33.58 -25.99
CA TYR A 436 26.74 33.84 -25.17
C TYR A 436 27.72 34.74 -25.89
N SER B 3 -44.95 19.24 19.70
CA SER B 3 -44.68 18.34 18.58
C SER B 3 -43.20 18.27 18.22
N VAL B 4 -42.84 17.26 17.45
CA VAL B 4 -41.55 17.19 16.77
C VAL B 4 -41.74 17.70 15.36
N GLY B 5 -41.07 18.79 15.00
CA GLY B 5 -41.18 19.35 13.68
C GLY B 5 -40.04 18.90 12.77
N ILE B 6 -40.28 18.94 11.45
CA ILE B 6 -39.23 18.67 10.46
C ILE B 6 -39.42 19.61 9.28
N VAL B 7 -38.32 20.18 8.80
CA VAL B 7 -38.36 21.15 7.70
C VAL B 7 -38.43 20.42 6.35
N TYR B 8 -39.45 20.73 5.55
CA TYR B 8 -39.49 20.23 4.17
CA TYR B 8 -39.57 20.15 4.21
C TYR B 8 -40.56 20.95 3.37
N GLY B 9 -40.44 20.80 2.05
CA GLY B 9 -41.37 21.39 1.08
C GLY B 9 -40.90 21.00 -0.31
N ASP B 10 -41.80 21.18 -1.28
CA ASP B 10 -41.47 20.74 -2.64
C ASP B 10 -40.33 21.56 -3.24
N GLN B 11 -40.46 22.88 -3.19
CA GLN B 11 -39.40 23.75 -3.67
C GLN B 11 -38.13 23.54 -2.87
N TYR B 12 -38.29 23.37 -1.56
CA TYR B 12 -37.13 23.20 -0.67
C TYR B 12 -36.34 21.95 -1.06
N ARG B 13 -37.05 20.86 -1.33
CA ARG B 13 -36.40 19.63 -1.78
C ARG B 13 -35.62 19.85 -3.07
N GLN B 14 -36.21 20.55 -4.04
CA GLN B 14 -35.49 20.77 -5.29
C GLN B 14 -34.22 21.57 -5.07
N LEU B 15 -34.30 22.65 -4.27
CA LEU B 15 -33.13 23.49 -4.01
C LEU B 15 -32.05 22.73 -3.24
N CYS B 16 -32.43 22.00 -2.18
CA CYS B 16 -31.45 21.23 -1.43
C CYS B 16 -30.79 20.16 -2.28
N CYS B 17 -31.43 19.73 -3.38
CA CYS B 17 -30.85 18.72 -4.26
C CYS B 17 -30.18 19.31 -5.51
N SER B 18 -29.93 20.62 -5.55
CA SER B 18 -29.43 21.25 -6.76
C SER B 18 -27.92 21.45 -6.79
N SER B 19 -27.17 20.97 -5.73
CA SER B 19 -25.75 21.29 -5.74
C SER B 19 -24.91 20.12 -6.28
N PRO B 20 -23.73 20.43 -6.85
CA PRO B 20 -22.88 19.34 -7.36
C PRO B 20 -22.34 18.44 -6.26
N LYS B 21 -21.99 18.99 -5.09
CA LYS B 21 -21.33 18.14 -4.10
C LYS B 21 -22.32 17.22 -3.40
N PHE B 22 -23.50 17.72 -3.03
CA PHE B 22 -24.40 16.89 -2.22
C PHE B 22 -25.49 16.21 -3.03
N GLY B 23 -25.56 16.45 -4.34
CA GLY B 23 -26.43 15.64 -5.20
C GLY B 23 -27.85 15.53 -4.68
N ASP B 24 -28.40 14.31 -4.71
CA ASP B 24 -29.76 14.06 -4.23
C ASP B 24 -29.79 13.52 -2.79
N ARG B 25 -28.77 13.79 -1.98
CA ARG B 25 -28.74 13.23 -0.62
C ARG B 25 -29.99 13.59 0.19
N TYR B 26 -30.44 14.84 0.12
CA TYR B 26 -31.58 15.26 0.91
C TYR B 26 -32.84 14.47 0.53
N ALA B 27 -32.99 14.15 -0.76
CA ALA B 27 -34.13 13.37 -1.23
C ALA B 27 -34.12 11.97 -0.66
N LEU B 28 -32.95 11.30 -0.70
CA LEU B 28 -32.87 9.97 -0.10
C LEU B 28 -33.20 10.03 1.38
N VAL B 29 -32.65 11.02 2.09
CA VAL B 29 -32.93 11.13 3.53
C VAL B 29 -34.44 11.27 3.77
N MET B 30 -35.06 12.26 3.13
CA MET B 30 -36.48 12.50 3.42
C MET B 30 -37.35 11.35 2.91
N ASP B 31 -36.98 10.71 1.79
CA ASP B 31 -37.80 9.61 1.28
C ASP B 31 -37.63 8.35 2.10
N LEU B 32 -36.51 8.18 2.80
CA LEU B 32 -36.39 7.02 3.68
C LEU B 32 -37.20 7.23 4.94
N ILE B 33 -37.21 8.46 5.45
CA ILE B 33 -38.06 8.80 6.57
C ILE B 33 -39.53 8.58 6.20
N ASN B 34 -39.89 8.93 4.96
CA ASN B 34 -41.25 8.72 4.49
C ASN B 34 -41.56 7.23 4.33
N ALA B 35 -40.61 6.46 3.78
CA ALA B 35 -40.85 5.04 3.53
C ALA B 35 -41.11 4.27 4.81
N TYR B 36 -40.45 4.66 5.90
CA TYR B 36 -40.65 4.03 7.20
C TYR B 36 -41.88 4.57 7.93
N LYS B 37 -42.69 5.42 7.27
CA LYS B 37 -43.96 5.90 7.80
C LYS B 37 -43.79 6.80 9.02
N LEU B 38 -42.70 7.56 9.06
CA LEU B 38 -42.48 8.51 10.13
C LEU B 38 -43.11 9.86 9.84
N ILE B 39 -43.37 10.17 8.57
CA ILE B 39 -43.82 11.52 8.21
C ILE B 39 -45.13 11.87 8.89
N PRO B 40 -46.14 10.99 8.97
CA PRO B 40 -47.36 11.36 9.72
C PRO B 40 -47.15 11.63 11.21
N GLU B 41 -46.02 11.25 11.79
CA GLU B 41 -45.79 11.54 13.20
C GLU B 41 -45.21 12.94 13.43
N LEU B 42 -44.83 13.65 12.37
CA LEU B 42 -44.08 14.90 12.51
C LEU B 42 -44.90 16.07 12.00
N SER B 43 -44.63 17.24 12.56
CA SER B 43 -45.22 18.49 12.12
C SER B 43 -44.32 19.12 11.05
N ARG B 44 -44.86 19.34 9.84
CA ARG B 44 -44.04 19.97 8.81
C ARG B 44 -43.82 21.45 9.13
N VAL B 45 -42.56 21.88 9.11
CA VAL B 45 -42.17 23.27 9.37
C VAL B 45 -41.77 23.89 8.03
N PRO B 46 -42.57 24.81 7.48
CA PRO B 46 -42.28 25.35 6.17
C PRO B 46 -41.09 26.30 6.25
N PRO B 47 -40.23 26.28 5.23
CA PRO B 47 -39.12 27.24 5.19
C PRO B 47 -39.62 28.67 5.24
N LEU B 48 -38.84 29.55 5.87
CA LEU B 48 -39.18 30.97 5.97
C LEU B 48 -39.07 31.66 4.61
N GLN B 49 -40.06 32.50 4.28
CA GLN B 49 -39.99 33.37 3.11
C GLN B 49 -40.22 34.80 3.55
N TRP B 50 -39.62 35.74 2.80
CA TRP B 50 -39.64 37.15 3.18
C TRP B 50 -40.59 37.96 2.30
N ASP B 51 -40.89 39.16 2.76
CA ASP B 51 -41.84 40.01 2.07
C ASP B 51 -41.21 40.96 1.08
N SER B 52 -39.88 40.96 0.94
CA SER B 52 -39.21 41.81 -0.03
C SER B 52 -37.74 41.40 -0.11
N PRO B 53 -37.05 41.73 -1.21
CA PRO B 53 -35.59 41.56 -1.23
C PRO B 53 -34.90 42.20 -0.03
N SER B 54 -35.33 43.41 0.38
CA SER B 54 -34.65 44.08 1.49
C SER B 54 -34.79 43.31 2.79
N ARG B 55 -35.96 42.70 3.04
CA ARG B 55 -36.11 41.93 4.28
C ARG B 55 -35.26 40.66 4.25
N MET B 56 -35.10 40.04 3.08
CA MET B 56 -34.20 38.89 2.98
C MET B 56 -32.75 39.31 3.27
N TYR B 57 -32.33 40.41 2.64
CA TYR B 57 -30.96 40.89 2.81
C TYR B 57 -30.68 41.26 4.27
N GLU B 58 -31.63 41.91 4.93
CA GLU B 58 -31.47 42.26 6.33
C GLU B 58 -31.28 41.03 7.20
N ALA B 59 -32.01 39.95 6.90
CA ALA B 59 -31.90 38.73 7.70
C ALA B 59 -30.56 38.04 7.47
N VAL B 60 -30.12 37.91 6.21
CA VAL B 60 -28.83 37.28 5.94
C VAL B 60 -27.67 38.09 6.52
N THR B 61 -27.77 39.43 6.49
CA THR B 61 -26.67 40.29 6.94
C THR B 61 -26.74 40.60 8.43
N ALA B 62 -27.59 39.91 9.20
CA ALA B 62 -27.39 39.83 10.65
C ALA B 62 -26.03 39.20 10.96
N PHE B 63 -25.49 38.38 10.05
CA PHE B 63 -24.16 37.78 10.23
C PHE B 63 -23.22 38.07 9.08
N HIS B 64 -23.61 37.76 7.85
CA HIS B 64 -22.72 37.91 6.70
C HIS B 64 -22.58 39.38 6.28
N SER B 65 -21.42 39.72 5.72
CA SER B 65 -21.20 41.09 5.25
C SER B 65 -21.99 41.36 3.98
N THR B 66 -22.36 42.63 3.80
CA THR B 66 -23.00 43.07 2.57
C THR B 66 -22.17 42.70 1.34
N GLU B 67 -20.86 42.96 1.40
CA GLU B 67 -20.02 42.73 0.21
C GLU B 67 -19.99 41.25 -0.16
N TYR B 68 -20.00 40.36 0.85
CA TYR B 68 -20.00 38.93 0.58
C TYR B 68 -21.34 38.46 0.03
N VAL B 69 -22.46 38.90 0.63
CA VAL B 69 -23.77 38.52 0.11
C VAL B 69 -23.93 38.99 -1.33
N ASP B 70 -23.46 40.22 -1.63
CA ASP B 70 -23.51 40.73 -3.00
C ASP B 70 -22.76 39.83 -3.97
N ALA B 71 -21.54 39.43 -3.59
CA ALA B 71 -20.71 38.62 -4.46
C ALA B 71 -21.34 37.25 -4.72
N LEU B 72 -21.92 36.65 -3.67
CA LEU B 72 -22.57 35.36 -3.83
C LEU B 72 -23.79 35.44 -4.76
N LYS B 73 -24.55 36.53 -4.70
CA LYS B 73 -25.62 36.71 -5.67
C LYS B 73 -25.07 36.84 -7.08
N LYS B 74 -23.99 37.61 -7.23
CA LYS B 74 -23.40 37.81 -8.56
C LYS B 74 -22.87 36.50 -9.13
N LEU B 75 -22.32 35.63 -8.27
CA LEU B 75 -21.81 34.34 -8.74
C LEU B 75 -22.92 33.51 -9.37
N GLN B 76 -24.10 33.45 -8.73
CA GLN B 76 -25.23 32.73 -9.33
C GLN B 76 -25.62 33.36 -10.66
N MET B 77 -25.71 34.69 -10.72
CA MET B 77 -26.07 35.33 -11.97
C MET B 77 -25.09 34.97 -13.08
N LEU B 78 -23.79 34.98 -12.77
CA LEU B 78 -22.79 34.69 -13.79
C LEU B 78 -22.91 33.25 -14.28
N HIS B 79 -23.17 32.31 -13.38
CA HIS B 79 -23.27 30.92 -13.82
C HIS B 79 -24.59 30.60 -14.50
N CYS B 80 -25.56 31.52 -14.48
CA CYS B 80 -26.78 31.40 -15.27
C CYS B 80 -26.68 32.08 -16.63
N GLU B 81 -25.48 32.42 -17.09
CA GLU B 81 -25.30 32.96 -18.43
C GLU B 81 -24.21 32.22 -19.19
N LEU B 85 -16.29 34.51 -17.05
CA LEU B 85 -16.02 35.60 -16.12
C LEU B 85 -14.88 36.50 -16.59
N THR B 86 -15.01 37.80 -16.35
CA THR B 86 -13.90 38.70 -16.60
C THR B 86 -12.82 38.52 -15.55
N ALA B 87 -11.63 39.04 -15.85
CA ALA B 87 -10.52 38.96 -14.91
C ALA B 87 -10.87 39.65 -13.59
N ASP B 88 -11.61 40.76 -13.63
CA ASP B 88 -12.01 41.42 -12.39
C ASP B 88 -13.00 40.57 -11.60
N ASP B 89 -13.98 39.97 -12.27
CA ASP B 89 -14.93 39.09 -11.59
C ASP B 89 -14.23 37.91 -10.94
N GLU B 90 -13.22 37.34 -11.61
CA GLU B 90 -12.47 36.23 -11.01
C GLU B 90 -11.74 36.67 -9.76
N LEU B 91 -11.11 37.86 -9.79
CA LEU B 91 -10.46 38.36 -8.58
C LEU B 91 -11.48 38.58 -7.47
N LEU B 92 -12.67 39.10 -7.81
CA LEU B 92 -13.69 39.36 -6.81
C LEU B 92 -14.14 38.07 -6.11
N MET B 93 -14.46 37.05 -6.91
CA MET B 93 -14.84 35.75 -6.33
C MET B 93 -13.71 35.14 -5.53
N ASP B 94 -12.46 35.22 -6.03
CA ASP B 94 -11.33 34.70 -5.27
C ASP B 94 -11.19 35.42 -3.93
N SER B 95 -11.50 36.71 -3.87
CA SER B 95 -11.36 37.44 -2.60
C SER B 95 -12.32 36.96 -1.52
N PHE B 96 -13.37 36.23 -1.88
CA PHE B 96 -14.30 35.66 -0.90
C PHE B 96 -14.19 34.14 -0.81
N SER B 97 -13.17 33.55 -1.44
CA SER B 97 -12.97 32.09 -1.46
C SER B 97 -14.10 31.37 -2.19
N LEU B 98 -14.73 32.07 -3.14
CA LEU B 98 -15.78 31.48 -3.96
C LEU B 98 -15.13 30.78 -5.15
N ASN B 99 -14.36 29.74 -4.83
CA ASN B 99 -13.53 29.00 -5.75
C ASN B 99 -13.20 27.66 -5.11
N TYR B 100 -12.44 26.83 -5.82
CA TYR B 100 -11.89 25.57 -5.33
C TYR B 100 -12.92 24.72 -4.60
N ASP B 101 -12.86 24.68 -3.27
CA ASP B 101 -13.82 23.91 -2.48
C ASP B 101 -15.24 24.48 -2.55
N CYS B 102 -15.40 25.73 -2.95
CA CYS B 102 -16.70 26.39 -2.93
C CYS B 102 -16.99 27.01 -4.28
N PRO B 103 -17.12 26.20 -5.33
CA PRO B 103 -17.28 26.74 -6.67
C PRO B 103 -18.66 27.36 -6.86
N GLY B 104 -18.79 28.13 -7.94
CA GLY B 104 -20.09 28.54 -8.40
C GLY B 104 -20.83 27.44 -9.13
N PHE B 105 -22.15 27.61 -9.21
CA PHE B 105 -23.03 26.78 -10.03
C PHE B 105 -24.36 27.50 -10.17
N PRO B 106 -25.21 27.10 -11.12
CA PRO B 106 -26.37 27.96 -11.45
C PRO B 106 -27.34 28.27 -10.31
N SER B 107 -27.40 27.45 -9.25
CA SER B 107 -28.33 27.70 -8.16
C SER B 107 -27.62 28.02 -6.84
N VAL B 108 -26.35 28.42 -6.90
CA VAL B 108 -25.54 28.46 -5.68
C VAL B 108 -26.13 29.40 -4.64
N PHE B 109 -26.68 30.54 -5.05
CA PHE B 109 -27.30 31.43 -4.06
C PHE B 109 -28.60 30.84 -3.53
N ASP B 110 -29.50 30.40 -4.42
CA ASP B 110 -30.77 29.86 -3.94
C ASP B 110 -30.57 28.64 -3.05
N TYR B 111 -29.59 27.80 -3.39
CA TYR B 111 -29.29 26.62 -2.59
C TYR B 111 -28.81 27.01 -1.19
N SER B 112 -27.84 27.93 -1.12
CA SER B 112 -27.32 28.39 0.16
C SER B 112 -28.41 29.05 0.99
N LEU B 113 -29.20 29.93 0.36
CA LEU B 113 -30.27 30.61 1.07
C LEU B 113 -31.32 29.63 1.59
N ALA B 114 -31.57 28.52 0.87
CA ALA B 114 -32.61 27.59 1.33
C ALA B 114 -32.31 27.07 2.73
N ALA B 115 -31.05 26.69 3.01
CA ALA B 115 -30.72 26.18 4.35
C ALA B 115 -30.98 27.24 5.42
N VAL B 116 -30.65 28.50 5.11
CA VAL B 116 -30.97 29.59 6.02
C VAL B 116 -32.48 29.68 6.26
N GLN B 117 -33.27 29.57 5.17
CA GLN B 117 -34.73 29.66 5.31
C GLN B 117 -35.26 28.54 6.18
N GLY B 118 -34.71 27.33 6.05
CA GLY B 118 -35.20 26.22 6.84
C GLY B 118 -34.81 26.34 8.30
N SER B 119 -33.56 26.73 8.56
CA SER B 119 -33.12 26.80 9.93
C SER B 119 -33.72 27.99 10.67
N LEU B 120 -33.94 29.12 9.99
CA LEU B 120 -34.63 30.24 10.64
C LEU B 120 -36.07 29.87 11.01
N ALA B 121 -36.78 29.17 10.12
CA ALA B 121 -38.13 28.74 10.45
C ALA B 121 -38.14 27.76 11.61
N ALA B 122 -37.19 26.82 11.62
CA ALA B 122 -37.06 25.90 12.74
C ALA B 122 -36.90 26.65 14.06
N ALA B 123 -36.03 27.67 14.09
CA ALA B 123 -35.87 28.44 15.31
C ALA B 123 -37.18 29.12 15.74
N SER B 124 -37.93 29.68 14.78
CA SER B 124 -39.16 30.37 15.13
C SER B 124 -40.20 29.41 15.69
N ALA B 125 -40.23 28.16 15.19
CA ALA B 125 -41.17 27.19 15.72
C ALA B 125 -40.84 26.80 17.15
N LEU B 126 -39.55 26.80 17.52
CA LEU B 126 -39.18 26.56 18.92
C LEU B 126 -39.56 27.74 19.79
N ILE B 127 -39.35 28.96 19.30
CA ILE B 127 -39.57 30.16 20.12
C ILE B 127 -41.04 30.29 20.51
N CYS B 128 -41.96 30.07 19.57
CA CYS B 128 -43.38 30.17 19.88
C CYS B 128 -43.93 28.91 20.52
N ARG B 129 -43.09 27.91 20.78
CA ARG B 129 -43.46 26.67 21.46
C ARG B 129 -44.39 25.78 20.63
N HIS B 130 -44.46 25.99 19.31
CA HIS B 130 -45.22 25.07 18.46
C HIS B 130 -44.58 23.68 18.45
N CYS B 131 -43.26 23.61 18.49
CA CYS B 131 -42.53 22.35 18.56
C CYS B 131 -41.56 22.35 19.74
N GLU B 132 -41.37 21.17 20.34
CA GLU B 132 -40.35 20.97 21.38
C GLU B 132 -38.99 20.69 20.77
N VAL B 133 -38.98 20.03 19.61
CA VAL B 133 -37.77 19.77 18.83
C VAL B 133 -38.11 20.02 17.36
N VAL B 134 -37.14 20.54 16.60
CA VAL B 134 -37.26 20.65 15.15
C VAL B 134 -36.00 20.12 14.48
N ILE B 135 -36.19 19.34 13.41
CA ILE B 135 -35.14 18.69 12.63
C ILE B 135 -35.07 19.40 11.28
N ASN B 136 -33.87 19.80 10.86
CA ASN B 136 -33.65 20.31 9.48
C ASN B 136 -32.51 19.52 8.84
N TRP B 137 -32.83 18.48 8.05
CA TRP B 137 -31.76 17.73 7.41
C TRP B 137 -31.18 18.44 6.19
N GLY B 138 -31.69 19.62 5.84
CA GLY B 138 -31.09 20.42 4.80
C GLY B 138 -30.19 21.53 5.32
N GLY B 139 -30.02 21.64 6.64
CA GLY B 139 -29.17 22.64 7.25
C GLY B 139 -27.95 22.02 7.93
N GLY B 140 -27.16 22.88 8.58
CA GLY B 140 -25.99 22.43 9.32
C GLY B 140 -24.63 22.85 8.73
N TRP B 141 -24.58 24.01 8.05
CA TRP B 141 -23.40 24.36 7.26
C TRP B 141 -22.43 25.22 8.08
N HIS B 142 -21.65 24.55 8.92
CA HIS B 142 -20.98 25.18 10.06
C HIS B 142 -19.67 25.90 9.71
N HIS B 143 -19.12 25.73 8.50
CA HIS B 143 -17.83 26.35 8.14
C HIS B 143 -17.93 27.77 7.56
N ALA B 144 -19.10 28.22 7.11
CA ALA B 144 -19.17 29.53 6.46
C ALA B 144 -18.84 30.65 7.42
N LYS B 145 -18.06 31.65 6.95
CA LYS B 145 -17.63 32.77 7.77
C LYS B 145 -18.37 34.03 7.33
N ARG B 146 -18.24 35.12 8.10
CA ARG B 146 -19.06 36.29 7.80
C ARG B 146 -18.80 36.84 6.39
N SER B 147 -17.54 36.78 5.92
CA SER B 147 -17.24 37.21 4.55
C SER B 147 -16.45 36.16 3.76
N GLU B 148 -16.73 34.87 3.97
CA GLU B 148 -15.93 33.86 3.29
C GLU B 148 -16.67 32.52 3.26
N ALA B 149 -16.74 31.92 2.06
CA ALA B 149 -17.21 30.55 1.90
C ALA B 149 -16.11 29.56 2.27
N SER B 150 -16.50 28.41 2.82
CA SER B 150 -15.50 27.46 3.29
C SER B 150 -16.12 26.06 3.33
N GLY B 151 -15.39 25.07 2.78
CA GLY B 151 -15.81 23.68 2.90
C GLY B 151 -17.20 23.37 2.38
N PHE B 152 -17.50 23.86 1.16
CA PHE B 152 -18.82 23.80 0.54
C PHE B 152 -19.94 24.36 1.42
N CYS B 153 -19.59 25.25 2.36
CA CYS B 153 -20.57 26.01 3.13
C CYS B 153 -20.50 27.46 2.66
N TYR B 154 -21.62 28.00 2.17
CA TYR B 154 -21.67 29.34 1.61
C TYR B 154 -22.37 30.35 2.52
N LEU B 155 -23.43 29.95 3.21
CA LEU B 155 -24.09 30.78 4.20
C LEU B 155 -24.23 29.98 5.48
N ASN B 156 -24.01 30.63 6.62
CA ASN B 156 -24.02 29.89 7.88
C ASN B 156 -25.43 29.92 8.48
N ASP B 157 -26.24 28.93 8.10
CA ASP B 157 -27.60 28.85 8.63
C ASP B 157 -27.60 28.62 10.14
N ILE B 158 -26.57 27.94 10.65
CA ILE B 158 -26.53 27.70 12.10
C ILE B 158 -26.36 29.02 12.85
N VAL B 159 -25.39 29.83 12.42
CA VAL B 159 -25.18 31.09 13.12
C VAL B 159 -26.46 31.91 13.14
N LEU B 160 -27.17 31.93 12.01
CA LEU B 160 -28.34 32.79 11.90
C LEU B 160 -29.50 32.29 12.74
N ALA B 161 -29.67 30.96 12.84
CA ALA B 161 -30.70 30.39 13.70
C ALA B 161 -30.37 30.60 15.17
N ILE B 162 -29.10 30.45 15.57
CA ILE B 162 -28.70 30.70 16.95
C ILE B 162 -28.97 32.14 17.33
N HIS B 163 -28.65 33.06 16.42
CA HIS B 163 -28.85 34.47 16.70
C HIS B 163 -30.33 34.78 16.91
N ARG B 164 -31.23 34.14 16.16
CA ARG B 164 -32.65 34.33 16.40
C ARG B 164 -33.05 33.78 17.77
N LEU B 165 -32.53 32.61 18.14
CA LEU B 165 -32.87 31.99 19.42
C LEU B 165 -32.38 32.84 20.58
N VAL B 166 -31.10 33.24 20.54
CA VAL B 166 -30.51 33.89 21.71
C VAL B 166 -31.08 35.28 21.94
N SER B 167 -31.69 35.89 20.93
CA SER B 167 -32.26 37.23 21.07
C SER B 167 -33.79 37.19 21.26
N SER B 168 -34.36 36.02 21.52
CA SER B 168 -35.77 35.90 21.83
C SER B 168 -36.02 36.07 23.33
N THR B 169 -37.23 36.50 23.67
CA THR B 169 -37.59 36.72 25.07
C THR B 169 -38.57 35.65 25.54
N GLN B 178 -29.71 36.30 30.28
CA GLN B 178 -30.43 35.18 30.87
C GLN B 178 -30.70 34.08 29.83
N THR B 179 -31.05 34.44 28.59
CA THR B 179 -31.22 33.45 27.53
C THR B 179 -29.84 33.00 27.04
N ARG B 180 -29.54 31.72 27.19
CA ARG B 180 -28.30 31.16 26.68
C ARG B 180 -28.60 30.00 25.74
N VAL B 181 -27.72 29.80 24.75
CA VAL B 181 -27.82 28.68 23.83
C VAL B 181 -26.58 27.80 23.96
N LEU B 182 -26.79 26.49 24.00
CA LEU B 182 -25.71 25.51 23.92
C LEU B 182 -25.68 24.92 22.52
N TYR B 183 -24.54 25.05 21.84
CA TYR B 183 -24.33 24.51 20.50
C TYR B 183 -23.41 23.31 20.58
N VAL B 184 -23.88 22.17 20.06
CA VAL B 184 -23.15 20.91 20.11
C VAL B 184 -22.87 20.46 18.67
N ASP B 185 -21.59 20.25 18.34
CA ASP B 185 -21.18 19.96 16.96
C ASP B 185 -20.58 18.55 16.92
N LEU B 186 -21.32 17.60 16.32
CA LEU B 186 -20.91 16.20 16.29
C LEU B 186 -20.26 15.77 14.98
N ASP B 187 -20.15 16.68 14.02
CA ASP B 187 -19.52 16.44 12.73
C ASP B 187 -18.08 15.97 12.91
N LEU B 188 -17.59 15.20 11.93
CA LEU B 188 -16.19 14.77 11.90
C LEU B 188 -15.23 15.96 11.93
N HIS B 189 -15.64 17.12 11.40
CA HIS B 189 -14.82 18.31 11.28
C HIS B 189 -15.13 19.34 12.37
N HIS B 190 -14.11 20.11 12.76
CA HIS B 190 -14.26 21.19 13.73
C HIS B 190 -15.27 22.23 13.27
N GLY B 191 -16.18 22.62 14.16
CA GLY B 191 -17.17 23.64 13.84
C GLY B 191 -16.65 25.08 13.88
N ASP B 192 -15.71 25.42 12.99
CA ASP B 192 -14.96 26.68 13.14
C ASP B 192 -15.81 27.92 12.89
N GLY B 193 -16.72 27.87 11.91
CA GLY B 193 -17.47 29.08 11.57
C GLY B 193 -18.43 29.49 12.67
N VAL B 194 -19.09 28.52 13.31
CA VAL B 194 -19.99 28.82 14.43
C VAL B 194 -19.18 29.28 15.64
N GLU B 195 -18.06 28.58 15.92
CA GLU B 195 -17.19 28.96 17.03
C GLU B 195 -16.71 30.40 16.87
N GLU B 196 -16.27 30.77 15.67
CA GLU B 196 -15.73 32.11 15.46
C GLU B 196 -16.82 33.17 15.58
N ALA B 197 -18.04 32.87 15.10
CA ALA B 197 -19.12 33.86 15.13
C ALA B 197 -19.41 34.31 16.55
N PHE B 198 -19.34 33.40 17.52
CA PHE B 198 -19.69 33.69 18.90
C PHE B 198 -18.49 33.75 19.83
N TRP B 199 -17.29 33.93 19.27
CA TRP B 199 -16.04 33.92 20.04
C TRP B 199 -16.08 34.93 21.19
N TYR B 200 -16.71 36.09 20.98
CA TYR B 200 -16.74 37.15 21.99
C TYR B 200 -18.03 37.19 22.79
N SER B 201 -18.88 36.15 22.68
CA SER B 201 -20.22 36.16 23.24
CA SER B 201 -20.24 36.15 23.23
C SER B 201 -20.36 35.09 24.31
N PRO B 202 -20.60 35.46 25.57
CA PRO B 202 -20.83 34.43 26.60
C PRO B 202 -22.17 33.72 26.49
N ARG B 203 -23.15 34.28 25.79
CA ARG B 203 -24.49 33.68 25.84
C ARG B 203 -24.68 32.52 24.85
N VAL B 204 -23.75 32.30 23.93
CA VAL B 204 -23.72 31.12 23.07
C VAL B 204 -22.48 30.31 23.43
N VAL B 205 -22.65 29.18 24.13
CA VAL B 205 -21.52 28.30 24.42
C VAL B 205 -21.42 27.28 23.30
N THR B 206 -20.24 27.14 22.69
CA THR B 206 -20.04 26.20 21.60
C THR B 206 -19.16 25.05 22.09
N PHE B 207 -19.51 23.84 21.66
CA PHE B 207 -18.76 22.62 21.96
C PHE B 207 -18.70 21.78 20.71
N SER B 208 -17.49 21.56 20.19
CA SER B 208 -17.27 20.71 19.03
C SER B 208 -16.40 19.52 19.40
N VAL B 209 -16.84 18.31 19.01
CA VAL B 209 -16.01 17.10 19.05
C VAL B 209 -15.70 16.71 17.61
N HIS B 210 -14.45 16.34 17.34
CA HIS B 210 -14.01 16.23 15.94
C HIS B 210 -12.67 15.53 15.89
N HIS B 211 -12.28 15.13 14.67
CA HIS B 211 -10.90 14.75 14.41
C HIS B 211 -10.06 16.01 14.16
N ALA B 212 -8.84 16.00 14.67
CA ALA B 212 -7.81 16.97 14.30
C ALA B 212 -6.47 16.27 14.13
N SER B 213 -5.73 16.63 13.09
CA SER B 213 -4.38 16.14 12.82
C SER B 213 -3.72 17.08 11.81
N PRO B 214 -2.39 17.03 11.66
CA PRO B 214 -1.70 17.98 10.78
C PRO B 214 -2.16 17.88 9.33
N GLY B 215 -2.59 19.03 8.78
CA GLY B 215 -3.09 19.10 7.42
C GLY B 215 -4.54 18.68 7.21
N PHE B 216 -5.25 18.22 8.25
CA PHE B 216 -6.66 17.84 8.13
C PHE B 216 -7.55 19.07 8.27
N PHE B 217 -8.52 19.20 7.37
CA PHE B 217 -9.46 20.35 7.34
C PHE B 217 -10.31 20.46 8.61
N PRO B 218 -10.55 21.68 9.12
CA PRO B 218 -10.06 22.98 8.64
C PRO B 218 -8.79 23.45 9.38
N GLY B 219 -8.35 22.69 10.38
CA GLY B 219 -7.08 22.92 11.05
C GLY B 219 -7.19 23.38 12.48
N THR B 220 -8.36 23.89 12.86
CA THR B 220 -8.59 24.49 14.17
C THR B 220 -9.24 23.47 15.11
N GLY B 221 -9.61 23.92 16.32
CA GLY B 221 -10.19 23.04 17.32
C GLY B 221 -9.19 22.16 18.04
N THR B 222 -7.93 22.58 18.14
CA THR B 222 -6.90 21.76 18.77
C THR B 222 -5.84 22.68 19.38
N TRP B 223 -4.76 22.07 19.86
CA TRP B 223 -3.68 22.82 20.50
C TRP B 223 -3.14 23.91 19.57
N ASN B 224 -2.77 25.05 20.16
CA ASN B 224 -2.35 26.23 19.44
C ASN B 224 -0.85 26.50 19.63
N LYS B 230 7.32 27.26 25.49
CA LYS B 230 6.01 27.30 26.17
C LYS B 230 5.10 26.18 25.68
N LEU B 231 4.52 25.45 26.62
CA LEU B 231 3.63 24.34 26.28
C LEU B 231 2.42 24.85 25.49
N PRO B 232 2.00 24.15 24.44
CA PRO B 232 0.82 24.59 23.68
C PRO B 232 -0.43 24.63 24.55
N ILE B 233 -1.39 25.46 24.12
CA ILE B 233 -2.59 25.74 24.88
C ILE B 233 -3.80 25.71 23.95
N PHE B 234 -4.99 25.55 24.57
CA PHE B 234 -6.25 25.70 23.88
C PHE B 234 -6.77 27.12 24.03
N LEU B 235 -7.01 27.78 22.90
CA LEU B 235 -7.79 29.01 22.93
C LEU B 235 -9.26 28.66 23.13
N ASN B 236 -10.02 29.57 23.79
CA ASN B 236 -11.34 29.19 24.26
C ASN B 236 -12.33 30.36 24.27
N GLY B 237 -12.11 31.35 23.42
CA GLY B 237 -12.92 32.55 23.41
C GLY B 237 -12.16 33.75 23.97
N ALA B 238 -12.76 34.93 23.81
CA ALA B 238 -12.06 36.13 24.22
C ALA B 238 -13.02 37.19 24.73
N GLY B 239 -12.49 38.12 25.53
CA GLY B 239 -13.31 39.22 26.04
C GLY B 239 -14.37 38.70 26.98
N ARG B 240 -15.61 39.17 26.79
CA ARG B 240 -16.74 38.60 27.52
C ARG B 240 -16.95 37.13 27.19
N GLY B 241 -16.42 36.66 26.05
CA GLY B 241 -16.55 35.29 25.61
C GLY B 241 -15.46 34.35 26.05
N ARG B 242 -14.51 34.80 26.87
CA ARG B 242 -13.48 33.90 27.36
C ARG B 242 -14.09 32.68 28.05
N PHE B 243 -13.49 31.52 27.82
CA PHE B 243 -13.90 30.22 28.36
C PHE B 243 -15.20 29.68 27.77
N SER B 244 -15.76 30.31 26.73
CA SER B 244 -17.07 29.91 26.21
C SER B 244 -17.00 29.04 24.94
N ALA B 245 -15.81 28.80 24.38
CA ALA B 245 -15.68 27.93 23.21
C ALA B 245 -14.96 26.65 23.62
N PHE B 246 -15.64 25.51 23.51
CA PHE B 246 -15.12 24.22 23.96
C PHE B 246 -14.81 23.31 22.77
N ASN B 247 -13.74 22.53 22.89
CA ASN B 247 -13.27 21.63 21.83
C ASN B 247 -12.72 20.34 22.41
N LEU B 248 -13.04 19.22 21.76
CA LEU B 248 -12.46 17.91 22.09
C LEU B 248 -12.00 17.26 20.79
N PRO B 249 -10.71 17.42 20.45
CA PRO B 249 -10.16 16.74 19.28
C PRO B 249 -9.77 15.30 19.62
N LEU B 250 -10.02 14.40 18.68
CA LEU B 250 -9.79 12.97 18.89
C LEU B 250 -8.96 12.39 17.74
N GLU B 251 -8.16 11.38 18.07
CA GLU B 251 -7.38 10.66 17.05
C GLU B 251 -8.30 9.75 16.22
N GLU B 252 -7.82 9.36 15.04
CA GLU B 252 -8.62 8.52 14.16
C GLU B 252 -8.87 7.14 14.77
N GLY B 253 -10.03 6.55 14.45
CA GLY B 253 -10.31 5.16 14.74
C GLY B 253 -11.30 4.90 15.86
N ILE B 254 -11.86 5.96 16.48
CA ILE B 254 -12.68 5.79 17.67
C ILE B 254 -14.01 5.13 17.32
N ASN B 255 -14.44 4.18 18.16
CA ASN B 255 -15.69 3.45 17.97
C ASN B 255 -16.85 4.10 18.77
N ASP B 256 -18.06 3.49 18.62
CA ASP B 256 -19.29 4.02 19.23
C ASP B 256 -19.14 4.20 20.73
N LEU B 257 -18.68 3.15 21.42
CA LEU B 257 -18.63 3.18 22.88
C LEU B 257 -17.63 4.23 23.37
N ASP B 258 -16.44 4.25 22.77
CA ASP B 258 -15.41 5.17 23.24
C ASP B 258 -15.80 6.62 22.98
N TRP B 259 -16.42 6.90 21.83
CA TRP B 259 -16.91 8.24 21.52
C TRP B 259 -18.06 8.64 22.44
N SER B 260 -18.94 7.69 22.76
CA SER B 260 -20.04 7.94 23.69
C SER B 260 -19.51 8.29 25.09
N ASN B 261 -18.55 7.51 25.57
CA ASN B 261 -17.97 7.80 26.90
C ASN B 261 -17.14 9.06 26.89
N ALA B 262 -16.62 9.46 25.74
CA ALA B 262 -15.82 10.68 25.64
C ALA B 262 -16.69 11.92 25.82
N ILE B 263 -17.84 11.98 25.15
CA ILE B 263 -18.59 13.23 25.16
C ILE B 263 -19.77 13.23 26.13
N GLY B 264 -20.22 12.07 26.59
CA GLY B 264 -21.40 12.00 27.41
C GLY B 264 -21.34 12.79 28.70
N PRO B 265 -20.31 12.58 29.52
CA PRO B 265 -20.20 13.38 30.75
C PRO B 265 -19.96 14.86 30.50
N ILE B 266 -19.27 15.21 29.41
CA ILE B 266 -19.05 16.62 29.09
C ILE B 266 -20.37 17.29 28.74
N LEU B 267 -21.20 16.62 27.92
CA LEU B 267 -22.52 17.14 27.58
C LEU B 267 -23.38 17.32 28.83
N ASP B 268 -23.39 16.32 29.71
CA ASP B 268 -24.23 16.42 30.91
C ASP B 268 -23.75 17.58 31.78
N SER B 269 -22.43 17.76 31.88
CA SER B 269 -21.87 18.84 32.70
C SER B 269 -22.18 20.22 32.11
N LEU B 270 -22.10 20.34 30.78
CA LEU B 270 -22.48 21.59 30.15
C LEU B 270 -23.93 21.94 30.47
N ASN B 271 -24.84 20.96 30.40
CA ASN B 271 -26.24 21.27 30.69
C ASN B 271 -26.43 21.70 32.15
N ILE B 272 -25.76 21.03 33.08
CA ILE B 272 -25.89 21.37 34.50
C ILE B 272 -25.45 22.81 34.76
N VAL B 273 -24.27 23.19 34.24
CA VAL B 273 -23.68 24.48 34.57
C VAL B 273 -24.27 25.60 33.71
N ILE B 274 -24.38 25.37 32.40
CA ILE B 274 -24.84 26.44 31.50
C ILE B 274 -26.34 26.68 31.62
N GLN B 275 -27.11 25.66 31.96
CA GLN B 275 -28.57 25.74 32.02
C GLN B 275 -29.16 26.41 30.77
N PRO B 276 -28.88 25.89 29.57
CA PRO B 276 -29.33 26.54 28.34
C PRO B 276 -30.86 26.57 28.18
N SER B 277 -31.35 27.65 27.57
CA SER B 277 -32.76 27.76 27.17
C SER B 277 -33.05 27.02 25.87
N TYR B 278 -32.04 26.86 25.03
CA TYR B 278 -32.14 26.13 23.77
C TYR B 278 -30.85 25.36 23.56
N VAL B 279 -30.95 24.23 22.87
CA VAL B 279 -29.81 23.45 22.42
C VAL B 279 -29.86 23.35 20.89
N VAL B 280 -28.72 23.57 20.23
CA VAL B 280 -28.61 23.38 18.78
C VAL B 280 -27.54 22.31 18.50
N VAL B 281 -27.94 21.23 17.84
CA VAL B 281 -27.07 20.09 17.56
C VAL B 281 -26.80 20.02 16.07
N GLN B 282 -25.54 20.02 15.69
CA GLN B 282 -25.15 19.68 14.33
C GLN B 282 -24.79 18.20 14.31
N CYS B 283 -25.41 17.44 13.42
CA CYS B 283 -25.31 15.97 13.45
C CYS B 283 -24.72 15.42 12.16
N GLY B 284 -23.61 16.04 11.71
CA GLY B 284 -22.97 15.58 10.48
C GLY B 284 -22.59 14.11 10.57
N ALA B 285 -22.84 13.38 9.48
CA ALA B 285 -22.76 11.92 9.46
C ALA B 285 -21.40 11.40 8.99
N ASP B 286 -20.39 12.26 8.87
CA ASP B 286 -19.12 11.80 8.32
C ASP B 286 -18.24 11.09 9.34
N CYS B 287 -18.71 10.88 10.59
CA CYS B 287 -18.03 10.00 11.54
C CYS B 287 -18.37 8.53 11.35
N LEU B 288 -19.33 8.21 10.49
CA LEU B 288 -19.67 6.81 10.23
C LEU B 288 -18.46 6.03 9.70
N ALA B 289 -18.35 4.78 10.13
CA ALA B 289 -17.27 3.91 9.69
C ALA B 289 -17.24 3.77 8.17
N THR B 290 -18.38 3.91 7.52
CA THR B 290 -18.49 3.72 6.07
C THR B 290 -18.45 5.03 5.29
N ASP B 291 -18.31 6.17 5.97
CA ASP B 291 -18.08 7.42 5.24
C ASP B 291 -16.76 7.31 4.49
N PRO B 292 -16.67 7.82 3.26
CA PRO B 292 -15.41 7.70 2.51
C PRO B 292 -14.22 8.43 3.15
N HIS B 293 -14.44 9.34 4.13
CA HIS B 293 -13.29 9.88 4.87
C HIS B 293 -12.54 8.78 5.60
N ARG B 294 -13.26 7.78 6.11
CA ARG B 294 -12.69 6.60 6.77
C ARG B 294 -11.78 6.99 7.95
N ILE B 295 -12.30 7.82 8.84
CA ILE B 295 -11.54 8.31 9.99
C ILE B 295 -12.06 7.75 11.31
N PHE B 296 -13.32 8.01 11.64
CA PHE B 296 -13.94 7.41 12.82
C PHE B 296 -14.69 6.14 12.43
N ARG B 297 -15.11 5.38 13.44
CA ARG B 297 -15.75 4.08 13.23
C ARG B 297 -17.12 4.02 13.90
N LEU B 298 -17.88 5.11 13.87
CA LEU B 298 -19.23 5.10 14.41
C LEU B 298 -20.19 4.34 13.48
N THR B 299 -21.34 3.94 14.03
CA THR B 299 -22.38 3.21 13.30
C THR B 299 -23.72 3.88 13.51
N ASN B 300 -24.76 3.29 12.92
CA ASN B 300 -26.15 3.62 13.23
C ASN B 300 -26.85 2.50 14.00
N PHE B 301 -26.11 1.62 14.69
CA PHE B 301 -26.74 0.44 15.28
C PHE B 301 -27.63 0.80 16.47
N TYR B 302 -28.69 0.02 16.67
CA TYR B 302 -29.67 0.29 17.74
C TYR B 302 -30.14 -1.04 18.33
N PRO B 303 -29.32 -1.65 19.20
CA PRO B 303 -29.51 -3.02 19.68
C PRO B 303 -30.85 -3.24 20.39
N SER B 316 -22.51 -0.97 22.23
CA SER B 316 -22.73 -1.19 20.81
C SER B 316 -23.88 -0.32 20.28
N LEU B 317 -24.37 0.60 21.11
CA LEU B 317 -25.33 1.59 20.65
C LEU B 317 -24.60 2.68 19.87
N SER B 318 -25.13 3.02 18.69
CA SER B 318 -24.61 4.14 17.91
C SER B 318 -24.24 5.33 18.79
N GLY B 319 -23.02 5.83 18.62
CA GLY B 319 -22.62 7.03 19.35
C GLY B 319 -23.55 8.19 19.08
N TYR B 320 -23.95 8.37 17.82
CA TYR B 320 -24.92 9.42 17.50
C TYR B 320 -26.21 9.28 18.29
N LEU B 321 -26.78 8.07 18.31
CA LEU B 321 -28.06 7.89 18.99
C LEU B 321 -27.92 8.05 20.49
N TYR B 322 -26.78 7.59 21.04
CA TYR B 322 -26.51 7.79 22.46
C TYR B 322 -26.49 9.27 22.80
N ALA B 323 -25.82 10.08 21.97
CA ALA B 323 -25.68 11.50 22.27
C ALA B 323 -27.00 12.25 22.05
N ILE B 324 -27.75 11.93 20.99
CA ILE B 324 -29.05 12.58 20.80
C ILE B 324 -30.02 12.20 21.93
N LYS B 325 -30.05 10.92 22.30
CA LYS B 325 -30.92 10.51 23.40
C LYS B 325 -30.58 11.27 24.67
N LYS B 326 -29.29 11.40 24.99
CA LYS B 326 -28.90 12.15 26.19
C LYS B 326 -29.36 13.59 26.11
N ILE B 327 -29.12 14.26 24.97
CA ILE B 327 -29.47 15.68 24.87
C ILE B 327 -30.97 15.86 25.05
N LEU B 328 -31.77 14.95 24.47
CA LEU B 328 -33.22 15.08 24.57
C LEU B 328 -33.71 14.82 25.99
N SER B 329 -32.96 14.04 26.77
CA SER B 329 -33.38 13.73 28.12
C SER B 329 -33.40 14.96 29.02
N TRP B 330 -32.73 16.05 28.58
CA TRP B 330 -32.71 17.30 29.35
C TRP B 330 -34.03 18.05 29.28
N LYS B 331 -34.88 17.75 28.28
CA LYS B 331 -36.16 18.43 28.09
C LYS B 331 -35.99 19.93 27.85
N VAL B 332 -34.97 20.31 27.07
CA VAL B 332 -34.75 21.69 26.66
C VAL B 332 -35.13 21.80 25.19
N PRO B 333 -35.85 22.83 24.73
CA PRO B 333 -36.14 22.94 23.29
C PRO B 333 -34.85 22.83 22.45
N THR B 334 -34.89 21.97 21.42
CA THR B 334 -33.69 21.57 20.67
C THR B 334 -33.91 21.67 19.17
N LEU B 335 -32.88 22.16 18.47
CA LEU B 335 -32.80 22.14 17.01
C LEU B 335 -31.77 21.09 16.58
N ILE B 336 -32.17 20.13 15.73
CA ILE B 336 -31.28 19.09 15.21
C ILE B 336 -31.05 19.33 13.72
N LEU B 337 -29.78 19.52 13.33
CA LEU B 337 -29.39 19.86 11.98
C LEU B 337 -28.52 18.76 11.37
N GLY B 338 -28.37 18.80 10.04
CA GLY B 338 -27.52 17.87 9.34
C GLY B 338 -26.09 18.37 9.24
N GLY B 339 -25.51 18.31 8.05
CA GLY B 339 -24.10 18.65 7.87
C GLY B 339 -23.41 17.72 6.89
N GLY B 340 -22.17 17.34 7.20
CA GLY B 340 -21.42 16.44 6.36
C GLY B 340 -22.06 15.06 6.33
N GLY B 341 -21.54 14.23 5.43
CA GLY B 341 -22.04 12.88 5.26
C GLY B 341 -22.04 12.53 3.78
N TYR B 342 -21.02 11.78 3.34
CA TYR B 342 -20.69 11.62 1.92
C TYR B 342 -20.95 10.21 1.41
N ASN B 343 -21.42 9.30 2.27
CA ASN B 343 -22.03 8.03 1.84
C ASN B 343 -23.54 8.31 1.94
N PHE B 344 -24.18 8.65 0.81
CA PHE B 344 -25.54 9.16 0.91
C PHE B 344 -26.52 8.13 1.47
N PRO B 345 -26.52 6.86 1.04
CA PRO B 345 -27.43 5.89 1.67
C PRO B 345 -27.17 5.67 3.16
N ASP B 346 -25.90 5.60 3.58
CA ASP B 346 -25.67 5.38 5.01
C ASP B 346 -25.99 6.63 5.84
N THR B 347 -25.84 7.83 5.26
CA THR B 347 -26.31 9.04 5.94
C THR B 347 -27.83 9.01 6.12
N ALA B 348 -28.56 8.64 5.07
CA ALA B 348 -30.01 8.47 5.22
C ALA B 348 -30.34 7.43 6.30
N ARG B 349 -29.60 6.32 6.33
CA ARG B 349 -29.84 5.26 7.31
C ARG B 349 -29.69 5.79 8.74
N LEU B 350 -28.63 6.56 8.97
CA LEU B 350 -28.40 7.16 10.29
C LEU B 350 -29.49 8.18 10.63
N TRP B 351 -29.74 9.14 9.73
CA TRP B 351 -30.65 10.22 10.09
C TRP B 351 -32.11 9.74 10.18
N THR B 352 -32.47 8.67 9.48
CA THR B 352 -33.79 8.06 9.71
C THR B 352 -33.90 7.53 11.13
N ARG B 353 -32.85 6.85 11.63
CA ARG B 353 -32.91 6.39 13.02
C ARG B 353 -32.89 7.55 14.01
N VAL B 354 -32.12 8.62 13.74
CA VAL B 354 -32.16 9.77 14.63
C VAL B 354 -33.58 10.34 14.68
N THR B 355 -34.25 10.39 13.52
CA THR B 355 -35.61 10.94 13.49
C THR B 355 -36.56 10.07 14.30
N ALA B 356 -36.46 8.75 14.14
CA ALA B 356 -37.33 7.85 14.89
C ALA B 356 -37.10 7.98 16.39
N LEU B 357 -35.84 8.04 16.81
CA LEU B 357 -35.49 8.19 18.22
C LEU B 357 -36.07 9.49 18.77
N THR B 358 -35.97 10.58 18.01
CA THR B 358 -36.48 11.85 18.49
C THR B 358 -37.98 11.78 18.77
N ILE B 359 -38.73 11.15 17.87
CA ILE B 359 -40.16 10.92 18.10
C ILE B 359 -40.40 10.12 19.38
N GLU B 360 -39.66 9.02 19.56
CA GLU B 360 -39.83 8.19 20.76
C GLU B 360 -39.60 8.99 22.02
N GLU B 361 -38.47 9.70 22.08
CA GLU B 361 -38.12 10.43 23.30
C GLU B 361 -39.09 11.58 23.56
N VAL B 362 -39.50 12.30 22.52
CA VAL B 362 -40.32 13.48 22.79
C VAL B 362 -41.78 13.10 23.04
N LYS B 363 -42.33 12.20 22.23
CA LYS B 363 -43.73 11.83 22.30
C LYS B 363 -44.02 10.67 23.24
N GLY B 364 -43.00 9.93 23.69
CA GLY B 364 -43.25 8.71 24.44
C GLY B 364 -43.90 7.62 23.64
N LYS B 365 -43.74 7.63 22.32
CA LYS B 365 -44.46 6.76 21.40
C LYS B 365 -43.46 5.84 20.71
N LYS B 366 -43.68 4.53 20.83
CA LYS B 366 -42.73 3.55 20.30
C LYS B 366 -42.66 3.64 18.78
N MET B 367 -41.43 3.68 18.24
CA MET B 367 -41.22 3.69 16.78
C MET B 367 -40.40 2.46 16.41
N THR B 368 -41.04 1.49 15.77
CA THR B 368 -40.40 0.23 15.43
C THR B 368 -40.05 0.26 13.95
N ILE B 369 -38.75 0.16 13.66
CA ILE B 369 -38.26 0.23 12.30
C ILE B 369 -37.89 -1.17 11.85
N SER B 370 -38.44 -1.61 10.72
CA SER B 370 -38.07 -2.91 10.19
C SER B 370 -36.60 -2.93 9.76
N PRO B 371 -35.89 -4.04 9.95
CA PRO B 371 -34.50 -4.12 9.49
C PRO B 371 -34.37 -4.13 7.97
N GLU B 372 -35.41 -4.51 7.23
CA GLU B 372 -35.40 -4.46 5.77
C GLU B 372 -35.85 -3.08 5.30
N ILE B 373 -35.08 -2.50 4.37
CA ILE B 373 -35.46 -1.21 3.77
C ILE B 373 -36.82 -1.36 3.09
N PRO B 374 -37.78 -0.46 3.31
CA PRO B 374 -39.09 -0.60 2.67
C PRO B 374 -39.06 -0.16 1.21
N GLU B 375 -40.09 -0.60 0.49
CA GLU B 375 -40.27 -0.20 -0.91
C GLU B 375 -40.44 1.31 -1.01
N HIS B 376 -39.74 1.92 -1.98
CA HIS B 376 -39.84 3.34 -2.35
C HIS B 376 -38.88 3.56 -3.52
N SER B 377 -38.99 4.72 -4.15
CA SER B 377 -38.34 4.85 -5.45
C SER B 377 -36.80 4.93 -5.36
N TYR B 378 -36.22 5.07 -4.17
CA TYR B 378 -34.77 4.97 -4.04
C TYR B 378 -34.33 3.65 -3.40
N PHE B 379 -35.22 2.66 -3.30
CA PHE B 379 -34.87 1.37 -2.73
C PHE B 379 -33.55 0.84 -3.28
N SER B 380 -33.33 0.98 -4.60
CA SER B 380 -32.17 0.38 -5.26
C SER B 380 -30.85 0.99 -4.81
N ARG B 381 -30.87 2.16 -4.16
CA ARG B 381 -29.65 2.76 -3.64
C ARG B 381 -29.13 2.06 -2.39
N TYR B 382 -29.87 1.12 -1.83
CA TYR B 382 -29.53 0.51 -0.54
C TYR B 382 -29.00 -0.92 -0.68
N GLY B 383 -28.55 -1.30 -1.88
CA GLY B 383 -28.01 -2.63 -2.09
C GLY B 383 -26.58 -2.74 -1.58
N PRO B 384 -26.03 -3.96 -1.57
CA PRO B 384 -26.65 -5.21 -2.01
C PRO B 384 -27.47 -5.91 -0.94
N ASP B 385 -27.43 -5.37 0.28
CA ASP B 385 -28.08 -5.96 1.45
C ASP B 385 -29.52 -5.49 1.63
N PHE B 386 -29.81 -4.24 1.24
CA PHE B 386 -31.13 -3.63 1.43
C PHE B 386 -31.58 -3.71 2.89
N GLU B 387 -30.63 -3.52 3.82
CA GLU B 387 -30.91 -3.49 5.25
C GLU B 387 -30.63 -2.10 5.83
N LEU B 388 -31.21 -1.85 7.01
CA LEU B 388 -31.13 -0.52 7.65
C LEU B 388 -29.80 -0.29 8.39
N ASP B 389 -29.31 -1.28 9.15
CA ASP B 389 -27.96 -1.23 9.71
C ASP B 389 -26.91 -1.02 8.60
N ILE B 390 -25.96 -0.11 8.84
CA ILE B 390 -24.86 0.06 7.88
C ILE B 390 -24.05 -1.24 7.79
N ASP B 391 -23.39 -1.43 6.63
CA ASP B 391 -22.64 -2.65 6.31
C ASP B 391 -21.21 -2.54 6.86
N TYR B 392 -21.10 -2.71 8.17
CA TYR B 392 -19.83 -2.56 8.87
C TYR B 392 -19.77 -3.58 9.98
N PHE B 393 -18.60 -4.18 10.16
CA PHE B 393 -18.38 -5.23 11.15
C PHE B 393 -17.38 -4.73 12.18
N PRO B 394 -17.85 -4.25 13.34
CA PRO B 394 -16.92 -3.66 14.32
C PRO B 394 -16.00 -4.70 14.93
N HIS B 395 -14.75 -4.30 15.14
CA HIS B 395 -13.70 -5.20 15.64
C HIS B 395 -12.72 -4.38 16.46
N GLU B 396 -11.86 -5.08 17.20
CA GLU B 396 -10.90 -4.38 18.07
C GLU B 396 -9.47 -4.87 17.88
N THR B 401 -5.53 1.15 26.56
CA THR B 401 -5.19 1.72 27.86
C THR B 401 -4.63 3.13 27.74
N LEU B 402 -3.79 3.36 26.74
CA LEU B 402 -3.07 4.62 26.56
C LEU B 402 -3.81 5.62 25.69
N ASP B 403 -4.88 5.19 25.00
CA ASP B 403 -5.64 6.06 24.11
C ASP B 403 -6.72 6.84 24.85
N SER B 404 -6.64 6.94 26.17
CA SER B 404 -7.64 7.60 26.98
C SER B 404 -7.48 9.12 26.88
N ILE B 405 -8.50 9.84 27.35
CA ILE B 405 -8.56 11.30 27.25
C ILE B 405 -8.92 11.94 28.59
N GLN B 406 -8.52 11.30 29.69
CA GLN B 406 -8.94 11.82 31.00
C GLN B 406 -8.36 13.20 31.27
N LYS B 407 -7.18 13.50 30.73
CA LYS B 407 -6.65 14.87 30.87
C LYS B 407 -7.46 15.90 30.08
N HIS B 408 -8.10 15.50 28.98
CA HIS B 408 -9.02 16.42 28.30
C HIS B 408 -10.27 16.69 29.12
N HIS B 409 -10.82 15.64 29.75
CA HIS B 409 -11.93 15.83 30.69
C HIS B 409 -11.56 16.82 31.78
N ARG B 410 -10.35 16.67 32.33
CA ARG B 410 -9.93 17.57 33.40
C ARG B 410 -9.79 19.01 32.88
N ARG B 411 -9.20 19.16 31.69
CA ARG B 411 -9.04 20.50 31.11
C ARG B 411 -10.39 21.17 30.82
N ILE B 412 -11.34 20.39 30.29
CA ILE B 412 -12.63 20.95 29.92
C ILE B 412 -13.43 21.33 31.16
N LEU B 413 -13.40 20.50 32.21
CA LEU B 413 -14.14 20.83 33.42
C LEU B 413 -13.57 22.08 34.10
N GLU B 414 -12.25 22.26 34.06
CA GLU B 414 -11.67 23.49 34.60
C GLU B 414 -12.10 24.70 33.78
N GLN B 415 -12.09 24.56 32.44
CA GLN B 415 -12.61 25.64 31.60
C GLN B 415 -14.07 25.96 31.95
N LEU B 416 -14.87 24.92 32.25
CA LEU B 416 -16.28 25.15 32.56
C LEU B 416 -16.43 25.86 33.89
N ARG B 417 -15.58 25.52 34.87
CA ARG B 417 -15.60 26.24 36.14
C ARG B 417 -15.19 27.69 35.94
N ASN B 418 -14.22 27.94 35.05
CA ASN B 418 -13.80 29.31 34.77
C ASN B 418 -14.89 30.10 34.08
N TYR B 419 -15.65 29.45 33.18
CA TYR B 419 -16.78 30.11 32.55
C TYR B 419 -17.83 30.50 33.59
N ALA B 420 -18.14 29.59 34.53
CA ALA B 420 -19.16 29.86 35.53
C ALA B 420 -18.77 31.03 36.42
N ASP B 421 -17.49 31.11 36.78
CA ASP B 421 -17.00 32.20 37.63
C ASP B 421 -17.07 33.54 36.91
N LEU B 422 -16.54 33.61 35.69
CA LEU B 422 -16.54 34.85 34.93
C LEU B 422 -17.95 35.38 34.75
N ASN B 423 -18.91 34.49 34.55
CA ASN B 423 -20.27 34.89 34.23
C ASN B 423 -21.19 34.86 35.44
N LYS B 424 -20.63 34.64 36.63
CA LYS B 424 -21.37 34.73 37.90
C LYS B 424 -22.51 33.70 37.94
N LEU B 425 -22.23 32.51 37.44
CA LEU B 425 -23.17 31.39 37.44
C LEU B 425 -22.81 30.41 38.55
N ILE B 426 -23.84 29.80 39.14
CA ILE B 426 -23.63 28.76 40.13
C ILE B 426 -22.83 27.62 39.52
N TYR B 427 -21.83 27.14 40.23
CA TYR B 427 -21.08 25.94 39.84
C TYR B 427 -21.39 24.89 40.90
N ASP B 428 -22.26 23.94 40.53
CA ASP B 428 -22.75 22.91 41.44
C ASP B 428 -21.76 21.75 41.42
N TYR B 429 -20.68 21.91 42.21
CA TYR B 429 -19.63 20.92 42.26
C TYR B 429 -20.17 19.53 42.63
N ASP B 430 -21.10 19.47 43.58
CA ASP B 430 -21.59 18.17 44.04
C ASP B 430 -22.27 17.40 42.93
N GLN B 431 -23.07 18.09 42.11
CA GLN B 431 -23.76 17.44 41.01
C GLN B 431 -22.79 16.99 39.91
N VAL B 432 -21.81 17.83 39.58
CA VAL B 432 -20.83 17.43 38.55
C VAL B 432 -19.97 16.28 39.06
N TYR B 433 -19.60 16.31 40.34
CA TYR B 433 -18.81 15.22 40.90
C TYR B 433 -19.56 13.90 40.85
N GLN B 434 -20.83 13.90 41.25
CA GLN B 434 -21.60 12.66 41.28
C GLN B 434 -21.78 12.11 39.88
N LEU B 435 -21.94 13.00 38.90
CA LEU B 435 -22.03 12.61 37.50
C LEU B 435 -20.78 11.85 37.06
N TYR B 436 -19.60 12.42 37.33
CA TYR B 436 -18.36 11.78 36.92
C TYR B 436 -18.05 10.55 37.77
N ASN B 437 -18.48 10.54 39.03
CA ASN B 437 -18.14 9.38 39.85
C ASN B 437 -19.01 8.16 39.53
N LEU B 438 -20.02 8.29 38.68
CA LEU B 438 -20.72 7.11 38.18
C LEU B 438 -19.77 6.20 37.42
N THR B 439 -18.73 6.76 36.82
CA THR B 439 -17.69 6.03 36.12
C THR B 439 -16.38 5.96 36.92
N GLY B 440 -16.42 6.32 38.20
CA GLY B 440 -15.24 6.36 39.02
C GLY B 440 -14.24 7.46 38.70
N MET B 441 -14.68 8.52 38.01
CA MET B 441 -13.79 9.59 37.58
C MET B 441 -14.10 10.93 38.25
N GLY B 442 -14.68 10.88 39.44
CA GLY B 442 -15.01 12.11 40.15
C GLY B 442 -13.79 12.94 40.51
N SER B 443 -12.64 12.29 40.70
CA SER B 443 -11.41 13.03 40.97
C SER B 443 -11.01 13.98 39.85
N LEU B 444 -11.62 13.85 38.67
CA LEU B 444 -11.32 14.77 37.57
C LEU B 444 -12.04 16.12 37.73
N VAL B 445 -12.99 16.22 38.66
CA VAL B 445 -13.87 17.39 38.77
C VAL B 445 -13.20 18.42 39.68
N PRO B 446 -12.99 19.65 39.23
CA PRO B 446 -12.44 20.69 40.11
C PRO B 446 -13.52 21.33 40.97
N ARG B 447 -13.10 21.86 42.11
CA ARG B 447 -14.06 22.52 43.03
C ARG B 447 -14.32 23.97 42.64
N SER C 3 28.13 -18.14 -39.91
CA SER C 3 26.69 -18.13 -40.10
C SER C 3 25.95 -18.05 -38.77
N VAL C 4 25.14 -17.01 -38.56
CA VAL C 4 24.26 -16.94 -37.39
C VAL C 4 22.90 -17.46 -37.83
N GLY C 5 22.45 -18.56 -37.21
CA GLY C 5 21.17 -19.15 -37.52
C GLY C 5 20.07 -18.70 -36.58
N ILE C 6 18.83 -18.77 -37.07
CA ILE C 6 17.63 -18.48 -36.28
C ILE C 6 16.51 -19.42 -36.70
N VAL C 7 15.85 -20.04 -35.72
CA VAL C 7 14.78 -21.02 -35.97
C VAL C 7 13.47 -20.30 -36.28
N TYR C 8 12.89 -20.58 -37.45
CA TYR C 8 11.54 -20.10 -37.74
CA TYR C 8 11.59 -20.01 -37.83
C TYR C 8 10.96 -20.87 -38.92
N GLY C 9 9.65 -20.72 -39.05
CA GLY C 9 8.88 -21.34 -40.12
C GLY C 9 7.43 -20.96 -39.95
N ASP C 10 6.66 -21.14 -41.02
CA ASP C 10 5.25 -20.74 -40.97
C ASP C 10 4.46 -21.57 -39.97
N GLN C 11 4.56 -22.90 -40.06
CA GLN C 11 3.88 -23.75 -39.09
C GLN C 11 4.44 -23.54 -37.70
N TYR C 12 5.77 -23.40 -37.59
CA TYR C 12 6.40 -23.18 -36.28
C TYR C 12 5.84 -21.93 -35.61
N ARG C 13 5.73 -20.84 -36.37
CA ARG C 13 5.15 -19.62 -35.83
C ARG C 13 3.74 -19.85 -35.29
N GLN C 14 2.90 -20.54 -36.07
CA GLN C 14 1.53 -20.75 -35.62
C GLN C 14 1.47 -21.51 -34.31
N LEU C 15 2.30 -22.56 -34.17
CA LEU C 15 2.22 -23.38 -32.94
C LEU C 15 2.82 -22.64 -31.74
N CYS C 16 3.93 -21.91 -31.94
CA CYS C 16 4.47 -21.11 -30.85
C CYS C 16 3.53 -20.00 -30.39
N CYS C 17 2.55 -19.62 -31.22
CA CYS C 17 1.59 -18.58 -30.87
C CYS C 17 0.24 -19.15 -30.44
N SER C 18 0.16 -20.45 -30.16
CA SER C 18 -1.12 -21.10 -29.94
C SER C 18 -1.41 -21.37 -28.46
N SER C 19 -0.54 -20.86 -27.52
CA SER C 19 -0.81 -21.19 -26.12
C SER C 19 -1.53 -20.04 -25.40
N PRO C 20 -2.29 -20.35 -24.36
CA PRO C 20 -2.97 -19.27 -23.60
C PRO C 20 -1.99 -18.36 -22.85
N LYS C 21 -0.93 -18.92 -22.28
CA LYS C 21 -0.04 -18.10 -21.45
C LYS C 21 0.85 -17.19 -22.30
N PHE C 22 1.43 -17.69 -23.40
CA PHE C 22 2.37 -16.85 -24.12
C PHE C 22 1.77 -16.19 -25.36
N GLY C 23 0.52 -16.48 -25.69
CA GLY C 23 -0.19 -15.71 -26.70
C GLY C 23 0.61 -15.55 -27.98
N ASP C 24 0.67 -14.31 -28.48
CA ASP C 24 1.37 -14.04 -29.75
C ASP C 24 2.78 -13.48 -29.55
N ARG C 25 3.40 -13.76 -28.40
CA ARG C 25 4.72 -13.18 -28.11
C ARG C 25 5.74 -13.52 -29.18
N TYR C 26 5.77 -14.79 -29.64
CA TYR C 26 6.78 -15.20 -30.63
C TYR C 26 6.64 -14.42 -31.93
N ALA C 27 5.41 -14.11 -32.35
CA ALA C 27 5.21 -13.33 -33.57
C ALA C 27 5.72 -11.90 -33.40
N LEU C 28 5.48 -11.28 -32.24
CA LEU C 28 6.01 -9.95 -32.02
C LEU C 28 7.53 -9.95 -32.07
N VAL C 29 8.16 -10.94 -31.43
CA VAL C 29 9.62 -11.05 -31.44
C VAL C 29 10.13 -11.18 -32.87
N MET C 30 9.63 -12.16 -33.61
CA MET C 30 10.17 -12.41 -34.94
C MET C 30 9.84 -11.29 -35.92
N ASP C 31 8.67 -10.67 -35.79
CA ASP C 31 8.34 -9.58 -36.70
C ASP C 31 9.13 -8.30 -36.40
N LEU C 32 9.48 -8.05 -35.13
CA LEU C 32 10.33 -6.90 -34.86
C LEU C 32 11.73 -7.10 -35.41
N ILE C 33 12.25 -8.33 -35.27
CA ILE C 33 13.54 -8.66 -35.90
C ILE C 33 13.45 -8.46 -37.40
N ASN C 34 12.31 -8.82 -37.97
CA ASN C 34 12.12 -8.61 -39.41
C ASN C 34 11.99 -7.12 -39.76
N ALA C 35 11.26 -6.36 -38.95
CA ALA C 35 11.05 -4.94 -39.26
C ALA C 35 12.35 -4.14 -39.18
N TYR C 36 13.30 -4.58 -38.34
CA TYR C 36 14.61 -3.92 -38.30
C TYR C 36 15.57 -4.43 -39.37
N LYS C 37 15.08 -5.25 -40.32
CA LYS C 37 15.86 -5.71 -41.48
C LYS C 37 17.03 -6.62 -41.09
N LEU C 38 16.87 -7.38 -40.02
CA LEU C 38 17.88 -8.33 -39.57
C LEU C 38 17.74 -9.70 -40.22
N ILE C 39 16.57 -10.01 -40.77
CA ILE C 39 16.29 -11.37 -41.26
C ILE C 39 17.21 -11.76 -42.40
N PRO C 40 17.53 -10.88 -43.38
CA PRO C 40 18.49 -11.26 -44.42
C PRO C 40 19.91 -11.53 -43.93
N GLU C 41 20.25 -11.14 -42.69
CA GLU C 41 21.58 -11.43 -42.15
C GLU C 41 21.69 -12.83 -41.57
N LEU C 42 20.57 -13.52 -41.44
CA LEU C 42 20.48 -14.74 -40.65
C LEU C 42 20.12 -15.92 -41.54
N SER C 43 20.64 -17.08 -41.17
CA SER C 43 20.35 -18.35 -41.82
C SER C 43 19.14 -19.01 -41.15
N ARG C 44 18.04 -19.22 -41.87
CA ARG C 44 16.89 -19.86 -41.26
CA ARG C 44 16.88 -19.86 -41.27
C ARG C 44 17.18 -21.33 -40.96
N VAL C 45 16.95 -21.73 -39.72
CA VAL C 45 17.14 -23.12 -39.28
C VAL C 45 15.76 -23.77 -39.20
N PRO C 46 15.43 -24.71 -40.08
CA PRO C 46 14.08 -25.31 -40.06
C PRO C 46 13.93 -26.26 -38.89
N PRO C 47 12.77 -26.23 -38.22
CA PRO C 47 12.54 -27.19 -37.12
C PRO C 47 12.65 -28.62 -37.60
N LEU C 48 13.17 -29.49 -36.73
CA LEU C 48 13.31 -30.90 -37.04
C LEU C 48 11.94 -31.57 -37.18
N GLN C 49 11.78 -32.41 -38.20
CA GLN C 49 10.62 -33.29 -38.32
C GLN C 49 11.10 -34.74 -38.43
N TRP C 50 10.21 -35.67 -38.05
CA TRP C 50 10.60 -37.09 -37.93
C TRP C 50 9.93 -37.95 -39.00
N ASP C 51 10.51 -39.13 -39.19
CA ASP C 51 10.10 -40.05 -40.24
C ASP C 51 8.95 -40.96 -39.82
N SER C 52 8.53 -40.91 -38.55
CA SER C 52 7.48 -41.78 -38.04
C SER C 52 7.15 -41.35 -36.61
N PRO C 53 5.98 -41.74 -36.09
CA PRO C 53 5.70 -41.54 -34.67
C PRO C 53 6.70 -42.25 -33.75
N SER C 54 7.17 -43.43 -34.14
CA SER C 54 8.16 -44.12 -33.31
C SER C 54 9.47 -43.35 -33.22
N ARG C 55 9.87 -42.67 -34.29
CA ARG C 55 11.11 -41.88 -34.23
C ARG C 55 10.93 -40.62 -33.41
N MET C 56 9.75 -40.01 -33.48
CA MET C 56 9.45 -38.87 -32.61
C MET C 56 9.52 -39.29 -31.14
N TYR C 57 8.91 -40.42 -30.80
CA TYR C 57 8.90 -40.88 -29.41
C TYR C 57 10.31 -41.20 -28.93
N GLU C 58 11.12 -41.82 -29.79
CA GLU C 58 12.49 -42.14 -29.44
C GLU C 58 13.28 -40.88 -29.13
N ALA C 59 13.02 -39.80 -29.87
CA ALA C 59 13.71 -38.55 -29.61
C ALA C 59 13.28 -37.93 -28.29
N VAL C 60 11.96 -37.79 -28.08
CA VAL C 60 11.46 -37.11 -26.89
C VAL C 60 11.75 -37.92 -25.62
N THR C 61 11.63 -39.26 -25.71
CA THR C 61 11.87 -40.05 -24.50
C THR C 61 13.36 -40.33 -24.29
N ALA C 62 14.26 -39.67 -25.01
CA ALA C 62 15.65 -39.64 -24.56
C ALA C 62 15.75 -38.99 -23.18
N PHE C 63 14.80 -38.13 -22.84
CA PHE C 63 14.72 -37.56 -21.49
C PHE C 63 13.42 -37.91 -20.78
N HIS C 64 12.27 -37.66 -21.40
CA HIS C 64 11.02 -37.83 -20.70
C HIS C 64 10.58 -39.29 -20.68
N SER C 65 9.77 -39.64 -19.67
CA SER C 65 9.26 -40.99 -19.61
C SER C 65 8.22 -41.21 -20.70
N THR C 66 8.08 -42.47 -21.14
CA THR C 66 7.08 -42.76 -22.15
C THR C 66 5.67 -42.53 -21.62
N GLU C 67 5.43 -42.80 -20.33
CA GLU C 67 4.10 -42.61 -19.79
C GLU C 67 3.76 -41.13 -19.64
N TYR C 68 4.76 -40.29 -19.35
CA TYR C 68 4.50 -38.84 -19.37
C TYR C 68 4.16 -38.36 -20.78
N VAL C 69 4.92 -38.81 -21.79
CA VAL C 69 4.63 -38.39 -23.17
C VAL C 69 3.23 -38.88 -23.59
N ASP C 70 2.89 -40.11 -23.21
CA ASP C 70 1.56 -40.64 -23.51
C ASP C 70 0.47 -39.75 -22.93
N ALA C 71 0.64 -39.34 -21.68
CA ALA C 71 -0.37 -38.53 -21.00
C ALA C 71 -0.50 -37.16 -21.64
N LEU C 72 0.64 -36.57 -22.07
CA LEU C 72 0.59 -35.26 -22.69
C LEU C 72 -0.10 -35.31 -24.05
N LYS C 73 0.07 -36.42 -24.78
CA LYS C 73 -0.66 -36.57 -26.04
C LYS C 73 -2.15 -36.74 -25.79
N LYS C 74 -2.53 -37.55 -24.80
CA LYS C 74 -3.94 -37.75 -24.46
C LYS C 74 -4.58 -36.43 -23.99
N LEU C 75 -3.84 -35.60 -23.26
CA LEU C 75 -4.40 -34.33 -22.80
C LEU C 75 -4.82 -33.45 -23.98
N GLN C 76 -3.98 -33.37 -25.02
CA GLN C 76 -4.36 -32.63 -26.21
C GLN C 76 -5.58 -33.25 -26.88
N MET C 77 -5.60 -34.58 -26.99
CA MET C 77 -6.75 -35.24 -27.60
C MET C 77 -8.05 -34.89 -26.86
N LEU C 78 -8.01 -34.94 -25.52
CA LEU C 78 -9.21 -34.66 -24.72
C LEU C 78 -9.66 -33.22 -24.86
N HIS C 79 -8.71 -32.29 -24.96
CA HIS C 79 -9.07 -30.89 -25.13
C HIS C 79 -9.52 -30.57 -26.55
N CYS C 80 -9.35 -31.49 -27.49
CA CYS C 80 -9.82 -31.29 -28.86
C CYS C 80 -11.24 -31.81 -29.10
N GLU C 81 -11.91 -32.32 -28.07
CA GLU C 81 -13.23 -32.90 -28.25
C GLU C 81 -14.29 -32.29 -27.32
N GLU C 84 -15.79 -33.47 -21.41
CA GLU C 84 -15.23 -33.37 -20.08
C GLU C 84 -14.43 -34.61 -19.73
N LEU C 85 -13.50 -34.46 -18.80
CA LEU C 85 -12.66 -35.59 -18.39
C LEU C 85 -13.40 -36.48 -17.41
N THR C 86 -13.11 -37.78 -17.48
CA THR C 86 -13.54 -38.70 -16.45
C THR C 86 -12.69 -38.52 -15.20
N ALA C 87 -13.18 -39.09 -14.08
CA ALA C 87 -12.43 -38.98 -12.83
C ALA C 87 -11.09 -39.69 -12.93
N ASP C 88 -11.00 -40.78 -13.67
CA ASP C 88 -9.71 -41.45 -13.85
C ASP C 88 -8.79 -40.64 -14.75
N ASP C 89 -9.33 -39.98 -15.78
CA ASP C 89 -8.49 -39.14 -16.62
C ASP C 89 -7.92 -37.97 -15.82
N GLU C 90 -8.71 -37.41 -14.89
CA GLU C 90 -8.21 -36.28 -14.11
C GLU C 90 -7.11 -36.72 -13.15
N LEU C 91 -7.25 -37.91 -12.55
CA LEU C 91 -6.18 -38.43 -11.70
C LEU C 91 -4.91 -38.69 -12.50
N LEU C 92 -5.05 -39.22 -13.73
CA LEU C 92 -3.88 -39.46 -14.57
C LEU C 92 -3.14 -38.15 -14.84
N MET C 93 -3.87 -37.11 -15.27
CA MET C 93 -3.24 -35.81 -15.52
C MET C 93 -2.63 -35.24 -14.24
N ASP C 94 -3.34 -35.34 -13.11
CA ASP C 94 -2.82 -34.81 -11.85
C ASP C 94 -1.53 -35.52 -11.43
N SER C 95 -1.40 -36.81 -11.75
CA SER C 95 -0.17 -37.52 -11.40
C SER C 95 1.06 -37.02 -12.17
N PHE C 96 0.87 -36.25 -13.25
CA PHE C 96 1.95 -35.69 -14.02
C PHE C 96 2.01 -34.17 -13.90
N SER C 97 1.26 -33.60 -12.94
CA SER C 97 1.13 -32.15 -12.73
C SER C 97 0.62 -31.44 -13.99
N LEU C 98 -0.20 -32.14 -14.78
CA LEU C 98 -0.83 -31.52 -15.94
C LEU C 98 -2.14 -30.87 -15.48
N ASN C 99 -1.97 -29.81 -14.70
CA ASN C 99 -3.06 -29.07 -14.09
C ASN C 99 -2.56 -27.70 -13.64
N TYR C 100 -3.50 -26.89 -13.13
CA TYR C 100 -3.20 -25.60 -12.49
C TYR C 100 -2.36 -24.72 -13.38
N ASP C 101 -1.06 -24.56 -13.05
CA ASP C 101 -0.16 -23.74 -13.85
C ASP C 101 0.20 -24.37 -15.19
N CYS C 102 -0.07 -25.66 -15.40
CA CYS C 102 0.24 -26.33 -16.66
C CYS C 102 -1.03 -26.98 -17.20
N PRO C 103 -2.02 -26.17 -17.57
CA PRO C 103 -3.30 -26.73 -17.98
C PRO C 103 -3.25 -27.32 -19.38
N GLY C 104 -4.28 -28.09 -19.71
CA GLY C 104 -4.48 -28.52 -21.08
C GLY C 104 -5.07 -27.41 -21.92
N PHE C 105 -4.80 -27.50 -23.22
CA PHE C 105 -5.47 -26.68 -24.24
C PHE C 105 -5.36 -27.44 -25.56
N PRO C 106 -6.16 -27.07 -26.57
CA PRO C 106 -6.26 -27.93 -27.76
C PRO C 106 -4.94 -28.22 -28.48
N SER C 107 -3.91 -27.38 -28.35
CA SER C 107 -2.65 -27.62 -29.05
C SER C 107 -1.50 -27.95 -28.11
N VAL C 108 -1.79 -28.42 -26.90
CA VAL C 108 -0.76 -28.43 -25.86
C VAL C 108 0.41 -29.33 -26.25
N PHE C 109 0.14 -30.47 -26.89
CA PHE C 109 1.26 -31.35 -27.28
C PHE C 109 2.01 -30.78 -28.48
N ASP C 110 1.30 -30.35 -29.53
CA ASP C 110 1.97 -29.79 -30.69
C ASP C 110 2.78 -28.55 -30.33
N TYR C 111 2.22 -27.69 -29.48
CA TYR C 111 2.93 -26.51 -28.98
C TYR C 111 4.22 -26.89 -28.26
N SER C 112 4.12 -27.82 -27.29
CA SER C 112 5.31 -28.19 -26.51
CA SER C 112 5.30 -28.21 -26.51
C SER C 112 6.34 -28.91 -27.37
N LEU C 113 5.88 -29.79 -28.27
CA LEU C 113 6.79 -30.50 -29.17
C LEU C 113 7.52 -29.54 -30.11
N ALA C 114 6.85 -28.46 -30.53
CA ALA C 114 7.47 -27.51 -31.45
C ALA C 114 8.79 -26.98 -30.90
N ALA C 115 8.80 -26.58 -29.63
CA ALA C 115 10.05 -26.07 -29.04
C ALA C 115 11.15 -27.13 -29.11
N VAL C 116 10.80 -28.40 -28.91
CA VAL C 116 11.80 -29.46 -29.02
C VAL C 116 12.33 -29.56 -30.45
N GLN C 117 11.43 -29.50 -31.45
CA GLN C 117 11.85 -29.58 -32.85
C GLN C 117 12.81 -28.44 -33.20
N GLY C 118 12.53 -27.23 -32.73
CA GLY C 118 13.39 -26.10 -33.04
C GLY C 118 14.76 -26.20 -32.39
N SER C 119 14.81 -26.59 -31.11
CA SER C 119 16.07 -26.63 -30.39
C SER C 119 16.93 -27.82 -30.78
N LEU C 120 16.32 -28.97 -31.13
CA LEU C 120 17.10 -30.08 -31.67
C LEU C 120 17.68 -29.73 -33.03
N ALA C 121 16.88 -29.10 -33.90
CA ALA C 121 17.40 -28.63 -35.16
C ALA C 121 18.57 -27.65 -34.94
N ALA C 122 18.43 -26.74 -33.97
CA ALA C 122 19.50 -25.78 -33.69
C ALA C 122 20.79 -26.48 -33.26
N ALA C 123 20.68 -27.48 -32.37
CA ALA C 123 21.84 -28.27 -32.00
C ALA C 123 22.48 -28.93 -33.23
N SER C 124 21.68 -29.52 -34.12
CA SER C 124 22.24 -30.20 -35.27
C SER C 124 23.00 -29.24 -36.18
N ALA C 125 22.51 -28.00 -36.28
CA ALA C 125 23.21 -27.02 -37.11
C ALA C 125 24.53 -26.59 -36.48
N LEU C 126 24.65 -26.60 -35.14
CA LEU C 126 25.97 -26.35 -34.54
C LEU C 126 26.92 -27.52 -34.78
N ILE C 127 26.42 -28.75 -34.64
CA ILE C 127 27.28 -29.93 -34.69
C ILE C 127 27.94 -30.08 -36.06
N CYS C 128 27.15 -29.92 -37.13
CA CYS C 128 27.67 -30.05 -38.48
C CYS C 128 28.38 -28.78 -38.96
N ARG C 129 28.52 -27.79 -38.09
CA ARG C 129 29.27 -26.56 -38.36
C ARG C 129 28.61 -25.67 -39.41
N HIS C 130 27.32 -25.85 -39.66
CA HIS C 130 26.63 -24.95 -40.58
C HIS C 130 26.51 -23.54 -39.99
N CYS C 131 26.33 -23.44 -38.67
CA CYS C 131 26.21 -22.16 -37.98
C CYS C 131 27.18 -22.10 -36.81
N GLU C 132 27.74 -20.92 -36.54
CA GLU C 132 28.55 -20.75 -35.34
C GLU C 132 27.69 -20.48 -34.11
N VAL C 133 26.54 -19.84 -34.30
CA VAL C 133 25.58 -19.57 -33.24
C VAL C 133 24.21 -19.85 -33.83
N VAL C 134 23.28 -20.40 -33.03
CA VAL C 134 21.88 -20.49 -33.46
C VAL C 134 20.97 -19.94 -32.38
N ILE C 135 19.99 -19.12 -32.78
CA ILE C 135 19.00 -18.52 -31.90
C ILE C 135 17.67 -19.25 -32.09
N ASN C 136 17.02 -19.63 -30.99
CA ASN C 136 15.64 -20.14 -31.06
C ASN C 136 14.79 -19.41 -30.03
N TRP C 137 14.11 -18.34 -30.47
CA TRP C 137 13.25 -17.60 -29.53
C TRP C 137 11.93 -18.31 -29.20
N GLY C 138 11.69 -19.51 -29.75
CA GLY C 138 10.57 -20.35 -29.40
C GLY C 138 10.89 -21.44 -28.38
N GLY C 139 12.15 -21.54 -27.94
CA GLY C 139 12.57 -22.53 -26.98
C GLY C 139 12.98 -21.92 -25.66
N GLY C 140 13.51 -22.78 -24.78
CA GLY C 140 14.03 -22.31 -23.50
C GLY C 140 13.23 -22.74 -22.28
N TRP C 141 12.53 -23.87 -22.35
CA TRP C 141 11.53 -24.23 -21.32
C TRP C 141 12.18 -25.09 -20.23
N HIS C 142 12.90 -24.41 -19.32
CA HIS C 142 13.84 -25.07 -18.42
C HIS C 142 13.22 -25.79 -17.22
N HIS C 143 11.92 -25.62 -16.92
CA HIS C 143 11.34 -26.22 -15.72
C HIS C 143 10.84 -27.66 -15.89
N ALA C 144 10.57 -28.12 -17.11
CA ALA C 144 9.93 -29.43 -17.28
C ALA C 144 10.86 -30.56 -16.84
N LYS C 145 10.28 -31.56 -16.17
CA LYS C 145 11.02 -32.69 -15.61
C LYS C 145 10.74 -33.96 -16.39
N ARG C 146 11.48 -35.02 -16.04
CA ARG C 146 11.34 -36.30 -16.73
C ARG C 146 9.87 -36.72 -16.87
N SER C 147 9.10 -36.66 -15.78
CA SER C 147 7.69 -37.07 -15.78
C SER C 147 6.81 -36.03 -15.11
N GLU C 148 7.05 -34.74 -15.35
CA GLU C 148 6.25 -33.73 -14.68
C GLU C 148 6.35 -32.39 -15.42
N ALA C 149 5.20 -31.77 -15.70
CA ALA C 149 5.15 -30.41 -16.21
C ALA C 149 5.34 -29.44 -15.06
N SER C 150 5.86 -28.24 -15.36
CA SER C 150 6.13 -27.29 -14.30
C SER C 150 6.31 -25.90 -14.90
N GLY C 151 5.69 -24.91 -14.27
CA GLY C 151 5.94 -23.53 -14.67
C GLY C 151 5.62 -23.22 -16.12
N PHE C 152 4.53 -23.81 -16.64
CA PHE C 152 4.11 -23.76 -18.05
C PHE C 152 5.15 -24.34 -19.02
N CYS C 153 6.04 -25.21 -18.53
CA CYS C 153 6.97 -25.95 -19.38
C CYS C 153 6.52 -27.41 -19.40
N TYR C 154 6.21 -27.93 -20.58
CA TYR C 154 5.69 -29.29 -20.70
C TYR C 154 6.71 -30.30 -21.20
N LEU C 155 7.59 -29.89 -22.09
CA LEU C 155 8.71 -30.69 -22.59
C LEU C 155 9.97 -29.84 -22.52
N ASN C 156 11.05 -30.44 -22.04
CA ASN C 156 12.28 -29.69 -21.80
C ASN C 156 13.15 -29.75 -23.06
N ASP C 157 12.95 -28.77 -23.94
CA ASP C 157 13.73 -28.69 -25.17
C ASP C 157 15.21 -28.46 -24.90
N ILE C 158 15.54 -27.80 -23.78
CA ILE C 158 16.94 -27.54 -23.44
C ILE C 158 17.67 -28.84 -23.15
N VAL C 159 17.10 -29.67 -22.26
CA VAL C 159 17.76 -30.92 -21.92
C VAL C 159 18.02 -31.74 -23.17
N LEU C 160 17.01 -31.82 -24.06
CA LEU C 160 17.14 -32.66 -25.25
C LEU C 160 18.19 -32.11 -26.20
N ALA C 161 18.26 -30.78 -26.34
CA ALA C 161 19.28 -30.17 -27.18
C ALA C 161 20.68 -30.40 -26.60
N ILE C 162 20.83 -30.23 -25.28
CA ILE C 162 22.13 -30.47 -24.65
C ILE C 162 22.53 -31.93 -24.81
N HIS C 163 21.56 -32.84 -24.65
CA HIS C 163 21.88 -34.26 -24.81
C HIS C 163 22.41 -34.55 -26.20
N ARG C 164 21.82 -33.94 -27.23
CA ARG C 164 22.33 -34.14 -28.59
C ARG C 164 23.72 -33.54 -28.76
N LEU C 165 23.98 -32.35 -28.18
CA LEU C 165 25.32 -31.76 -28.26
C LEU C 165 26.35 -32.63 -27.57
N VAL C 166 26.09 -33.01 -26.31
CA VAL C 166 27.12 -33.68 -25.54
C VAL C 166 27.39 -35.09 -26.06
N SER C 167 26.45 -35.67 -26.82
CA SER C 167 26.62 -37.00 -27.40
CA SER C 167 26.64 -37.00 -27.38
C SER C 167 27.29 -36.99 -28.77
N SER C 168 27.54 -35.81 -29.33
CA SER C 168 28.15 -35.70 -30.64
C SER C 168 29.66 -35.87 -30.57
N THR C 169 30.24 -36.23 -31.70
CA THR C 169 31.69 -36.39 -31.82
C THR C 169 32.36 -35.11 -32.31
N GLN C 178 35.14 -36.32 -24.09
CA GLN C 178 35.87 -35.07 -23.83
C GLN C 178 35.06 -33.86 -24.31
N THR C 179 33.91 -34.12 -24.95
CA THR C 179 32.95 -33.04 -25.22
C THR C 179 32.28 -32.63 -23.91
N ARG C 180 32.35 -31.34 -23.58
CA ARG C 180 31.62 -30.81 -22.45
C ARG C 180 30.74 -29.65 -22.92
N VAL C 181 29.61 -29.47 -22.23
CA VAL C 181 28.69 -28.37 -22.53
C VAL C 181 28.62 -27.49 -21.28
N LEU C 182 28.70 -26.17 -21.47
CA LEU C 182 28.39 -25.20 -20.42
C LEU C 182 26.99 -24.63 -20.68
N TYR C 183 26.10 -24.80 -19.71
CA TYR C 183 24.75 -24.25 -19.71
C TYR C 183 24.70 -23.02 -18.82
N VAL C 184 24.20 -21.89 -19.35
CA VAL C 184 24.09 -20.62 -18.63
C VAL C 184 22.62 -20.20 -18.64
N ASP C 185 22.03 -20.01 -17.45
CA ASP C 185 20.60 -19.71 -17.32
C ASP C 185 20.43 -18.31 -16.74
N LEU C 186 20.04 -17.35 -17.58
CA LEU C 186 19.92 -15.95 -17.16
C LEU C 186 18.49 -15.56 -16.78
N ASP C 187 17.54 -16.50 -16.85
CA ASP C 187 16.14 -16.26 -16.48
C ASP C 187 16.03 -15.76 -15.04
N LEU C 188 14.97 -14.98 -14.76
CA LEU C 188 14.67 -14.57 -13.40
C LEU C 188 14.50 -15.75 -12.44
N HIS C 189 14.09 -16.91 -12.96
CA HIS C 189 13.82 -18.10 -12.16
C HIS C 189 14.94 -19.15 -12.26
N HIS C 190 15.09 -19.96 -11.20
CA HIS C 190 16.08 -21.04 -11.19
C HIS C 190 15.79 -22.07 -12.27
N GLY C 191 16.82 -22.42 -13.04
CA GLY C 191 16.68 -23.47 -14.06
C GLY C 191 16.73 -24.87 -13.47
N ASP C 192 15.67 -25.24 -12.72
CA ASP C 192 15.72 -26.47 -11.94
C ASP C 192 15.66 -27.72 -12.82
N GLY C 193 14.83 -27.70 -13.87
CA GLY C 193 14.67 -28.92 -14.68
C GLY C 193 15.96 -29.32 -15.38
N VAL C 194 16.68 -28.34 -15.94
CA VAL C 194 17.96 -28.62 -16.60
C VAL C 194 19.01 -29.04 -15.58
N GLU C 195 19.05 -28.37 -14.43
CA GLU C 195 19.96 -28.76 -13.35
C GLU C 195 19.74 -30.21 -12.94
N GLU C 196 18.48 -30.57 -12.72
CA GLU C 196 18.15 -31.89 -12.20
C GLU C 196 18.52 -32.98 -13.21
N ALA C 197 18.34 -32.69 -14.49
CA ALA C 197 18.59 -33.70 -15.53
C ALA C 197 20.04 -34.11 -15.58
N PHE C 198 20.97 -33.17 -15.31
CA PHE C 198 22.41 -33.39 -15.39
C PHE C 198 23.09 -33.39 -14.02
N TRP C 199 22.31 -33.52 -12.95
CA TRP C 199 22.81 -33.50 -11.58
C TRP C 199 23.94 -34.50 -11.34
N TYR C 200 23.93 -35.64 -12.05
CA TYR C 200 24.97 -36.65 -11.91
C TYR C 200 25.98 -36.66 -13.07
N SER C 201 25.96 -35.64 -13.94
CA SER C 201 26.77 -35.66 -15.16
C SER C 201 27.87 -34.61 -15.10
N PRO C 202 29.14 -35.01 -15.06
CA PRO C 202 30.22 -34.01 -15.05
C PRO C 202 30.40 -33.29 -16.38
N ARG C 203 29.96 -33.86 -17.50
CA ARG C 203 30.24 -33.27 -18.81
C ARG C 203 29.24 -32.18 -19.19
N VAL C 204 28.20 -31.94 -18.40
CA VAL C 204 27.30 -30.80 -18.60
C VAL C 204 27.31 -30.00 -17.31
N VAL C 205 27.97 -28.84 -17.33
CA VAL C 205 28.04 -27.98 -16.15
C VAL C 205 26.93 -26.94 -16.28
N THR C 206 26.13 -26.79 -15.23
CA THR C 206 24.98 -25.89 -15.26
C THR C 206 25.25 -24.72 -14.33
N PHE C 207 24.86 -23.52 -14.74
CA PHE C 207 25.05 -22.33 -13.92
C PHE C 207 23.79 -21.47 -14.10
N SER C 208 23.03 -21.29 -13.02
CA SER C 208 21.85 -20.44 -13.03
C SER C 208 22.09 -19.23 -12.14
N VAL C 209 21.76 -18.03 -12.64
CA VAL C 209 21.64 -16.83 -11.83
C VAL C 209 20.16 -16.45 -11.81
N HIS C 210 19.63 -16.09 -10.64
CA HIS C 210 18.17 -15.98 -10.49
C HIS C 210 17.86 -15.27 -9.18
N HIS C 211 16.60 -14.84 -9.04
CA HIS C 211 16.07 -14.51 -7.73
C HIS C 211 15.67 -15.75 -6.94
N ALA C 212 15.92 -15.74 -5.64
CA ALA C 212 15.39 -16.72 -4.72
C ALA C 212 14.99 -16.03 -3.42
N SER C 213 13.83 -16.39 -2.89
CA SER C 213 13.32 -15.89 -1.60
C SER C 213 12.21 -16.82 -1.15
N PRO C 214 11.86 -16.80 0.14
CA PRO C 214 10.92 -17.83 0.64
C PRO C 214 9.59 -17.77 -0.09
N GLY C 215 9.20 -18.91 -0.66
CA GLY C 215 7.93 -19.02 -1.34
C GLY C 215 7.96 -18.58 -2.79
N PHE C 216 9.09 -18.10 -3.29
CA PHE C 216 9.20 -17.70 -4.69
C PHE C 216 9.48 -18.94 -5.54
N PHE C 217 8.78 -19.04 -6.67
CA PHE C 217 8.92 -20.18 -7.59
C PHE C 217 10.32 -20.29 -8.22
N PRO C 218 10.86 -21.52 -8.35
CA PRO C 218 10.37 -22.83 -7.94
C PRO C 218 10.83 -23.27 -6.54
N GLY C 219 11.68 -22.47 -5.91
CA GLY C 219 12.12 -22.69 -4.54
C GLY C 219 13.55 -23.16 -4.40
N THR C 220 14.15 -23.70 -5.46
CA THR C 220 15.49 -24.27 -5.42
C THR C 220 16.53 -23.25 -5.90
N GLY C 221 17.77 -23.72 -6.03
CA GLY C 221 18.87 -22.86 -6.44
C GLY C 221 19.41 -21.97 -5.34
N THR C 222 19.30 -22.40 -4.08
CA THR C 222 19.72 -21.54 -2.98
C THR C 222 20.09 -22.43 -1.79
N TRP C 223 20.29 -21.79 -0.64
CA TRP C 223 20.77 -22.51 0.54
C TRP C 223 19.81 -23.62 0.98
N ASN C 224 20.38 -24.72 1.45
CA ASN C 224 19.63 -25.86 1.96
C ASN C 224 19.81 -25.91 3.48
N MET C 225 18.69 -25.90 4.21
CA MET C 225 18.72 -26.01 5.67
C MET C 225 18.34 -27.40 6.14
N LYS C 230 23.61 -27.22 12.26
CA LYS C 230 24.71 -26.87 11.36
C LYS C 230 24.30 -25.76 10.38
N LEU C 231 25.31 -25.02 9.91
CA LEU C 231 25.09 -23.95 8.94
C LEU C 231 24.52 -24.52 7.64
N PRO C 232 23.65 -23.78 6.95
CA PRO C 232 23.14 -24.25 5.67
C PRO C 232 24.24 -24.32 4.63
N ILE C 233 24.00 -25.12 3.59
CA ILE C 233 25.00 -25.34 2.55
C ILE C 233 24.30 -25.43 1.20
N PHE C 234 25.09 -25.21 0.14
CA PHE C 234 24.64 -25.36 -1.24
C PHE C 234 24.89 -26.77 -1.72
N LEU C 235 23.83 -27.49 -2.06
CA LEU C 235 24.00 -28.69 -2.86
C LEU C 235 24.51 -28.28 -4.24
N ASN C 236 25.36 -29.12 -4.85
CA ASN C 236 25.97 -28.72 -6.12
C ASN C 236 26.19 -29.91 -7.06
N GLY C 237 25.37 -30.93 -6.96
CA GLY C 237 25.52 -32.15 -7.73
C GLY C 237 25.87 -33.33 -6.84
N ALA C 238 25.83 -34.52 -7.44
CA ALA C 238 26.12 -35.71 -6.65
C ALA C 238 26.73 -36.80 -7.52
N GLY C 239 27.35 -37.78 -6.87
CA GLY C 239 27.97 -38.86 -7.62
C GLY C 239 29.12 -38.36 -8.46
N ARG C 240 29.20 -38.85 -9.70
CA ARG C 240 30.17 -38.31 -10.63
C ARG C 240 29.92 -36.84 -10.94
N GLY C 241 28.70 -36.35 -10.69
CA GLY C 241 28.35 -34.96 -10.94
C GLY C 241 28.64 -33.98 -9.82
N ARG C 242 29.26 -34.40 -8.72
CA ARG C 242 29.54 -33.48 -7.63
C ARG C 242 30.34 -32.28 -8.14
N PHE C 243 29.96 -31.08 -7.67
CA PHE C 243 30.58 -29.78 -7.99
C PHE C 243 30.23 -29.27 -9.39
N SER C 244 29.36 -29.95 -10.12
CA SER C 244 29.07 -29.57 -11.50
C SER C 244 27.79 -28.75 -11.66
N ALA C 245 27.07 -28.43 -10.57
CA ALA C 245 25.85 -27.63 -10.65
C ALA C 245 26.03 -26.34 -9.85
N PHE C 246 26.11 -25.21 -10.56
CA PHE C 246 26.42 -23.90 -9.97
C PHE C 246 25.18 -23.01 -9.91
N ASN C 247 25.11 -22.20 -8.85
CA ASN C 247 23.96 -21.34 -8.59
C ASN C 247 24.40 -20.03 -7.95
N LEU C 248 23.79 -18.93 -8.37
CA LEU C 248 23.98 -17.63 -7.74
C LEU C 248 22.61 -16.99 -7.48
N PRO C 249 22.05 -17.14 -6.28
CA PRO C 249 20.79 -16.48 -5.97
C PRO C 249 21.02 -15.05 -5.53
N LEU C 250 20.12 -14.16 -5.95
CA LEU C 250 20.29 -12.73 -5.71
C LEU C 250 19.00 -12.14 -5.17
N GLU C 251 19.15 -11.11 -4.33
CA GLU C 251 18.01 -10.38 -3.79
C GLU C 251 17.34 -9.52 -4.87
N GLU C 252 16.09 -9.15 -4.62
CA GLU C 252 15.37 -8.32 -5.58
C GLU C 252 15.99 -6.93 -5.69
N GLY C 253 15.75 -6.28 -6.82
CA GLY C 253 16.15 -4.91 -7.05
C GLY C 253 17.42 -4.68 -7.85
N ILE C 254 18.12 -5.74 -8.27
CA ILE C 254 19.46 -5.58 -8.86
C ILE C 254 19.38 -4.91 -10.23
N ASN C 255 20.35 -4.00 -10.50
CA ASN C 255 20.38 -3.23 -11.73
C ASN C 255 21.35 -3.85 -12.75
N ASP C 256 21.45 -3.21 -13.93
CA ASP C 256 22.31 -3.73 -15.01
C ASP C 256 23.75 -3.91 -14.54
N LEU C 257 24.35 -2.86 -13.98
CA LEU C 257 25.78 -2.92 -13.66
C LEU C 257 26.08 -3.99 -12.60
N ASP C 258 25.26 -4.04 -11.55
CA ASP C 258 25.56 -4.94 -10.44
C ASP C 258 25.34 -6.40 -10.83
N TRP C 259 24.34 -6.67 -11.69
CA TRP C 259 24.13 -8.02 -12.24
C TRP C 259 25.27 -8.40 -13.17
N SER C 260 25.75 -7.43 -13.98
CA SER C 260 26.88 -7.64 -14.88
C SER C 260 28.15 -8.00 -14.11
N ASN C 261 28.48 -7.19 -13.11
CA ASN C 261 29.64 -7.47 -12.28
C ASN C 261 29.48 -8.75 -11.45
N ALA C 262 28.24 -9.17 -11.21
CA ALA C 262 28.01 -10.37 -10.41
C ALA C 262 28.33 -11.64 -11.21
N ILE C 263 27.92 -11.71 -12.48
CA ILE C 263 28.13 -12.93 -13.26
C ILE C 263 29.33 -12.89 -14.21
N GLY C 264 29.85 -11.71 -14.56
CA GLY C 264 30.92 -11.61 -15.52
C GLY C 264 32.15 -12.45 -15.23
N PRO C 265 32.77 -12.24 -14.06
CA PRO C 265 33.97 -13.03 -13.73
C PRO C 265 33.66 -14.51 -13.55
N ILE C 266 32.48 -14.86 -13.07
CA ILE C 266 32.11 -16.27 -12.93
C ILE C 266 32.05 -16.93 -14.30
N LEU C 267 31.41 -16.26 -15.26
CA LEU C 267 31.31 -16.79 -16.63
C LEU C 267 32.68 -17.02 -17.23
N ASP C 268 33.55 -16.01 -17.16
CA ASP C 268 34.90 -16.15 -17.68
C ASP C 268 35.65 -17.27 -16.98
N SER C 269 35.47 -17.41 -15.66
CA SER C 269 36.19 -18.46 -14.94
C SER C 269 35.67 -19.85 -15.33
N LEU C 270 34.35 -19.96 -15.54
CA LEU C 270 33.81 -21.23 -16.04
C LEU C 270 34.40 -21.58 -17.40
N ASN C 271 34.53 -20.61 -18.31
CA ASN C 271 35.07 -20.92 -19.62
C ASN C 271 36.53 -21.35 -19.53
N ILE C 272 37.32 -20.70 -18.65
CA ILE C 272 38.73 -21.03 -18.53
C ILE C 272 38.91 -22.46 -18.02
N VAL C 273 38.17 -22.84 -16.97
CA VAL C 273 38.41 -24.14 -16.35
C VAL C 273 37.72 -25.26 -17.12
N ILE C 274 36.47 -25.06 -17.50
CA ILE C 274 35.72 -26.14 -18.14
C ILE C 274 36.12 -26.32 -19.61
N GLN C 275 36.51 -25.24 -20.28
CA GLN C 275 36.83 -25.27 -21.70
C GLN C 275 35.74 -25.99 -22.51
N PRO C 276 34.50 -25.47 -22.51
CA PRO C 276 33.41 -26.20 -23.16
C PRO C 276 33.54 -26.25 -24.68
N SER C 277 33.04 -27.35 -25.27
CA SER C 277 32.91 -27.49 -26.71
C SER C 277 31.69 -26.79 -27.26
N TYR C 278 30.69 -26.55 -26.40
CA TYR C 278 29.46 -25.86 -26.73
C TYR C 278 28.97 -25.10 -25.50
N VAL C 279 28.31 -23.97 -25.75
CA VAL C 279 27.63 -23.18 -24.73
C VAL C 279 26.16 -23.08 -25.09
N VAL C 280 25.28 -23.28 -24.11
CA VAL C 280 23.83 -23.13 -24.28
C VAL C 280 23.34 -22.09 -23.29
N VAL C 281 22.71 -21.04 -23.79
CA VAL C 281 22.29 -19.91 -22.97
C VAL C 281 20.77 -19.83 -23.00
N GLN C 282 20.16 -19.85 -21.81
CA GLN C 282 18.74 -19.52 -21.67
C GLN C 282 18.68 -18.02 -21.38
N CYS C 283 17.93 -17.27 -22.19
CA CYS C 283 17.91 -15.82 -22.09
CA CYS C 283 17.90 -15.81 -22.10
C CYS C 283 16.52 -15.28 -21.73
N GLY C 284 15.85 -15.91 -20.76
CA GLY C 284 14.53 -15.46 -20.34
C GLY C 284 14.48 -13.98 -19.97
N ALA C 285 13.49 -13.24 -20.48
CA ALA C 285 13.45 -11.80 -20.39
C ALA C 285 12.74 -11.27 -19.15
N ASP C 286 12.48 -12.12 -18.15
CA ASP C 286 11.68 -11.64 -17.02
C ASP C 286 12.49 -10.92 -15.95
N CYS C 287 13.79 -10.69 -16.19
CA CYS C 287 14.58 -9.81 -15.32
C CYS C 287 14.45 -8.34 -15.69
N LEU C 288 13.76 -8.02 -16.79
CA LEU C 288 13.60 -6.62 -17.17
C LEU C 288 12.82 -5.87 -16.09
N ALA C 289 13.20 -4.61 -15.89
CA ALA C 289 12.57 -3.77 -14.88
C ALA C 289 11.07 -3.60 -15.14
N THR C 290 10.64 -3.75 -16.39
CA THR C 290 9.25 -3.60 -16.83
C THR C 290 8.50 -4.93 -16.92
N ASP C 291 9.13 -6.04 -16.55
CA ASP C 291 8.37 -7.28 -16.50
C ASP C 291 7.38 -7.22 -15.34
N PRO C 292 6.17 -7.76 -15.51
CA PRO C 292 5.17 -7.66 -14.42
C PRO C 292 5.61 -8.33 -13.12
N HIS C 293 6.61 -9.22 -13.13
CA HIS C 293 7.14 -9.73 -11.87
C HIS C 293 7.70 -8.60 -11.02
N ARG C 294 8.35 -7.61 -11.66
CA ARG C 294 8.88 -6.44 -10.99
C ARG C 294 9.82 -6.83 -9.84
N ILE C 295 10.81 -7.67 -10.16
CA ILE C 295 11.79 -8.13 -9.17
C ILE C 295 13.19 -7.55 -9.44
N PHE C 296 13.75 -7.79 -10.62
CA PHE C 296 15.05 -7.21 -10.98
C PHE C 296 14.80 -5.92 -11.77
N ARG C 297 15.88 -5.20 -12.06
CA ARG C 297 15.78 -3.92 -12.77
C ARG C 297 16.70 -3.86 -13.97
N LEU C 298 16.76 -4.93 -14.75
CA LEU C 298 17.60 -4.90 -15.95
C LEU C 298 16.89 -4.15 -17.09
N THR C 299 17.67 -3.69 -18.06
CA THR C 299 17.15 -2.99 -19.25
C THR C 299 17.61 -3.69 -20.53
N ASN C 300 17.19 -3.13 -21.68
CA ASN C 300 17.77 -3.44 -22.98
C ASN C 300 18.61 -2.28 -23.53
N PHE C 301 19.14 -1.43 -22.65
CA PHE C 301 19.82 -0.21 -23.13
C PHE C 301 21.16 -0.55 -23.77
N TYR C 302 21.52 0.23 -24.81
CA TYR C 302 22.74 -0.02 -25.57
C TYR C 302 23.39 1.31 -25.90
N PRO C 303 24.26 1.83 -25.02
CA PRO C 303 24.88 3.15 -25.13
C PRO C 303 25.78 3.27 -26.35
N SER C 316 24.91 3.21 -19.13
CA SER C 316 25.09 1.84 -18.67
C SER C 316 24.50 0.84 -19.68
N LEU C 317 25.15 -0.32 -19.78
CA LEU C 317 24.82 -1.33 -20.77
C LEU C 317 23.90 -2.38 -20.15
N SER C 318 22.82 -2.74 -20.87
CA SER C 318 21.98 -3.88 -20.50
C SER C 318 22.83 -5.06 -20.00
N GLY C 319 22.50 -5.56 -18.81
CA GLY C 319 23.23 -6.70 -18.31
C GLY C 319 23.08 -7.90 -19.22
N TYR C 320 21.92 -8.06 -19.84
CA TYR C 320 21.73 -9.10 -20.82
C TYR C 320 22.75 -8.99 -21.96
N LEU C 321 22.87 -7.80 -22.56
CA LEU C 321 23.77 -7.65 -23.68
C LEU C 321 25.23 -7.81 -23.24
N TYR C 322 25.55 -7.36 -22.01
CA TYR C 322 26.90 -7.55 -21.48
C TYR C 322 27.24 -9.03 -21.41
N ALA C 323 26.32 -9.85 -20.88
CA ALA C 323 26.62 -11.26 -20.72
C ALA C 323 26.72 -11.96 -22.08
N ILE C 324 25.79 -11.68 -22.99
CA ILE C 324 25.82 -12.33 -24.30
C ILE C 324 27.10 -11.99 -25.06
N LYS C 325 27.48 -10.70 -25.06
CA LYS C 325 28.73 -10.32 -25.72
C LYS C 325 29.93 -11.04 -25.13
N LYS C 326 29.99 -11.13 -23.79
CA LYS C 326 31.08 -11.87 -23.13
C LYS C 326 31.10 -13.34 -23.55
N ILE C 327 29.93 -14.01 -23.57
CA ILE C 327 29.89 -15.43 -23.96
C ILE C 327 30.33 -15.60 -25.41
N LEU C 328 29.87 -14.72 -26.30
CA LEU C 328 30.28 -14.80 -27.70
C LEU C 328 31.76 -14.49 -27.93
N SER C 329 32.39 -13.70 -27.04
CA SER C 329 33.82 -13.40 -27.22
C SER C 329 34.70 -14.64 -27.08
N TRP C 330 34.17 -15.72 -26.49
CA TRP C 330 34.93 -16.95 -26.33
C TRP C 330 35.11 -17.72 -27.64
N LYS C 331 34.28 -17.43 -28.66
CA LYS C 331 34.33 -18.11 -29.96
C LYS C 331 34.08 -19.62 -29.83
N VAL C 332 33.16 -19.99 -28.95
CA VAL C 332 32.67 -21.37 -28.80
C VAL C 332 31.30 -21.48 -29.48
N PRO C 333 31.01 -22.53 -30.24
CA PRO C 333 29.68 -22.64 -30.86
C PRO C 333 28.58 -22.56 -29.80
N THR C 334 27.58 -21.72 -30.05
CA THR C 334 26.65 -21.32 -28.99
C THR C 334 25.19 -21.41 -29.43
N LEU C 335 24.36 -21.96 -28.55
CA LEU C 335 22.90 -21.97 -28.71
C LEU C 335 22.32 -20.91 -27.78
N ILE C 336 21.52 -20.00 -28.33
CA ILE C 336 20.84 -18.94 -27.55
C ILE C 336 19.33 -19.21 -27.59
N LEU C 337 18.73 -19.40 -26.41
CA LEU C 337 17.31 -19.73 -26.25
C LEU C 337 16.55 -18.61 -25.55
N GLY C 338 15.22 -18.61 -25.76
CA GLY C 338 14.31 -17.74 -25.03
C GLY C 338 13.97 -18.25 -23.65
N GLY C 339 12.71 -18.16 -23.27
CA GLY C 339 12.26 -18.52 -21.94
C GLY C 339 11.18 -17.59 -21.43
N GLY C 340 11.23 -17.21 -20.14
CA GLY C 340 10.22 -16.33 -19.59
C GLY C 340 10.31 -14.92 -20.18
N GLY C 341 9.34 -14.10 -19.83
CA GLY C 341 9.25 -12.76 -20.37
C GLY C 341 7.80 -12.38 -20.64
N TYR C 342 7.17 -11.67 -19.71
CA TYR C 342 5.72 -11.52 -19.69
C TYR C 342 5.24 -10.11 -20.06
N ASN C 343 6.16 -9.20 -20.35
CA ASN C 343 5.86 -7.95 -21.06
C ASN C 343 6.25 -8.23 -22.51
N PHE C 344 5.26 -8.56 -23.37
CA PHE C 344 5.59 -9.06 -24.70
C PHE C 344 6.32 -8.01 -25.54
N PRO C 345 5.88 -6.75 -25.62
CA PRO C 345 6.65 -5.78 -26.45
C PRO C 345 8.05 -5.54 -25.93
N ASP C 346 8.24 -5.51 -24.60
CA ASP C 346 9.58 -5.29 -24.07
C ASP C 346 10.46 -6.51 -24.25
N THR C 347 9.88 -7.71 -24.24
CA THR C 347 10.65 -8.91 -24.52
C THR C 347 11.14 -8.91 -25.96
N ALA C 348 10.26 -8.51 -26.90
CA ALA C 348 10.69 -8.32 -28.28
C ALA C 348 11.78 -7.25 -28.37
N ARG C 349 11.62 -6.14 -27.63
CA ARG C 349 12.64 -5.10 -27.65
C ARG C 349 14.01 -5.65 -27.25
N LEU C 350 14.05 -6.44 -26.18
CA LEU C 350 15.33 -6.97 -25.73
C LEU C 350 15.88 -8.01 -26.71
N TRP C 351 15.05 -8.98 -27.10
CA TRP C 351 15.55 -10.08 -27.91
C TRP C 351 15.94 -9.61 -29.32
N THR C 352 15.35 -8.50 -29.79
CA THR C 352 15.81 -7.90 -31.05
C THR C 352 17.23 -7.35 -30.92
N ARG C 353 17.52 -6.67 -29.80
CA ARG C 353 18.87 -6.20 -29.56
C ARG C 353 19.84 -7.36 -29.39
N VAL C 354 19.42 -8.45 -28.73
CA VAL C 354 20.32 -9.60 -28.60
C VAL C 354 20.65 -10.16 -29.97
N THR C 355 19.64 -10.24 -30.84
CA THR C 355 19.87 -10.76 -32.19
C THR C 355 20.85 -9.88 -32.96
N ALA C 356 20.62 -8.56 -32.94
CA ALA C 356 21.54 -7.65 -33.64
C ALA C 356 22.96 -7.78 -33.09
N LEU C 357 23.10 -7.89 -31.76
CA LEU C 357 24.43 -7.99 -31.16
C LEU C 357 25.12 -9.28 -31.58
N THR C 358 24.35 -10.37 -31.70
CA THR C 358 24.92 -11.65 -32.09
C THR C 358 25.47 -11.58 -33.52
N ILE C 359 24.71 -10.97 -34.44
CA ILE C 359 25.22 -10.73 -35.80
C ILE C 359 26.51 -9.91 -35.75
N GLU C 360 26.54 -8.84 -34.96
CA GLU C 360 27.74 -7.99 -34.89
C GLU C 360 28.95 -8.76 -34.39
N GLU C 361 28.78 -9.55 -33.32
CA GLU C 361 29.91 -10.22 -32.71
C GLU C 361 30.41 -11.37 -33.58
N VAL C 362 29.51 -12.14 -34.18
CA VAL C 362 29.92 -13.30 -34.96
C VAL C 362 30.45 -12.88 -36.32
N LYS C 363 29.70 -12.04 -37.03
CA LYS C 363 30.07 -11.69 -38.40
C LYS C 363 31.08 -10.55 -38.48
N GLY C 364 31.23 -9.75 -37.43
CA GLY C 364 32.06 -8.56 -37.52
C GLY C 364 31.44 -7.43 -38.32
N LYS C 365 30.12 -7.38 -38.36
CA LYS C 365 29.37 -6.54 -39.28
C LYS C 365 28.45 -5.61 -38.50
N LYS C 366 28.63 -4.30 -38.66
CA LYS C 366 27.90 -3.36 -37.82
C LYS C 366 26.39 -3.40 -38.08
N MET C 367 25.60 -3.44 -37.01
CA MET C 367 24.14 -3.45 -37.08
C MET C 367 23.61 -2.22 -36.36
N THR C 368 23.13 -1.25 -37.11
CA THR C 368 22.61 -0.02 -36.52
C THR C 368 21.09 -0.09 -36.45
N ILE C 369 20.56 0.12 -35.26
CA ILE C 369 19.13 -0.02 -34.99
C ILE C 369 18.55 1.35 -34.70
N SER C 370 17.55 1.78 -35.48
CA SER C 370 16.93 3.06 -35.23
C SER C 370 16.24 3.07 -33.87
N PRO C 371 16.32 4.19 -33.13
CA PRO C 371 15.59 4.26 -31.87
C PRO C 371 14.09 4.32 -32.04
N GLU C 372 13.58 4.63 -33.24
CA GLU C 372 12.15 4.59 -33.53
C GLU C 372 11.78 3.19 -34.05
N ILE C 373 10.78 2.58 -33.44
CA ILE C 373 10.25 1.28 -33.92
C ILE C 373 9.82 1.44 -35.39
N PRO C 374 10.22 0.55 -36.30
CA PRO C 374 9.84 0.71 -37.71
C PRO C 374 8.40 0.28 -37.97
N GLU C 375 7.88 0.77 -39.10
CA GLU C 375 6.57 0.35 -39.59
C GLU C 375 6.48 -1.16 -39.74
N HIS C 376 5.46 -1.76 -39.13
CA HIS C 376 5.10 -3.17 -39.34
C HIS C 376 3.76 -3.38 -38.65
N SER C 377 3.17 -4.56 -38.88
CA SER C 377 1.78 -4.74 -38.49
C SER C 377 1.56 -4.87 -36.98
N TYR C 378 2.62 -5.03 -36.18
CA TYR C 378 2.51 -4.92 -34.73
C TYR C 378 3.02 -3.59 -34.17
N PHE C 379 3.20 -2.57 -35.02
CA PHE C 379 3.72 -1.28 -34.57
C PHE C 379 2.93 -0.73 -33.37
N SER C 380 1.60 -0.83 -33.42
CA SER C 380 0.74 -0.26 -32.38
C SER C 380 0.92 -0.90 -31.01
N ARG C 381 1.61 -2.04 -30.92
CA ARG C 381 1.84 -2.65 -29.62
C ARG C 381 2.99 -1.98 -28.86
N TYR C 382 3.71 -1.06 -29.50
CA TYR C 382 4.88 -0.42 -28.91
C TYR C 382 4.60 0.97 -28.38
N GLY C 383 3.32 1.29 -28.17
CA GLY C 383 2.93 2.60 -27.66
C GLY C 383 3.20 2.71 -26.17
N PRO C 384 3.14 3.93 -25.62
CA PRO C 384 2.82 5.21 -26.26
C PRO C 384 4.00 5.88 -26.94
N ASP C 385 5.22 5.39 -26.69
CA ASP C 385 6.45 6.02 -27.14
C ASP C 385 6.91 5.55 -28.51
N PHE C 386 6.63 4.30 -28.89
CA PHE C 386 7.12 3.68 -30.13
C PHE C 386 8.64 3.80 -30.29
N GLU C 387 9.37 3.62 -29.19
CA GLU C 387 10.82 3.59 -29.18
C GLU C 387 11.34 2.22 -28.78
N LEU C 388 12.62 1.97 -29.10
CA LEU C 388 13.21 0.66 -28.87
C LEU C 388 13.66 0.45 -27.42
N ASP C 389 14.25 1.47 -26.78
CA ASP C 389 14.56 1.40 -25.36
C ASP C 389 13.29 1.18 -24.55
N ILE C 390 13.33 0.27 -23.57
CA ILE C 390 12.19 0.13 -22.67
C ILE C 390 11.96 1.43 -21.88
N ASP C 391 10.70 1.65 -21.50
CA ASP C 391 10.21 2.86 -20.84
C ASP C 391 10.47 2.77 -19.33
N TYR C 392 11.75 2.91 -18.97
CA TYR C 392 12.18 2.78 -17.59
C TYR C 392 13.32 3.76 -17.35
N PHE C 393 13.35 4.31 -16.14
CA PHE C 393 14.36 5.30 -15.76
C PHE C 393 15.18 4.80 -14.58
N PRO C 394 16.39 4.28 -14.81
CA PRO C 394 17.18 3.72 -13.72
C PRO C 394 17.63 4.79 -12.72
N HIS C 395 17.77 4.37 -11.47
CA HIS C 395 18.02 5.31 -10.38
C HIS C 395 18.49 4.51 -9.17
N GLU C 396 19.16 5.21 -8.25
CA GLU C 396 19.65 4.57 -7.03
C GLU C 396 19.17 5.32 -5.79
N THR C 401 28.75 -0.69 0.02
CA THR C 401 27.43 -1.16 0.42
C THR C 401 27.51 -2.55 1.07
N LEU C 402 26.49 -2.87 1.85
CA LEU C 402 26.34 -4.20 2.44
C LEU C 402 25.65 -5.19 1.50
N ASP C 403 25.34 -4.79 0.27
CA ASP C 403 24.58 -5.61 -0.66
C ASP C 403 25.48 -6.48 -1.55
N SER C 404 26.78 -6.52 -1.28
CA SER C 404 27.73 -7.22 -2.14
C SER C 404 27.60 -8.73 -1.95
N ILE C 405 28.25 -9.49 -2.86
CA ILE C 405 28.17 -10.94 -2.89
C ILE C 405 29.57 -11.57 -3.03
N GLN C 406 30.58 -10.93 -2.42
CA GLN C 406 31.93 -11.46 -2.55
C GLN C 406 32.10 -12.84 -1.92
N LYS C 407 31.34 -13.17 -0.86
CA LYS C 407 31.43 -14.54 -0.36
C LYS C 407 30.82 -15.56 -1.33
N HIS C 408 29.87 -15.14 -2.17
CA HIS C 408 29.38 -16.03 -3.22
C HIS C 408 30.45 -16.29 -4.26
N HIS C 409 31.14 -15.25 -4.71
CA HIS C 409 32.26 -15.46 -5.63
C HIS C 409 33.24 -16.46 -5.05
N ARG C 410 33.52 -16.36 -3.75
CA ARG C 410 34.52 -17.22 -3.14
C ARG C 410 34.05 -18.66 -3.04
N ARG C 411 32.77 -18.85 -2.69
CA ARG C 411 32.16 -20.18 -2.65
C ARG C 411 32.17 -20.81 -4.05
N ILE C 412 31.78 -20.03 -5.05
CA ILE C 412 31.67 -20.55 -6.42
C ILE C 412 33.03 -20.93 -6.98
N LEU C 413 34.06 -20.09 -6.72
CA LEU C 413 35.40 -20.45 -7.15
C LEU C 413 35.93 -21.67 -6.40
N GLU C 414 35.65 -21.78 -5.10
CA GLU C 414 36.02 -23.01 -4.39
C GLU C 414 35.38 -24.23 -5.06
N GLN C 415 34.09 -24.14 -5.40
CA GLN C 415 33.42 -25.27 -6.07
C GLN C 415 34.06 -25.56 -7.42
N LEU C 416 34.46 -24.52 -8.15
CA LEU C 416 35.07 -24.71 -9.46
C LEU C 416 36.41 -25.44 -9.34
N ARG C 417 37.19 -25.10 -8.31
CA ARG C 417 38.45 -25.82 -8.10
C ARG C 417 38.19 -27.27 -7.70
N ASN C 418 37.15 -27.52 -6.91
CA ASN C 418 36.78 -28.89 -6.53
C ASN C 418 36.32 -29.70 -7.74
N TYR C 419 35.59 -29.04 -8.67
CA TYR C 419 35.20 -29.67 -9.93
C TYR C 419 36.41 -30.07 -10.76
N ALA C 420 37.38 -29.17 -10.90
CA ALA C 420 38.59 -29.46 -11.67
C ALA C 420 39.39 -30.61 -11.07
N ASP C 421 39.49 -30.66 -9.74
CA ASP C 421 40.24 -31.73 -9.09
C ASP C 421 39.56 -33.08 -9.27
N LEU C 422 38.24 -33.14 -9.04
CA LEU C 422 37.51 -34.40 -9.22
C LEU C 422 37.66 -34.93 -10.64
N ASN C 423 37.64 -34.04 -11.63
CA ASN C 423 37.62 -34.46 -13.02
C ASN C 423 38.99 -34.43 -13.70
N LYS C 424 40.07 -34.19 -12.94
CA LYS C 424 41.45 -34.24 -13.48
C LYS C 424 41.66 -33.22 -14.59
N LEU C 425 41.14 -32.01 -14.41
CA LEU C 425 41.32 -30.94 -15.39
C LEU C 425 42.36 -29.96 -14.89
N ILE C 426 43.07 -29.33 -15.84
CA ILE C 426 43.99 -28.27 -15.47
C ILE C 426 43.21 -27.13 -14.84
N TYR C 427 43.67 -26.66 -13.68
CA TYR C 427 43.12 -25.48 -13.01
C TYR C 427 44.16 -24.39 -13.07
N ASP C 428 43.96 -23.41 -13.95
CA ASP C 428 44.93 -22.35 -14.20
C ASP C 428 44.74 -21.23 -13.19
N TYR C 429 45.30 -21.43 -12.00
CA TYR C 429 45.16 -20.43 -10.95
C TYR C 429 45.59 -19.04 -11.42
N ASP C 430 46.71 -18.95 -12.13
CA ASP C 430 47.22 -17.64 -12.54
C ASP C 430 46.21 -16.89 -13.41
N GLN C 431 45.58 -17.60 -14.36
CA GLN C 431 44.67 -16.91 -15.26
C GLN C 431 43.42 -16.48 -14.52
N VAL C 432 42.85 -17.36 -13.68
CA VAL C 432 41.68 -16.98 -12.89
C VAL C 432 42.02 -15.84 -11.95
N TYR C 433 43.17 -15.94 -11.26
CA TYR C 433 43.59 -14.85 -10.38
C TYR C 433 43.65 -13.53 -11.11
N GLN C 434 44.29 -13.54 -12.29
CA GLN C 434 44.44 -12.30 -13.06
C GLN C 434 43.09 -11.73 -13.45
N LEU C 435 42.19 -12.59 -13.91
CA LEU C 435 40.83 -12.17 -14.25
C LEU C 435 40.17 -11.42 -13.08
N TYR C 436 40.18 -12.03 -11.89
CA TYR C 436 39.57 -11.38 -10.73
C TYR C 436 40.38 -10.16 -10.29
N ASN C 437 41.70 -10.22 -10.44
CA ASN C 437 42.57 -9.10 -10.09
C ASN C 437 42.23 -7.83 -10.88
N LEU C 438 41.61 -7.95 -12.06
CA LEU C 438 41.25 -6.75 -12.81
C LEU C 438 40.32 -5.82 -12.03
N THR C 439 39.57 -6.36 -11.06
CA THR C 439 38.73 -5.54 -10.18
C THR C 439 39.23 -5.52 -8.74
N GLY C 440 40.47 -5.92 -8.49
CA GLY C 440 41.00 -5.92 -7.14
C GLY C 440 40.47 -7.02 -6.25
N MET C 441 39.95 -8.10 -6.83
CA MET C 441 39.38 -9.19 -6.05
C MET C 441 40.15 -10.49 -6.23
N GLY C 442 41.42 -10.41 -6.61
CA GLY C 442 42.21 -11.62 -6.79
C GLY C 442 42.33 -12.47 -5.55
N SER C 443 42.11 -11.91 -4.37
CA SER C 443 42.24 -12.66 -3.12
C SER C 443 41.14 -13.69 -2.93
N LEU C 444 40.05 -13.57 -3.70
CA LEU C 444 38.92 -14.49 -3.60
C LEU C 444 39.22 -15.82 -4.27
N VAL C 445 40.25 -15.86 -5.11
CA VAL C 445 40.57 -17.04 -5.92
C VAL C 445 41.43 -18.01 -5.14
N PRO C 446 41.01 -19.27 -5.00
CA PRO C 446 41.82 -20.26 -4.28
C PRO C 446 42.87 -20.90 -5.18
N ARG C 447 43.95 -21.35 -4.56
CA ARG C 447 45.05 -21.95 -5.33
C ARG C 447 44.79 -23.43 -5.62
N SER D 3 -13.40 -35.72 -6.42
CA SER D 3 -11.96 -35.94 -6.31
C SER D 3 -11.50 -35.61 -4.90
N VAL D 4 -10.65 -36.46 -4.34
CA VAL D 4 -10.03 -36.23 -3.02
C VAL D 4 -8.58 -35.82 -3.25
N GLY D 5 -8.23 -34.60 -2.82
CA GLY D 5 -6.88 -34.11 -2.95
C GLY D 5 -6.04 -34.27 -1.69
N ILE D 6 -4.72 -34.29 -1.87
CA ILE D 6 -3.81 -34.31 -0.72
C ILE D 6 -2.54 -33.53 -1.06
N VAL D 7 -2.08 -32.71 -0.11
CA VAL D 7 -0.95 -31.83 -0.36
C VAL D 7 0.35 -32.59 -0.11
N TYR D 8 1.20 -32.66 -1.12
CA TYR D 8 2.58 -33.12 -0.92
C TYR D 8 3.45 -32.65 -2.07
N GLY D 9 4.76 -32.86 -1.91
CA GLY D 9 5.77 -32.49 -2.87
C GLY D 9 7.12 -32.78 -2.27
N ASP D 10 8.18 -32.87 -3.09
CA ASP D 10 9.51 -33.19 -2.55
C ASP D 10 10.02 -32.07 -1.65
N GLN D 11 10.00 -30.82 -2.13
CA GLN D 11 10.41 -29.70 -1.28
C GLN D 11 9.52 -29.56 -0.05
N TYR D 12 8.20 -29.67 -0.24
CA TYR D 12 7.27 -29.59 0.88
C TYR D 12 7.61 -30.61 1.95
N ARG D 13 7.92 -31.84 1.53
CA ARG D 13 8.26 -32.88 2.50
C ARG D 13 9.51 -32.51 3.31
N GLN D 14 10.55 -32.01 2.62
CA GLN D 14 11.78 -31.62 3.31
C GLN D 14 11.51 -30.54 4.35
N LEU D 15 10.72 -29.52 3.98
CA LEU D 15 10.47 -28.43 4.91
C LEU D 15 9.63 -28.88 6.10
N CYS D 16 8.55 -29.63 5.84
CA CYS D 16 7.70 -30.15 6.91
C CYS D 16 8.47 -31.05 7.87
N CYS D 17 9.62 -31.58 7.45
CA CYS D 17 10.43 -32.46 8.30
C CYS D 17 11.64 -31.74 8.91
N SER D 18 11.68 -30.41 8.87
CA SER D 18 12.91 -29.68 9.22
C SER D 18 12.86 -29.03 10.60
N SER D 19 11.80 -29.29 11.42
CA SER D 19 11.72 -28.60 12.70
C SER D 19 12.16 -29.52 13.84
N PRO D 20 12.65 -28.96 14.95
CA PRO D 20 13.07 -29.82 16.06
C PRO D 20 11.91 -30.53 16.74
N LYS D 21 10.76 -29.87 16.84
CA LYS D 21 9.66 -30.44 17.59
C LYS D 21 8.96 -31.57 16.84
N PHE D 22 8.71 -31.41 15.54
CA PHE D 22 7.93 -32.42 14.84
C PHE D 22 8.76 -33.37 14.00
N GLY D 23 10.07 -33.18 13.95
CA GLY D 23 10.97 -34.19 13.39
C GLY D 23 10.53 -34.66 12.03
N ASP D 24 10.60 -35.99 11.82
CA ASP D 24 10.19 -36.62 10.57
C ASP D 24 8.74 -37.11 10.57
N ARG D 25 7.88 -36.56 11.44
CA ARG D 25 6.51 -37.08 11.55
C ARG D 25 5.79 -37.07 10.21
N TYR D 26 5.96 -35.99 9.43
CA TYR D 26 5.25 -35.88 8.16
C TYR D 26 5.68 -36.96 7.18
N ALA D 27 6.98 -37.31 7.18
CA ALA D 27 7.43 -38.40 6.32
C ALA D 27 6.83 -39.73 6.73
N LEU D 28 6.72 -40.01 8.04
CA LEU D 28 6.05 -41.24 8.45
C LEU D 28 4.60 -41.27 7.95
N VAL D 29 3.87 -40.18 8.17
CA VAL D 29 2.47 -40.10 7.74
C VAL D 29 2.34 -40.37 6.25
N MET D 30 3.08 -39.63 5.42
CA MET D 30 2.90 -39.79 3.97
C MET D 30 3.45 -41.12 3.47
N ASP D 31 4.52 -41.65 4.08
CA ASP D 31 5.03 -42.94 3.64
C ASP D 31 4.10 -44.08 4.05
N LEU D 32 3.36 -43.94 5.15
CA LEU D 32 2.41 -45.00 5.50
C LEU D 32 1.18 -44.97 4.59
N ILE D 33 0.69 -43.76 4.29
CA ILE D 33 -0.36 -43.62 3.28
C ILE D 33 0.07 -44.25 1.97
N ASN D 34 1.34 -44.06 1.60
CA ASN D 34 1.91 -44.63 0.38
C ASN D 34 1.99 -46.14 0.46
N ALA D 35 2.48 -46.68 1.59
CA ALA D 35 2.61 -48.12 1.73
C ALA D 35 1.28 -48.84 1.63
N TYR D 36 0.18 -48.19 1.99
CA TYR D 36 -1.13 -48.80 1.90
C TYR D 36 -1.80 -48.60 0.54
N LYS D 37 -1.04 -48.13 -0.46
CA LYS D 37 -1.51 -48.01 -1.85
C LYS D 37 -2.65 -47.01 -1.99
N LEU D 38 -2.67 -45.97 -1.14
CA LEU D 38 -3.69 -44.94 -1.24
C LEU D 38 -3.33 -43.80 -2.19
N ILE D 39 -2.04 -43.58 -2.48
CA ILE D 39 -1.66 -42.45 -3.34
C ILE D 39 -2.34 -42.47 -4.71
N PRO D 40 -2.41 -43.60 -5.43
CA PRO D 40 -3.09 -43.58 -6.73
C PRO D 40 -4.56 -43.18 -6.67
N GLU D 41 -5.23 -43.32 -5.53
CA GLU D 41 -6.62 -42.90 -5.37
C GLU D 41 -6.78 -41.39 -5.16
N LEU D 42 -5.67 -40.65 -5.02
CA LEU D 42 -5.71 -39.26 -4.56
C LEU D 42 -5.09 -38.34 -5.61
N SER D 43 -5.62 -37.12 -5.67
CA SER D 43 -5.10 -36.08 -6.55
C SER D 43 -4.09 -35.24 -5.76
N ARG D 44 -2.84 -35.14 -6.25
CA ARG D 44 -1.84 -34.35 -5.54
C ARG D 44 -2.13 -32.86 -5.72
N VAL D 45 -2.22 -32.14 -4.62
CA VAL D 45 -2.41 -30.69 -4.62
C VAL D 45 -1.06 -30.04 -4.35
N PRO D 46 -0.47 -29.32 -5.30
CA PRO D 46 0.84 -28.73 -5.07
C PRO D 46 0.73 -27.50 -4.19
N PRO D 47 1.72 -27.29 -3.30
CA PRO D 47 1.71 -26.07 -2.47
C PRO D 47 1.77 -24.81 -3.32
N LEU D 48 1.13 -23.75 -2.82
CA LEU D 48 1.13 -22.46 -3.52
C LEU D 48 2.52 -21.84 -3.50
N GLN D 49 2.95 -21.29 -4.64
CA GLN D 49 4.11 -20.41 -4.70
C GLN D 49 3.70 -19.08 -5.30
N TRP D 50 4.50 -18.04 -5.03
CA TRP D 50 4.17 -16.65 -5.34
C TRP D 50 5.11 -16.07 -6.40
N ASP D 51 4.65 -14.98 -7.03
CA ASP D 51 5.37 -14.33 -8.13
C ASP D 51 6.43 -13.34 -7.66
N SER D 52 6.51 -13.07 -6.36
CA SER D 52 7.45 -12.07 -5.86
C SER D 52 7.42 -12.01 -4.33
N PRO D 53 8.46 -11.43 -3.71
CA PRO D 53 8.38 -11.19 -2.27
C PRO D 53 7.16 -10.38 -1.85
N SER D 54 6.80 -9.33 -2.60
CA SER D 54 5.64 -8.51 -2.23
C SER D 54 4.33 -9.32 -2.26
N ARG D 55 4.21 -10.26 -3.21
CA ARG D 55 2.98 -11.05 -3.26
C ARG D 55 2.90 -12.03 -2.10
N MET D 56 4.03 -12.61 -1.70
CA MET D 56 4.03 -13.46 -0.50
C MET D 56 3.60 -12.67 0.73
N TYR D 57 4.14 -11.46 0.89
CA TYR D 57 3.81 -10.64 2.05
C TYR D 57 2.35 -10.22 2.04
N GLU D 58 1.83 -9.86 0.86
CA GLU D 58 0.41 -9.53 0.76
C GLU D 58 -0.46 -10.70 1.23
N ALA D 59 -0.05 -11.94 0.95
CA ALA D 59 -0.86 -13.09 1.31
C ALA D 59 -0.78 -13.41 2.81
N VAL D 60 0.44 -13.35 3.38
CA VAL D 60 0.59 -13.72 4.79
C VAL D 60 0.03 -12.61 5.69
N THR D 61 0.16 -11.35 5.26
CA THR D 61 -0.32 -10.26 6.10
C THR D 61 -1.80 -9.99 5.92
N ALA D 62 -2.51 -10.84 5.18
CA ALA D 62 -3.98 -10.84 5.28
C ALA D 62 -4.41 -11.14 6.71
N PHE D 63 -3.58 -11.85 7.47
CA PHE D 63 -3.82 -12.04 8.90
C PHE D 63 -2.71 -11.48 9.77
N HIS D 64 -1.45 -11.84 9.49
CA HIS D 64 -0.36 -11.44 10.39
C HIS D 64 0.09 -10.01 10.12
N SER D 65 0.73 -9.39 11.11
CA SER D 65 1.25 -8.05 10.92
C SER D 65 2.56 -8.09 10.14
N THR D 66 2.85 -7.00 9.39
CA THR D 66 4.10 -6.97 8.65
C THR D 66 5.30 -7.05 9.61
N GLU D 67 5.24 -6.37 10.75
CA GLU D 67 6.38 -6.40 11.67
C GLU D 67 6.61 -7.80 12.23
N TYR D 68 5.56 -8.59 12.42
CA TYR D 68 5.74 -9.95 12.92
C TYR D 68 6.38 -10.83 11.85
N VAL D 69 5.89 -10.73 10.60
CA VAL D 69 6.48 -11.50 9.50
C VAL D 69 7.95 -11.12 9.34
N ASP D 70 8.26 -9.81 9.43
CA ASP D 70 9.65 -9.36 9.38
C ASP D 70 10.50 -10.03 10.45
N ALA D 71 10.01 -10.04 11.70
CA ALA D 71 10.76 -10.62 12.82
C ALA D 71 10.95 -12.13 12.64
N LEU D 72 9.92 -12.83 12.15
CA LEU D 72 10.04 -14.27 11.92
C LEU D 72 11.09 -14.58 10.86
N LYS D 73 11.12 -13.80 9.77
CA LYS D 73 12.14 -13.97 8.75
C LYS D 73 13.53 -13.66 9.30
N LYS D 74 13.67 -12.56 10.06
CA LYS D 74 14.96 -12.23 10.66
C LYS D 74 15.42 -13.33 11.63
N LEU D 75 14.49 -13.94 12.37
CA LEU D 75 14.87 -15.05 13.25
C LEU D 75 15.54 -16.18 12.46
N GLN D 76 14.97 -16.55 11.31
CA GLN D 76 15.60 -17.54 10.46
C GLN D 76 17.00 -17.11 10.05
N MET D 77 17.13 -15.87 9.57
CA MET D 77 18.43 -15.41 9.12
C MET D 77 19.46 -15.49 10.25
N LEU D 78 19.07 -15.08 11.46
CA LEU D 78 20.01 -15.07 12.58
C LEU D 78 20.43 -16.48 12.97
N HIS D 79 19.50 -17.44 12.89
CA HIS D 79 19.81 -18.83 13.17
C HIS D 79 20.58 -19.50 12.05
N CYS D 80 20.75 -18.86 10.90
CA CYS D 80 21.63 -19.39 9.86
C CYS D 80 23.04 -18.84 9.95
N GLU D 81 23.32 -17.96 10.92
CA GLU D 81 24.66 -17.50 11.25
C GLU D 81 25.11 -18.14 12.56
N GLU D 82 26.42 -18.23 12.75
CA GLU D 82 26.92 -18.89 13.96
C GLU D 82 26.94 -17.97 15.18
N LYS D 83 26.85 -16.66 14.99
CA LYS D 83 26.94 -15.72 16.11
C LYS D 83 25.71 -15.79 17.01
N GLU D 84 25.92 -15.53 18.30
CA GLU D 84 24.85 -15.34 19.25
C GLU D 84 23.95 -14.16 18.86
N LEU D 85 22.70 -14.20 19.30
CA LEU D 85 21.83 -13.04 19.17
C LEU D 85 22.30 -11.90 20.07
N THR D 86 22.09 -10.67 19.62
CA THR D 86 22.40 -9.52 20.46
C THR D 86 21.28 -9.30 21.47
N ALA D 87 21.56 -8.46 22.48
CA ALA D 87 20.54 -8.12 23.47
C ALA D 87 19.33 -7.46 22.80
N ASP D 88 19.56 -6.54 21.86
CA ASP D 88 18.42 -5.93 21.17
C ASP D 88 17.65 -6.94 20.34
N ASP D 89 18.32 -7.92 19.73
CA ASP D 89 17.56 -8.86 18.91
C ASP D 89 16.80 -9.86 19.78
N GLU D 90 17.35 -10.23 20.93
CA GLU D 90 16.59 -11.02 21.90
C GLU D 90 15.32 -10.27 22.32
N LEU D 91 15.44 -8.96 22.59
CA LEU D 91 14.28 -8.20 23.03
C LEU D 91 13.21 -8.13 21.94
N LEU D 92 13.65 -7.90 20.70
CA LEU D 92 12.74 -7.94 19.55
C LEU D 92 11.98 -9.27 19.48
N MET D 93 12.71 -10.39 19.52
CA MET D 93 12.06 -11.70 19.42
C MET D 93 11.11 -11.93 20.60
N ASP D 94 11.51 -11.49 21.80
CA ASP D 94 10.63 -11.59 22.96
C ASP D 94 9.32 -10.83 22.75
N SER D 95 9.35 -9.66 22.12
CA SER D 95 8.12 -8.89 21.92
C SER D 95 7.11 -9.59 21.00
N PHE D 96 7.51 -10.66 20.31
CA PHE D 96 6.62 -11.43 19.46
C PHE D 96 6.46 -12.87 19.94
N SER D 97 6.94 -13.18 21.15
CA SER D 97 6.89 -14.51 21.76
C SER D 97 7.65 -15.54 20.94
N LEU D 98 8.61 -15.07 20.15
CA LEU D 98 9.51 -15.97 19.44
C LEU D 98 10.62 -16.40 20.40
N ASN D 99 10.22 -17.24 21.36
CA ASN D 99 11.11 -17.74 22.39
C ASN D 99 10.46 -18.96 23.04
N TYR D 100 11.18 -19.55 23.99
CA TYR D 100 10.66 -20.61 24.84
C TYR D 100 9.99 -21.72 24.04
N ASP D 101 8.65 -21.74 24.02
CA ASP D 101 7.91 -22.77 23.27
C ASP D 101 8.05 -22.64 21.76
N CYS D 102 8.40 -21.46 21.25
CA CYS D 102 8.52 -21.24 19.80
C CYS D 102 9.92 -20.75 19.48
N PRO D 103 10.92 -21.62 19.62
CA PRO D 103 12.32 -21.20 19.39
C PRO D 103 12.60 -20.93 17.93
N GLY D 104 13.72 -20.24 17.69
CA GLY D 104 14.27 -20.18 16.36
C GLY D 104 15.03 -21.45 15.99
N PHE D 105 15.11 -21.69 14.69
CA PHE D 105 15.99 -22.72 14.13
C PHE D 105 16.27 -22.34 12.68
N PRO D 106 17.25 -23.01 12.03
CA PRO D 106 17.73 -22.48 10.74
C PRO D 106 16.68 -22.40 9.65
N SER D 107 15.61 -23.19 9.71
CA SER D 107 14.57 -23.12 8.68
C SER D 107 13.21 -22.68 9.22
N VAL D 108 13.17 -21.95 10.34
CA VAL D 108 11.89 -21.68 11.00
C VAL D 108 10.94 -20.91 10.08
N PHE D 109 11.44 -19.97 9.28
CA PHE D 109 10.52 -19.23 8.40
C PHE D 109 10.05 -20.11 7.24
N ASP D 110 10.97 -20.78 6.55
CA ASP D 110 10.53 -21.63 5.43
C ASP D 110 9.62 -22.73 5.92
N TYR D 111 9.86 -23.25 7.13
CA TYR D 111 9.01 -24.30 7.69
C TYR D 111 7.60 -23.79 7.93
N SER D 112 7.46 -22.65 8.60
CA SER D 112 6.15 -22.09 8.91
CA SER D 112 6.13 -22.14 8.90
C SER D 112 5.41 -21.66 7.65
N LEU D 113 6.14 -21.08 6.68
CA LEU D 113 5.49 -20.64 5.46
C LEU D 113 4.97 -21.83 4.65
N ALA D 114 5.67 -22.96 4.69
CA ALA D 114 5.26 -24.13 3.92
C ALA D 114 3.83 -24.54 4.28
N ALA D 115 3.49 -24.58 5.57
CA ALA D 115 2.13 -24.96 5.96
C ALA D 115 1.10 -24.01 5.37
N VAL D 116 1.41 -22.71 5.34
CA VAL D 116 0.55 -21.73 4.70
C VAL D 116 0.39 -22.04 3.21
N GLN D 117 1.51 -22.30 2.53
CA GLN D 117 1.48 -22.64 1.11
C GLN D 117 0.59 -23.87 0.87
N GLY D 118 0.71 -24.88 1.73
CA GLY D 118 -0.10 -26.07 1.55
C GLY D 118 -1.58 -25.81 1.75
N SER D 119 -1.92 -25.10 2.83
CA SER D 119 -3.34 -24.94 3.16
C SER D 119 -4.04 -23.94 2.26
N LEU D 120 -3.30 -22.94 1.73
CA LEU D 120 -3.89 -22.03 0.75
C LEU D 120 -4.15 -22.74 -0.57
N ALA D 121 -3.21 -23.56 -1.04
CA ALA D 121 -3.48 -24.33 -2.26
C ALA D 121 -4.67 -25.26 -2.06
N ALA D 122 -4.80 -25.84 -0.87
CA ALA D 122 -5.95 -26.69 -0.58
C ALA D 122 -7.27 -25.91 -0.71
N ALA D 123 -7.32 -24.71 -0.13
CA ALA D 123 -8.54 -23.91 -0.25
C ALA D 123 -8.85 -23.59 -1.70
N SER D 124 -7.82 -23.25 -2.50
CA SER D 124 -8.06 -22.90 -3.91
C SER D 124 -8.57 -24.11 -4.70
N ALA D 125 -8.08 -25.31 -4.39
CA ALA D 125 -8.57 -26.53 -5.05
C ALA D 125 -10.03 -26.79 -4.71
N LEU D 126 -10.50 -26.42 -3.51
CA LEU D 126 -11.92 -26.51 -3.22
C LEU D 126 -12.70 -25.45 -3.99
N ILE D 127 -12.23 -24.20 -3.96
CA ILE D 127 -13.00 -23.11 -4.54
C ILE D 127 -13.25 -23.34 -6.03
N CYS D 128 -12.22 -23.80 -6.75
CA CYS D 128 -12.37 -24.06 -8.18
C CYS D 128 -13.01 -25.42 -8.48
N ARG D 129 -13.39 -26.17 -7.45
CA ARG D 129 -14.11 -27.45 -7.51
C ARG D 129 -13.29 -28.57 -8.14
N HIS D 130 -11.96 -28.44 -8.19
CA HIS D 130 -11.13 -29.57 -8.60
C HIS D 130 -11.27 -30.73 -7.61
N CYS D 131 -11.45 -30.43 -6.33
CA CYS D 131 -11.59 -31.46 -5.31
C CYS D 131 -12.82 -31.19 -4.46
N GLU D 132 -13.45 -32.27 -4.01
CA GLU D 132 -14.56 -32.16 -3.06
C GLU D 132 -14.07 -32.09 -1.63
N VAL D 133 -12.94 -32.72 -1.36
CA VAL D 133 -12.25 -32.70 -0.07
C VAL D 133 -10.76 -32.58 -0.37
N VAL D 134 -10.02 -31.81 0.44
CA VAL D 134 -8.57 -31.77 0.38
C VAL D 134 -7.99 -32.00 1.77
N ILE D 135 -6.97 -32.86 1.84
CA ILE D 135 -6.24 -33.19 3.07
C ILE D 135 -4.89 -32.49 3.05
N ASN D 136 -4.50 -31.86 4.17
CA ASN D 136 -3.14 -31.33 4.33
C ASN D 136 -2.57 -31.74 5.70
N TRP D 137 -1.80 -32.83 5.74
CA TRP D 137 -1.25 -33.30 7.01
C TRP D 137 0.00 -32.52 7.44
N GLY D 138 0.46 -31.58 6.62
CA GLY D 138 1.48 -30.65 7.05
C GLY D 138 0.95 -29.38 7.67
N GLY D 139 -0.38 -29.21 7.74
CA GLY D 139 -0.99 -27.98 8.23
C GLY D 139 -1.80 -28.16 9.51
N GLY D 140 -2.51 -27.11 9.94
CA GLY D 140 -3.34 -27.19 11.13
C GLY D 140 -2.80 -26.46 12.36
N TRP D 141 -2.09 -25.36 12.17
CA TRP D 141 -1.36 -24.73 13.29
C TRP D 141 -2.23 -23.64 13.90
N HIS D 142 -3.06 -24.04 14.87
CA HIS D 142 -4.21 -23.26 15.28
C HIS D 142 -3.91 -22.23 16.36
N HIS D 143 -2.73 -22.27 16.98
CA HIS D 143 -2.43 -21.33 18.06
C HIS D 143 -1.82 -19.99 17.62
N ALA D 144 -1.31 -19.86 16.40
CA ALA D 144 -0.57 -18.64 16.07
C ALA D 144 -1.52 -17.45 15.95
N LYS D 145 -1.09 -16.28 16.44
CA LYS D 145 -1.94 -15.09 16.43
C LYS D 145 -1.35 -14.03 15.51
N ARG D 146 -2.08 -12.92 15.35
CA ARG D 146 -1.69 -11.89 14.39
C ARG D 146 -0.21 -11.48 14.53
N SER D 147 0.25 -11.26 15.77
CA SER D 147 1.61 -10.80 16.02
C SER D 147 2.29 -11.62 17.12
N GLU D 148 1.98 -12.91 17.22
CA GLU D 148 2.50 -13.71 18.31
C GLU D 148 2.55 -15.18 17.89
N ALA D 149 3.71 -15.81 18.09
CA ALA D 149 3.83 -17.25 17.98
C ALA D 149 3.36 -17.89 19.29
N SER D 150 2.85 -19.12 19.18
CA SER D 150 2.33 -19.77 20.38
C SER D 150 2.24 -21.27 20.14
N GLY D 151 2.65 -22.06 21.12
CA GLY D 151 2.40 -23.50 21.05
C GLY D 151 3.02 -24.17 19.85
N PHE D 152 4.27 -23.80 19.52
CA PHE D 152 5.02 -24.16 18.32
C PHE D 152 4.29 -23.85 17.04
N CYS D 153 3.28 -22.99 17.07
CA CYS D 153 2.66 -22.48 15.86
C CYS D 153 3.20 -21.08 15.58
N TYR D 154 3.73 -20.88 14.37
CA TYR D 154 4.35 -19.60 14.05
C TYR D 154 3.51 -18.78 13.08
N LEU D 155 2.84 -19.43 12.13
CA LEU D 155 1.94 -18.78 11.20
C LEU D 155 0.64 -19.57 11.14
N ASN D 156 -0.50 -18.88 11.12
CA ASN D 156 -1.76 -19.59 11.27
C ASN D 156 -2.29 -19.92 9.87
N ASP D 157 -1.87 -21.09 9.36
CA ASP D 157 -2.31 -21.49 8.03
C ASP D 157 -3.83 -21.72 7.98
N ILE D 158 -4.44 -22.09 9.11
CA ILE D 158 -5.89 -22.29 9.13
C ILE D 158 -6.62 -20.97 8.89
N VAL D 159 -6.22 -19.91 9.61
CA VAL D 159 -6.89 -18.62 9.44
C VAL D 159 -6.75 -18.14 8.00
N LEU D 160 -5.57 -18.30 7.40
CA LEU D 160 -5.35 -17.80 6.05
C LEU D 160 -6.15 -18.61 5.02
N ALA D 161 -6.27 -19.93 5.22
CA ALA D 161 -7.14 -20.74 4.36
C ALA D 161 -8.63 -20.36 4.50
N ILE D 162 -9.11 -20.18 5.74
CA ILE D 162 -10.52 -19.83 5.94
C ILE D 162 -10.82 -18.47 5.32
N HIS D 163 -9.91 -17.52 5.50
CA HIS D 163 -10.07 -16.19 4.88
C HIS D 163 -10.25 -16.31 3.37
N ARG D 164 -9.43 -17.15 2.73
CA ARG D 164 -9.57 -17.34 1.29
C ARG D 164 -10.94 -17.92 0.94
N LEU D 165 -11.39 -18.92 1.71
CA LEU D 165 -12.72 -19.48 1.46
C LEU D 165 -13.83 -18.45 1.61
N VAL D 166 -13.88 -17.75 2.76
CA VAL D 166 -15.00 -16.81 2.98
C VAL D 166 -14.96 -15.64 2.01
N SER D 167 -13.80 -15.30 1.48
CA SER D 167 -13.68 -14.19 0.56
C SER D 167 -13.91 -14.59 -0.89
N SER D 168 -14.25 -15.86 -1.15
CA SER D 168 -14.45 -16.30 -2.53
C SER D 168 -15.84 -15.96 -3.05
N THR D 169 -16.77 -15.58 -2.17
CA THR D 169 -18.05 -15.01 -2.57
C THR D 169 -17.85 -13.69 -3.30
N GLN D 178 -24.26 -16.03 -0.18
CA GLN D 178 -23.48 -15.57 0.96
C GLN D 178 -22.71 -16.74 1.63
N THR D 179 -21.39 -16.62 1.66
CA THR D 179 -20.51 -17.74 2.02
C THR D 179 -20.32 -17.81 3.54
N ARG D 180 -20.60 -18.97 4.11
CA ARG D 180 -20.31 -19.25 5.51
C ARG D 180 -19.41 -20.47 5.64
N VAL D 181 -18.51 -20.45 6.63
CA VAL D 181 -17.57 -21.55 6.88
C VAL D 181 -17.78 -22.05 8.29
N LEU D 182 -17.90 -23.38 8.45
CA LEU D 182 -17.89 -24.01 9.76
C LEU D 182 -16.50 -24.60 10.03
N TYR D 183 -15.88 -24.18 11.13
CA TYR D 183 -14.57 -24.66 11.54
C TYR D 183 -14.72 -25.58 12.75
N VAL D 184 -14.14 -26.77 12.65
CA VAL D 184 -14.26 -27.80 13.69
C VAL D 184 -12.85 -28.20 14.11
N ASP D 185 -12.58 -28.14 15.42
CA ASP D 185 -11.24 -28.29 15.97
C ASP D 185 -11.25 -29.48 16.92
N LEU D 186 -10.70 -30.61 16.46
CA LEU D 186 -10.71 -31.87 17.20
C LEU D 186 -9.45 -32.08 18.06
N ASP D 187 -8.53 -31.12 18.07
CA ASP D 187 -7.28 -31.21 18.82
C ASP D 187 -7.53 -31.33 20.33
N LEU D 188 -6.56 -31.93 21.04
CA LEU D 188 -6.62 -31.96 22.51
C LEU D 188 -6.75 -30.57 23.11
N HIS D 189 -6.09 -29.57 22.50
CA HIS D 189 -6.01 -28.20 22.99
C HIS D 189 -7.04 -27.30 22.31
N HIS D 190 -7.45 -26.25 23.05
CA HIS D 190 -8.38 -25.25 22.51
C HIS D 190 -7.81 -24.53 21.27
N GLY D 191 -8.61 -24.46 20.21
CA GLY D 191 -8.21 -23.71 19.03
C GLY D 191 -8.33 -22.20 19.19
N ASP D 192 -7.44 -21.60 20.01
CA ASP D 192 -7.64 -20.18 20.39
C ASP D 192 -7.29 -19.20 19.27
N GLY D 193 -6.23 -19.45 18.50
CA GLY D 193 -5.85 -18.48 17.49
C GLY D 193 -6.90 -18.34 16.39
N VAL D 194 -7.49 -19.46 15.97
CA VAL D 194 -8.55 -19.39 14.97
C VAL D 194 -9.79 -18.72 15.56
N GLU D 195 -10.18 -19.12 16.77
CA GLU D 195 -11.36 -18.51 17.42
C GLU D 195 -11.20 -17.01 17.55
N GLU D 196 -10.00 -16.55 17.92
CA GLU D 196 -9.77 -15.12 18.12
C GLU D 196 -9.79 -14.36 16.80
N ALA D 197 -9.24 -14.96 15.74
CA ALA D 197 -9.19 -14.28 14.44
C ALA D 197 -10.59 -13.94 13.94
N PHE D 198 -11.58 -14.80 14.21
CA PHE D 198 -12.94 -14.61 13.71
C PHE D 198 -13.93 -14.25 14.80
N TRP D 199 -13.44 -13.71 15.93
CA TRP D 199 -14.27 -13.39 17.09
C TRP D 199 -15.43 -12.45 16.77
N TYR D 200 -15.23 -11.50 15.85
CA TYR D 200 -16.26 -10.53 15.47
C TYR D 200 -16.95 -10.88 14.15
N SER D 201 -16.68 -12.06 13.59
CA SER D 201 -17.17 -12.43 12.27
CA SER D 201 -17.18 -12.42 12.27
C SER D 201 -18.26 -13.49 12.38
N PRO D 202 -19.51 -13.18 12.03
CA PRO D 202 -20.55 -14.22 12.07
C PRO D 202 -20.46 -15.24 10.95
N ARG D 203 -19.77 -14.95 9.85
CA ARG D 203 -19.76 -15.88 8.73
C ARG D 203 -18.76 -17.03 8.91
N VAL D 204 -17.90 -16.97 9.91
CA VAL D 204 -17.01 -18.08 10.25
C VAL D 204 -17.41 -18.54 11.65
N VAL D 205 -18.12 -19.66 11.74
CA VAL D 205 -18.48 -20.23 13.05
C VAL D 205 -17.40 -21.21 13.45
N THR D 206 -16.82 -21.03 14.64
CA THR D 206 -15.76 -21.89 15.14
C THR D 206 -16.32 -22.79 16.25
N PHE D 207 -15.88 -24.05 16.27
CA PHE D 207 -16.30 -25.01 17.29
C PHE D 207 -15.08 -25.87 17.65
N SER D 208 -14.64 -25.76 18.90
CA SER D 208 -13.48 -26.51 19.41
C SER D 208 -13.93 -27.42 20.55
N VAL D 209 -13.51 -28.68 20.49
CA VAL D 209 -13.66 -29.61 21.61
C VAL D 209 -12.25 -29.93 22.10
N HIS D 210 -12.05 -29.95 23.42
CA HIS D 210 -10.71 -29.97 23.98
C HIS D 210 -10.74 -30.30 25.46
N HIS D 211 -9.58 -30.62 26.01
CA HIS D 211 -9.42 -30.63 27.45
C HIS D 211 -9.17 -29.22 27.95
N ALA D 212 -9.75 -28.89 29.10
CA ALA D 212 -9.43 -27.67 29.83
C ALA D 212 -9.36 -28.01 31.32
N SER D 213 -8.37 -27.45 32.00
CA SER D 213 -8.23 -27.61 33.45
C SER D 213 -7.25 -26.55 33.94
N PRO D 214 -7.23 -26.25 35.25
CA PRO D 214 -6.41 -25.13 35.72
C PRO D 214 -4.93 -25.35 35.41
N GLY D 215 -4.35 -24.39 34.67
CA GLY D 215 -2.95 -24.45 34.29
C GLY D 215 -2.66 -25.17 32.97
N PHE D 216 -3.66 -25.79 32.35
CA PHE D 216 -3.44 -26.54 31.11
C PHE D 216 -3.47 -25.60 29.91
N PHE D 217 -2.51 -25.79 28.98
CA PHE D 217 -2.34 -24.91 27.80
C PHE D 217 -3.55 -24.97 26.85
N PRO D 218 -3.99 -23.81 26.29
CA PRO D 218 -3.53 -22.42 26.51
C PRO D 218 -4.34 -21.67 27.56
N GLY D 219 -5.35 -22.32 28.11
CA GLY D 219 -6.12 -21.77 29.20
C GLY D 219 -7.51 -21.28 28.83
N THR D 220 -7.82 -21.15 27.55
CA THR D 220 -9.11 -20.61 27.11
C THR D 220 -10.06 -21.74 26.69
N GLY D 221 -11.22 -21.36 26.15
CA GLY D 221 -12.22 -22.33 25.74
C GLY D 221 -13.04 -22.90 26.86
N THR D 222 -13.14 -22.19 27.99
CA THR D 222 -13.86 -22.70 29.14
C THR D 222 -14.40 -21.52 29.94
N TRP D 223 -15.03 -21.83 31.08
CA TRP D 223 -15.57 -20.80 31.96
C TRP D 223 -14.54 -19.72 32.20
N ASN D 224 -14.97 -18.47 32.05
CA ASN D 224 -14.06 -17.34 32.00
C ASN D 224 -14.30 -16.45 33.21
N MET D 225 -13.21 -15.98 33.80
CA MET D 225 -13.29 -15.25 35.05
C MET D 225 -13.00 -13.77 34.84
N PRO D 232 -18.24 -16.35 36.93
CA PRO D 232 -17.67 -16.74 35.63
C PRO D 232 -18.71 -17.22 34.61
N ILE D 233 -18.50 -16.89 33.34
CA ILE D 233 -19.42 -17.27 32.27
C ILE D 233 -18.62 -17.65 31.03
N PHE D 234 -19.33 -18.22 30.06
CA PHE D 234 -18.74 -18.58 28.77
C PHE D 234 -18.88 -17.42 27.80
N LEU D 235 -17.76 -16.86 27.35
CA LEU D 235 -17.75 -15.89 26.26
C LEU D 235 -17.88 -16.62 24.94
N ASN D 236 -18.39 -15.92 23.91
CA ASN D 236 -18.76 -16.65 22.69
C ASN D 236 -18.72 -15.78 21.43
N GLY D 237 -17.90 -14.75 21.41
CA GLY D 237 -17.82 -13.80 20.31
C GLY D 237 -18.37 -12.44 20.70
N ALA D 238 -18.18 -11.47 19.81
CA ALA D 238 -18.53 -10.10 20.17
C ALA D 238 -18.93 -9.31 18.94
N GLY D 239 -19.59 -8.17 19.19
CA GLY D 239 -20.12 -7.37 18.10
C GLY D 239 -21.10 -8.19 17.28
N ARG D 240 -20.99 -8.11 15.96
CA ARG D 240 -21.85 -8.91 15.11
C ARG D 240 -21.47 -10.39 15.13
N GLY D 241 -20.35 -10.76 15.74
CA GLY D 241 -19.98 -12.13 15.97
C GLY D 241 -20.45 -12.74 17.29
N ARG D 242 -21.34 -12.07 18.03
CA ARG D 242 -21.88 -12.65 19.25
C ARG D 242 -22.49 -14.02 18.95
N PHE D 243 -22.25 -14.97 19.86
CA PHE D 243 -22.76 -16.34 19.81
C PHE D 243 -22.14 -17.20 18.71
N SER D 244 -21.10 -16.74 18.00
CA SER D 244 -20.56 -17.47 16.85
C SER D 244 -19.29 -18.28 17.15
N ALA D 245 -18.82 -18.28 18.39
CA ALA D 245 -17.67 -19.09 18.81
C ALA D 245 -18.12 -20.09 19.87
N PHE D 246 -18.03 -21.39 19.55
CA PHE D 246 -18.55 -22.49 20.35
C PHE D 246 -17.40 -23.30 20.95
N ASN D 247 -17.59 -23.79 22.18
CA ASN D 247 -16.57 -24.55 22.89
C ASN D 247 -17.21 -25.66 23.71
N LEU D 248 -16.55 -26.83 23.75
CA LEU D 248 -16.90 -27.94 24.64
C LEU D 248 -15.66 -28.41 25.38
N PRO D 249 -15.44 -27.94 26.61
CA PRO D 249 -14.34 -28.47 27.42
C PRO D 249 -14.76 -29.75 28.13
N LEU D 250 -13.82 -30.69 28.25
CA LEU D 250 -14.07 -32.03 28.76
C LEU D 250 -13.01 -32.41 29.80
N GLU D 251 -13.41 -33.21 30.78
CA GLU D 251 -12.47 -33.73 31.78
C GLU D 251 -11.60 -34.82 31.18
N GLU D 252 -10.43 -35.02 31.79
CA GLU D 252 -9.51 -36.06 31.31
C GLU D 252 -10.15 -37.44 31.42
N GLY D 253 -9.66 -38.35 30.58
CA GLY D 253 -10.02 -39.75 30.62
C GLY D 253 -11.10 -40.19 29.64
N ILE D 254 -11.63 -39.29 28.84
CA ILE D 254 -12.80 -39.63 28.02
C ILE D 254 -12.41 -40.61 26.92
N ASN D 255 -13.30 -41.58 26.64
CA ASN D 255 -13.06 -42.63 25.65
C ASN D 255 -13.80 -42.33 24.34
N ASP D 256 -13.67 -43.25 23.37
CA ASP D 256 -14.26 -43.07 22.05
C ASP D 256 -15.77 -42.82 22.11
N LEU D 257 -16.51 -43.69 22.81
CA LEU D 257 -17.97 -43.60 22.79
C LEU D 257 -18.48 -42.32 23.45
N ASP D 258 -17.95 -41.99 24.63
CA ASP D 258 -18.40 -40.80 25.33
C ASP D 258 -17.99 -39.51 24.59
N TRP D 259 -16.79 -39.49 24.02
CA TRP D 259 -16.40 -38.31 23.23
C TRP D 259 -17.23 -38.20 21.96
N SER D 260 -17.64 -39.33 21.37
CA SER D 260 -18.49 -39.29 20.17
C SER D 260 -19.90 -38.82 20.50
N ASN D 261 -20.50 -39.34 21.57
CA ASN D 261 -21.83 -38.91 21.99
C ASN D 261 -21.84 -37.45 22.42
N ALA D 262 -20.72 -36.95 22.93
CA ALA D 262 -20.63 -35.56 23.35
C ALA D 262 -20.59 -34.58 22.18
N ILE D 263 -19.97 -34.95 21.06
CA ILE D 263 -19.75 -33.99 19.98
C ILE D 263 -20.75 -34.18 18.85
N GLY D 264 -21.28 -35.40 18.71
CA GLY D 264 -22.12 -35.77 17.59
C GLY D 264 -23.32 -34.88 17.35
N PRO D 265 -24.18 -34.72 18.36
CA PRO D 265 -25.36 -33.87 18.17
C PRO D 265 -25.02 -32.40 17.98
N ILE D 266 -23.92 -31.92 18.59
CA ILE D 266 -23.46 -30.56 18.34
C ILE D 266 -23.15 -30.37 16.86
N LEU D 267 -22.34 -31.28 16.28
CA LEU D 267 -21.98 -31.20 14.87
C LEU D 267 -23.22 -31.18 13.99
N ASP D 268 -24.15 -32.11 14.22
CA ASP D 268 -25.36 -32.17 13.41
C ASP D 268 -26.16 -30.88 13.52
N SER D 269 -26.29 -30.34 14.74
CA SER D 269 -27.06 -29.10 14.91
CA SER D 269 -27.07 -29.11 14.89
C SER D 269 -26.41 -27.93 14.18
N LEU D 270 -25.08 -27.83 14.27
CA LEU D 270 -24.37 -26.73 13.61
C LEU D 270 -24.59 -26.77 12.10
N ASN D 271 -24.50 -27.95 11.51
CA ASN D 271 -24.66 -28.05 10.06
C ASN D 271 -26.09 -27.73 9.63
N ILE D 272 -27.08 -28.20 10.40
CA ILE D 272 -28.47 -27.92 10.10
C ILE D 272 -28.74 -26.42 10.13
N VAL D 273 -28.24 -25.74 11.16
CA VAL D 273 -28.58 -24.33 11.36
C VAL D 273 -27.70 -23.42 10.50
N ILE D 274 -26.37 -23.65 10.48
CA ILE D 274 -25.46 -22.76 9.76
C ILE D 274 -25.59 -22.94 8.25
N GLN D 275 -25.80 -24.17 7.79
CA GLN D 275 -25.72 -24.54 6.38
C GLN D 275 -24.45 -24.03 5.71
N PRO D 276 -23.27 -24.48 6.15
CA PRO D 276 -22.02 -23.88 5.67
C PRO D 276 -21.73 -24.18 4.21
N SER D 277 -21.03 -23.25 3.56
CA SER D 277 -20.53 -23.45 2.19
C SER D 277 -19.28 -24.30 2.14
N TYR D 278 -18.49 -24.28 3.23
CA TYR D 278 -17.28 -25.09 3.40
C TYR D 278 -17.16 -25.48 4.86
N VAL D 279 -16.54 -26.65 5.10
CA VAL D 279 -16.15 -27.08 6.43
C VAL D 279 -14.63 -27.21 6.46
N VAL D 280 -14.00 -26.74 7.53
CA VAL D 280 -12.57 -26.93 7.74
C VAL D 280 -12.40 -27.67 9.07
N VAL D 281 -11.71 -28.81 9.06
CA VAL D 281 -11.51 -29.63 10.25
C VAL D 281 -10.02 -29.71 10.58
N GLN D 282 -9.69 -29.42 11.83
CA GLN D 282 -8.36 -29.65 12.37
C GLN D 282 -8.41 -30.97 13.13
N CYS D 283 -7.49 -31.88 12.81
CA CYS D 283 -7.57 -33.27 13.25
CA CYS D 283 -7.55 -33.28 13.23
C CYS D 283 -6.33 -33.66 14.07
N GLY D 284 -5.83 -32.75 14.91
CA GLY D 284 -4.72 -33.08 15.77
C GLY D 284 -4.94 -34.38 16.54
N ALA D 285 -3.91 -35.22 16.57
CA ALA D 285 -3.98 -36.58 17.07
C ALA D 285 -3.60 -36.70 18.53
N ASP D 286 -3.42 -35.56 19.21
CA ASP D 286 -2.98 -35.68 20.59
C ASP D 286 -4.08 -36.12 21.55
N CYS D 287 -5.31 -36.40 21.08
CA CYS D 287 -6.30 -37.06 21.93
C CYS D 287 -6.13 -38.57 22.00
N LEU D 288 -5.26 -39.17 21.19
CA LEU D 288 -5.09 -40.62 21.25
C LEU D 288 -4.64 -41.06 22.65
N ALA D 289 -5.15 -42.21 23.10
CA ALA D 289 -4.76 -42.72 24.42
C ALA D 289 -3.26 -42.92 24.56
N THR D 290 -2.56 -43.10 23.45
CA THR D 290 -1.13 -43.38 23.42
C THR D 290 -0.28 -42.14 23.17
N ASP D 291 -0.90 -40.98 22.99
CA ASP D 291 -0.14 -39.74 22.97
C ASP D 291 0.61 -39.57 24.29
N PRO D 292 1.83 -39.03 24.28
CA PRO D 292 2.53 -38.79 25.56
C PRO D 292 1.83 -37.81 26.50
N HIS D 293 0.86 -37.01 26.02
CA HIS D 293 0.07 -36.21 26.96
C HIS D 293 -0.72 -37.10 27.94
N ARG D 294 -1.23 -38.23 27.46
CA ARG D 294 -2.04 -39.18 28.23
C ARG D 294 -3.16 -38.46 29.00
N ILE D 295 -4.03 -37.79 28.24
CA ILE D 295 -5.17 -37.07 28.80
C ILE D 295 -6.50 -37.70 28.37
N PHE D 296 -6.76 -37.78 27.06
CA PHE D 296 -7.93 -38.50 26.55
C PHE D 296 -7.54 -39.93 26.18
N ARG D 297 -8.57 -40.76 25.92
CA ARG D 297 -8.39 -42.18 25.59
C ARG D 297 -9.03 -42.56 24.26
N LEU D 298 -8.86 -41.70 23.25
CA LEU D 298 -9.36 -42.02 21.92
C LEU D 298 -8.42 -42.99 21.19
N THR D 299 -8.96 -43.66 20.18
CA THR D 299 -8.22 -44.67 19.43
C THR D 299 -8.29 -44.34 17.95
N ASN D 300 -7.70 -45.23 17.14
CA ASN D 300 -7.93 -45.26 15.70
C ASN D 300 -8.69 -46.52 15.26
N PHE D 301 -9.45 -47.14 16.16
CA PHE D 301 -10.09 -48.43 15.86
C PHE D 301 -11.22 -48.28 14.85
N TYR D 302 -11.30 -49.24 13.93
CA TYR D 302 -12.31 -49.22 12.86
C TYR D 302 -12.90 -50.61 12.75
N PRO D 303 -14.00 -50.88 13.46
CA PRO D 303 -14.65 -52.20 13.51
C PRO D 303 -14.96 -52.79 12.12
N SER D 316 -15.19 -50.84 19.67
CA SER D 316 -15.45 -49.41 19.72
C SER D 316 -14.89 -48.70 18.49
N LEU D 317 -15.62 -47.69 18.00
CA LEU D 317 -15.24 -46.93 16.81
C LEU D 317 -14.51 -45.65 17.22
N SER D 318 -13.37 -45.40 16.59
CA SER D 318 -12.56 -44.21 16.85
C SER D 318 -13.42 -42.94 16.85
N GLY D 319 -13.30 -42.16 17.92
CA GLY D 319 -13.97 -40.87 17.96
C GLY D 319 -13.64 -39.99 16.77
N TYR D 320 -12.37 -39.99 16.37
CA TYR D 320 -11.94 -39.27 15.18
C TYR D 320 -12.66 -39.73 13.92
N LEU D 321 -12.79 -41.06 13.75
CA LEU D 321 -13.38 -41.55 12.50
C LEU D 321 -14.89 -41.36 12.48
N TYR D 322 -15.54 -41.55 13.63
CA TYR D 322 -16.93 -41.15 13.81
C TYR D 322 -17.17 -39.70 13.35
N ALA D 323 -16.36 -38.77 13.86
CA ALA D 323 -16.55 -37.35 13.56
C ALA D 323 -16.35 -37.04 12.07
N ILE D 324 -15.28 -37.58 11.48
CA ILE D 324 -14.99 -37.29 10.07
C ILE D 324 -16.06 -37.89 9.18
N LYS D 325 -16.50 -39.12 9.48
CA LYS D 325 -17.58 -39.74 8.71
C LYS D 325 -18.85 -38.88 8.76
N LYS D 326 -19.21 -38.41 9.97
CA LYS D 326 -20.40 -37.57 10.09
C LYS D 326 -20.26 -36.28 9.28
N ILE D 327 -19.11 -35.62 9.39
CA ILE D 327 -18.91 -34.35 8.70
C ILE D 327 -19.01 -34.54 7.20
N LEU D 328 -18.31 -35.56 6.67
CA LEU D 328 -18.34 -35.86 5.24
C LEU D 328 -19.72 -36.30 4.76
N SER D 329 -20.56 -36.85 5.64
CA SER D 329 -21.93 -37.21 5.25
C SER D 329 -22.74 -36.00 4.79
N TRP D 330 -22.31 -34.79 5.15
CA TRP D 330 -23.04 -33.58 4.78
C TRP D 330 -22.84 -33.20 3.32
N LYS D 331 -21.85 -33.77 2.63
CA LYS D 331 -21.58 -33.47 1.23
C LYS D 331 -21.29 -31.99 1.03
N VAL D 332 -20.59 -31.38 1.97
CA VAL D 332 -20.10 -30.01 1.90
C VAL D 332 -18.61 -30.05 1.56
N PRO D 333 -18.12 -29.23 0.63
CA PRO D 333 -16.67 -29.18 0.38
C PRO D 333 -15.89 -28.93 1.67
N THR D 334 -14.85 -29.75 1.90
CA THR D 334 -14.22 -29.85 3.21
C THR D 334 -12.71 -29.89 3.11
N LEU D 335 -12.06 -29.20 4.04
CA LEU D 335 -10.61 -29.17 4.21
C LEU D 335 -10.27 -29.92 5.49
N ILE D 336 -9.44 -30.96 5.40
CA ILE D 336 -8.99 -31.72 6.56
C ILE D 336 -7.51 -31.43 6.80
N LEU D 337 -7.20 -30.92 8.00
CA LEU D 337 -5.85 -30.51 8.37
C LEU D 337 -5.34 -31.36 9.53
N GLY D 338 -4.02 -31.37 9.70
CA GLY D 338 -3.37 -32.03 10.81
C GLY D 338 -3.35 -31.19 12.08
N GLY D 339 -2.22 -31.18 12.78
CA GLY D 339 -2.10 -30.45 14.04
C GLY D 339 -1.18 -31.19 15.01
N GLY D 340 -1.56 -31.19 16.27
CA GLY D 340 -0.82 -31.90 17.29
C GLY D 340 -0.81 -33.40 17.05
N GLY D 341 0.02 -34.08 17.85
CA GLY D 341 0.20 -35.51 17.78
C GLY D 341 1.67 -35.87 17.97
N TYR D 342 2.04 -36.35 19.16
CA TYR D 342 3.44 -36.46 19.53
C TYR D 342 3.90 -37.89 19.72
N ASN D 343 3.02 -38.86 19.43
CA ASN D 343 3.41 -40.24 19.14
C ASN D 343 3.34 -40.32 17.63
N PHE D 344 4.51 -40.29 16.97
CA PHE D 344 4.52 -40.15 15.52
C PHE D 344 3.99 -41.39 14.81
N PRO D 345 4.41 -42.60 15.16
CA PRO D 345 3.83 -43.78 14.49
C PRO D 345 2.32 -43.89 14.66
N ASP D 346 1.80 -43.63 15.87
CA ASP D 346 0.35 -43.73 16.10
C ASP D 346 -0.40 -42.59 15.43
N THR D 347 0.23 -41.42 15.30
CA THR D 347 -0.36 -40.34 14.50
C THR D 347 -0.48 -40.76 13.04
N ALA D 348 0.56 -41.40 12.49
CA ALA D 348 0.49 -41.91 11.13
C ALA D 348 -0.60 -42.98 10.99
N ARG D 349 -0.74 -43.85 12.00
CA ARG D 349 -1.78 -44.87 12.01
C ARG D 349 -3.19 -44.25 11.99
N LEU D 350 -3.40 -43.18 12.77
CA LEU D 350 -4.71 -42.52 12.74
C LEU D 350 -4.93 -41.84 11.40
N TRP D 351 -3.98 -41.01 10.95
CA TRP D 351 -4.23 -40.21 9.76
C TRP D 351 -4.29 -41.07 8.49
N THR D 352 -3.65 -42.25 8.49
CA THR D 352 -3.81 -43.16 7.36
C THR D 352 -5.26 -43.67 7.29
N ARG D 353 -5.85 -44.02 8.43
CA ARG D 353 -7.25 -44.44 8.43
C ARG D 353 -8.20 -43.28 8.10
N VAL D 354 -7.92 -42.06 8.59
CA VAL D 354 -8.75 -40.93 8.18
C VAL D 354 -8.70 -40.75 6.66
N THR D 355 -7.51 -40.89 6.07
CA THR D 355 -7.35 -40.73 4.63
C THR D 355 -8.10 -41.81 3.86
N ALA D 356 -8.03 -43.06 4.34
CA ALA D 356 -8.80 -44.14 3.73
C ALA D 356 -10.30 -43.88 3.83
N LEU D 357 -10.76 -43.45 5.01
CA LEU D 357 -12.19 -43.19 5.20
C LEU D 357 -12.69 -42.11 4.26
N THR D 358 -11.90 -41.05 4.08
CA THR D 358 -12.31 -39.96 3.19
C THR D 358 -12.50 -40.45 1.76
N ILE D 359 -11.55 -41.25 1.26
CA ILE D 359 -11.69 -41.84 -0.08
C ILE D 359 -13.01 -42.63 -0.18
N GLU D 360 -13.27 -43.53 0.77
CA GLU D 360 -14.49 -44.32 0.78
C GLU D 360 -15.75 -43.45 0.70
N GLU D 361 -15.83 -42.43 1.56
CA GLU D 361 -17.05 -41.64 1.66
C GLU D 361 -17.25 -40.75 0.44
N VAL D 362 -16.16 -40.22 -0.14
CA VAL D 362 -16.31 -39.25 -1.22
C VAL D 362 -16.47 -39.97 -2.56
N LYS D 363 -15.62 -40.95 -2.83
CA LYS D 363 -15.65 -41.68 -4.09
C LYS D 363 -16.64 -42.85 -4.10
N GLY D 364 -17.09 -43.30 -2.93
CA GLY D 364 -17.99 -44.44 -2.91
C GLY D 364 -17.28 -45.75 -3.21
N LYS D 365 -16.00 -45.83 -2.86
CA LYS D 365 -15.09 -46.85 -3.35
C LYS D 365 -14.45 -47.53 -2.16
N LYS D 366 -14.76 -48.80 -1.94
CA LYS D 366 -14.33 -49.50 -0.73
C LYS D 366 -12.82 -49.52 -0.63
N MET D 367 -12.30 -49.24 0.57
CA MET D 367 -10.86 -49.29 0.85
C MET D 367 -10.59 -50.42 1.84
N THR D 368 -9.75 -51.37 1.45
CA THR D 368 -9.43 -52.55 2.27
C THR D 368 -7.98 -52.45 2.72
N ILE D 369 -7.79 -52.07 3.98
CA ILE D 369 -6.47 -51.88 4.55
C ILE D 369 -6.11 -53.13 5.35
N SER D 370 -4.93 -53.69 5.09
CA SER D 370 -4.45 -54.83 5.86
C SER D 370 -4.23 -54.45 7.31
N PRO D 371 -4.68 -55.27 8.27
CA PRO D 371 -4.41 -54.97 9.69
C PRO D 371 -2.93 -55.01 10.06
N GLU D 372 -2.06 -55.41 9.14
CA GLU D 372 -0.61 -55.47 9.38
C GLU D 372 0.09 -54.34 8.61
N ILE D 373 1.01 -53.64 9.27
CA ILE D 373 1.79 -52.58 8.64
C ILE D 373 2.57 -53.16 7.45
N PRO D 374 2.42 -52.62 6.24
CA PRO D 374 3.23 -53.11 5.12
C PRO D 374 4.68 -52.72 5.25
N GLU D 375 5.57 -53.58 4.73
CA GLU D 375 6.99 -53.26 4.63
C GLU D 375 7.21 -51.97 3.85
N HIS D 376 8.07 -51.11 4.38
CA HIS D 376 8.40 -49.81 3.78
C HIS D 376 9.54 -49.22 4.60
N SER D 377 10.01 -48.04 4.18
CA SER D 377 11.23 -47.47 4.78
C SER D 377 11.12 -47.30 6.28
N TYR D 378 9.93 -46.96 6.80
CA TYR D 378 9.75 -46.70 8.22
C TYR D 378 9.09 -47.86 8.96
N PHE D 379 9.08 -49.06 8.35
CA PHE D 379 8.47 -50.24 8.96
C PHE D 379 8.94 -50.45 10.39
N SER D 380 10.23 -50.22 10.65
CA SER D 380 10.80 -50.55 11.95
C SER D 380 10.28 -49.65 13.07
N ARG D 381 9.73 -48.47 12.75
CA ARG D 381 9.19 -47.58 13.76
C ARG D 381 7.85 -48.05 14.32
N TYR D 382 7.23 -49.06 13.72
CA TYR D 382 5.94 -49.54 14.15
C TYR D 382 6.04 -50.81 14.98
N GLY D 383 7.25 -51.17 15.41
CA GLY D 383 7.45 -52.30 16.28
C GLY D 383 6.93 -52.04 17.68
N PRO D 384 6.88 -53.08 18.52
CA PRO D 384 7.30 -54.42 18.08
C PRO D 384 6.17 -55.29 17.53
N ASP D 385 4.92 -54.81 17.50
CA ASP D 385 3.81 -55.64 17.05
C ASP D 385 3.35 -55.36 15.62
N PHE D 386 3.63 -54.17 15.07
CA PHE D 386 3.50 -53.91 13.64
C PHE D 386 2.06 -54.04 13.14
N GLU D 387 1.11 -53.65 13.97
CA GLU D 387 -0.30 -53.63 13.62
C GLU D 387 -0.74 -52.20 13.32
N LEU D 388 -1.88 -52.09 12.61
CA LEU D 388 -2.45 -50.79 12.29
C LEU D 388 -3.22 -50.21 13.47
N ASP D 389 -3.96 -51.05 14.21
CA ASP D 389 -4.53 -50.62 15.48
C ASP D 389 -3.43 -50.13 16.41
N ILE D 390 -3.72 -49.06 17.17
CA ILE D 390 -2.76 -48.63 18.19
C ILE D 390 -2.76 -49.63 19.35
N ASP D 391 -1.68 -49.62 20.13
CA ASP D 391 -1.48 -50.60 21.19
C ASP D 391 -2.14 -50.08 22.47
N TYR D 392 -3.44 -50.32 22.58
CA TYR D 392 -4.18 -49.82 23.73
C TYR D 392 -5.38 -50.70 24.02
N PHE D 393 -5.62 -50.93 25.33
CA PHE D 393 -6.70 -51.76 25.85
C PHE D 393 -7.86 -50.87 26.30
N PRO D 394 -8.90 -50.68 25.45
CA PRO D 394 -9.99 -49.75 25.76
C PRO D 394 -10.99 -50.28 26.79
N ASP D 403 -23.47 -35.88 32.87
CA ASP D 403 -24.18 -34.83 33.59
C ASP D 403 -23.62 -33.44 33.28
N SER D 404 -22.30 -33.28 33.39
CA SER D 404 -21.69 -32.04 32.94
C SER D 404 -21.81 -31.88 31.44
N ILE D 405 -21.83 -32.99 30.70
CA ILE D 405 -21.97 -32.92 29.25
C ILE D 405 -23.39 -32.51 28.86
N GLN D 406 -24.38 -32.99 29.61
CA GLN D 406 -25.76 -32.59 29.33
C GLN D 406 -25.97 -31.10 29.61
N LYS D 407 -25.37 -30.57 30.68
CA LYS D 407 -25.42 -29.14 30.91
C LYS D 407 -24.78 -28.37 29.75
N HIS D 408 -23.62 -28.84 29.25
CA HIS D 408 -22.97 -28.18 28.12
C HIS D 408 -23.84 -28.20 26.87
N HIS D 409 -24.54 -29.33 26.64
CA HIS D 409 -25.44 -29.42 25.48
C HIS D 409 -26.57 -28.40 25.56
N ARG D 410 -27.20 -28.28 26.73
CA ARG D 410 -28.24 -27.26 26.90
C ARG D 410 -27.68 -25.86 26.68
N ARG D 411 -26.48 -25.58 27.17
CA ARG D 411 -25.90 -24.26 26.99
C ARG D 411 -25.61 -23.99 25.52
N ILE D 412 -25.07 -24.99 24.81
CA ILE D 412 -24.72 -24.86 23.40
C ILE D 412 -25.98 -24.72 22.53
N LEU D 413 -27.03 -25.51 22.81
CA LEU D 413 -28.31 -25.34 22.12
C LEU D 413 -28.83 -23.91 22.22
N GLU D 414 -28.81 -23.37 23.44
CA GLU D 414 -29.29 -22.01 23.65
C GLU D 414 -28.43 -21.00 22.89
N GLN D 415 -27.11 -21.20 22.88
CA GLN D 415 -26.23 -20.32 22.11
C GLN D 415 -26.53 -20.39 20.61
N LEU D 416 -26.77 -21.60 20.10
CA LEU D 416 -27.07 -21.76 18.67
C LEU D 416 -28.40 -21.08 18.30
N ARG D 417 -29.41 -21.22 19.15
CA ARG D 417 -30.66 -20.50 18.93
C ARG D 417 -30.45 -18.99 18.97
N ASN D 418 -29.65 -18.50 19.93
CA ASN D 418 -29.28 -17.08 19.96
C ASN D 418 -28.57 -16.66 18.68
N TYR D 419 -27.64 -17.50 18.20
CA TYR D 419 -26.90 -17.19 16.97
C TYR D 419 -27.84 -17.11 15.77
N ALA D 420 -28.78 -18.04 15.67
CA ALA D 420 -29.71 -18.06 14.55
C ALA D 420 -30.63 -16.85 14.58
N ASP D 421 -31.12 -16.48 15.77
CA ASP D 421 -31.97 -15.31 15.89
C ASP D 421 -31.24 -14.05 15.45
N LEU D 422 -30.05 -13.84 16.01
CA LEU D 422 -29.27 -12.64 15.68
C LEU D 422 -28.95 -12.55 14.19
N ASN D 423 -28.74 -13.68 13.54
CA ASN D 423 -28.40 -13.70 12.12
C ASN D 423 -29.59 -14.01 11.22
N LYS D 424 -30.80 -14.08 11.78
CA LYS D 424 -32.03 -14.26 11.02
C LYS D 424 -31.96 -15.47 10.10
N LEU D 425 -31.43 -16.58 10.63
CA LEU D 425 -31.40 -17.83 9.89
C LEU D 425 -32.64 -18.65 10.21
N ILE D 426 -33.20 -19.29 9.20
CA ILE D 426 -34.44 -20.06 9.34
C ILE D 426 -34.10 -21.48 9.73
N TYR D 427 -34.74 -21.99 10.77
CA TYR D 427 -34.45 -23.34 11.26
C TYR D 427 -35.61 -23.81 12.14
N ASP D 428 -35.80 -25.12 12.21
CA ASP D 428 -36.85 -25.72 13.02
C ASP D 428 -36.29 -26.07 14.40
N TYR D 429 -36.83 -25.43 15.43
CA TYR D 429 -36.26 -25.58 16.77
C TYR D 429 -36.41 -26.99 17.32
N ASP D 430 -37.47 -27.70 16.96
CA ASP D 430 -37.69 -29.01 17.53
C ASP D 430 -36.93 -30.12 16.82
N GLN D 431 -36.69 -29.98 15.51
CA GLN D 431 -35.80 -30.92 14.83
C GLN D 431 -34.40 -30.88 15.39
N VAL D 432 -33.91 -29.68 15.72
CA VAL D 432 -32.58 -29.54 16.29
C VAL D 432 -32.58 -29.98 17.75
N TYR D 433 -33.60 -29.59 18.51
CA TYR D 433 -33.70 -30.00 19.91
C TYR D 433 -33.64 -31.51 20.04
N GLN D 434 -34.29 -32.23 19.12
CA GLN D 434 -34.37 -33.69 19.21
C GLN D 434 -33.03 -34.37 18.93
N LEU D 435 -32.11 -33.71 18.24
CA LEU D 435 -30.78 -34.30 18.01
C LEU D 435 -30.10 -34.66 19.32
N TYR D 436 -30.36 -33.92 20.39
CA TYR D 436 -29.69 -34.16 21.66
C TYR D 436 -30.48 -35.09 22.57
#